data_6ZQZ
#
_entry.id   6ZQZ
#
_cell.length_a   55.960
_cell.length_b   73.460
_cell.length_c   92.230
_cell.angle_alpha   109.160
_cell.angle_beta   91.370
_cell.angle_gamma   91.260
#
_symmetry.space_group_name_H-M   'P 1'
#
loop_
_entity.id
_entity.type
_entity.pdbx_description
1 polymer "cGMP-dependent 3',5'-cyclic phosphodiesterase"
2 non-polymer 'ZINC ION'
3 non-polymer 'MAGNESIUM ION'
4 non-polymer 5-[bis(fluoranyl)methyl]-7-[(3~{S})-1-[(2-chloranyl-6-methyl-pyridin-4-yl)methyl]piperidin-3-yl]-[1,2,4]triazolo[1,5-a]pyrimidine
5 water water
#
_entity_poly.entity_id   1
_entity_poly.type   'polypeptide(L)'
_entity_poly.pdbx_seq_one_letter_code
;MGSDDEYTKLLHDGIQPVAAIDSNFASFTYTPRSLPEDDTSMAILSMLQDMNFINNYKIDCPTLARFCLMVKKGYRDPPY
HNWMHAFSVSHFCYLLYKNLELTNYLEDIEIFALFISCMCHDLDHRGTNNSFQVASKSVLAALYSSEGSVMERHHFAQAI
AILNTHGCNIFDHFSRKDYQRMLDLMRDIILATDLAHHLRIFKDLQKMAEVGYDRNNKQHHRLLLCLLMTSCDLSDQTKG
WKTTRKIAELIYKEFFSQGDLEKAMGNRPMEMMDREKAYIPELQISFMEHIAMPIYKLLQDLFPKAAELYERVASNREHW
TKVSHKFTIRGLPSNNSLDFLDEEYERHHHHHH
;
_entity_poly.pdbx_strand_id   A,B,C,D
#
loop_
_chem_comp.id
_chem_comp.type
_chem_comp.name
_chem_comp.formula
MG non-polymer 'MAGNESIUM ION' 'Mg 2'
QOQ non-polymer 5-[bis(fluoranyl)methyl]-7-[(3~{S})-1-[(2-chloranyl-6-methyl-pyridin-4-yl)methyl]piperidin-3-yl]-[1,2,4]triazolo[1,5-a]pyrimidine 'C18 H19 Cl F2 N6'
ZN non-polymer 'ZINC ION' 'Zn 2'
#
# COMPACT_ATOMS: atom_id res chain seq x y z
N ASP A 4 4.65 -13.33 7.71
CA ASP A 4 4.76 -12.95 9.15
C ASP A 4 5.75 -13.85 9.91
N ASP A 5 5.67 -15.14 9.65
CA ASP A 5 6.52 -16.12 10.30
C ASP A 5 8.00 -16.04 9.92
N GLU A 6 8.29 -15.67 8.68
CA GLU A 6 9.67 -15.43 8.26
C GLU A 6 10.31 -14.29 9.06
N TYR A 7 9.56 -13.19 9.19
CA TYR A 7 9.99 -12.03 9.98
C TYR A 7 10.29 -12.41 11.42
N THR A 8 9.36 -13.13 12.04
CA THR A 8 9.46 -13.53 13.44
C THR A 8 10.77 -14.25 13.76
N LYS A 9 11.19 -15.13 12.87
CA LYS A 9 12.42 -15.89 13.05
C LYS A 9 13.65 -15.00 12.84
N LEU A 10 13.60 -14.13 11.84
CA LEU A 10 14.69 -13.20 11.58
C LEU A 10 14.94 -12.32 12.81
N LEU A 11 13.85 -11.90 13.46
CA LEU A 11 13.92 -10.97 14.56
C LEU A 11 14.29 -11.64 15.88
N HIS A 12 13.67 -12.78 16.18
CA HIS A 12 13.77 -13.41 17.49
C HIS A 12 14.75 -14.55 17.61
N ASP A 13 15.17 -15.19 16.51
CA ASP A 13 16.12 -16.33 16.57
C ASP A 13 17.59 -15.88 16.74
N GLY A 14 17.87 -14.63 16.44
CA GLY A 14 19.23 -14.09 16.52
C GLY A 14 19.98 -14.17 15.21
N ILE A 15 20.92 -13.26 15.01
CA ILE A 15 21.67 -13.20 13.75
C ILE A 15 22.80 -14.22 13.81
N GLN A 16 22.77 -15.16 12.88
CA GLN A 16 23.72 -16.26 12.94
C GLN A 16 25.11 -15.79 12.48
N PRO A 17 26.18 -16.40 13.03
CA PRO A 17 27.56 -16.04 12.65
C PRO A 17 27.81 -16.32 11.18
N VAL A 18 28.49 -15.39 10.49
CA VAL A 18 28.79 -15.57 9.06
C VAL A 18 29.49 -16.88 8.74
N ALA A 19 30.45 -17.29 9.59
CA ALA A 19 31.15 -18.56 9.39
C ALA A 19 30.20 -19.76 9.39
N ALA A 20 29.06 -19.65 10.05
CA ALA A 20 28.08 -20.75 10.06
C ALA A 20 27.36 -20.93 8.72
N ILE A 21 27.42 -19.92 7.84
CA ILE A 21 26.88 -20.06 6.50
C ILE A 21 27.68 -21.06 5.66
N ASP A 22 28.99 -20.90 5.65
CA ASP A 22 29.87 -21.79 4.89
C ASP A 22 31.30 -21.48 5.29
N SER A 23 32.13 -22.52 5.35
CA SER A 23 33.53 -22.36 5.78
C SER A 23 34.30 -21.40 4.88
N ASN A 24 33.93 -21.35 3.61
CA ASN A 24 34.57 -20.49 2.63
C ASN A 24 33.72 -19.24 2.28
N PHE A 25 32.75 -18.88 3.13
CA PHE A 25 31.80 -17.77 2.81
C PHE A 25 32.45 -16.42 2.50
N ALA A 26 33.62 -16.16 3.09
CA ALA A 26 34.30 -14.87 2.94
C ALA A 26 35.41 -14.91 1.90
N SER A 27 35.36 -15.91 1.02
CA SER A 27 36.43 -16.16 0.05
C SER A 27 35.99 -15.82 -1.36
N PHE A 28 36.88 -15.26 -2.17
CA PHE A 28 36.54 -15.02 -3.58
C PHE A 28 36.14 -16.29 -4.33
N THR A 29 36.60 -17.46 -3.85
CA THR A 29 36.24 -18.73 -4.50
C THR A 29 34.81 -19.19 -4.23
N TYR A 30 34.17 -18.68 -3.18
CA TYR A 30 32.81 -19.12 -2.80
C TYR A 30 31.75 -18.63 -3.78
N THR A 31 30.79 -19.49 -4.08
CA THR A 31 29.70 -19.19 -5.01
C THR A 31 28.39 -18.98 -4.24
N PRO A 32 27.98 -17.71 -4.01
CA PRO A 32 26.80 -17.48 -3.18
C PRO A 32 25.52 -18.04 -3.75
N ARG A 33 25.49 -18.28 -5.05
CA ARG A 33 24.34 -18.93 -5.64
C ARG A 33 24.13 -20.36 -5.09
N SER A 34 25.10 -20.97 -4.43
CA SER A 34 24.82 -22.29 -3.80
C SER A 34 24.08 -22.20 -2.46
N LEU A 35 23.92 -20.99 -1.92
CA LEU A 35 23.12 -20.81 -0.71
C LEU A 35 21.63 -20.92 -1.04
N PRO A 36 20.91 -21.81 -0.33
CA PRO A 36 19.47 -21.87 -0.60
C PRO A 36 18.78 -20.52 -0.43
N GLU A 37 17.87 -20.18 -1.34
CA GLU A 37 17.22 -18.89 -1.30
C GLU A 37 16.56 -18.57 0.06
N ASP A 38 16.01 -19.61 0.71
CA ASP A 38 15.38 -19.44 2.02
C ASP A 38 16.34 -18.98 3.14
N ASP A 39 17.65 -19.15 2.96
CA ASP A 39 18.65 -18.73 3.95
C ASP A 39 19.28 -17.35 3.63
N THR A 40 18.84 -16.69 2.56
CA THR A 40 19.56 -15.51 2.05
C THR A 40 19.28 -14.24 2.88
N SER A 41 18.04 -14.04 3.32
CA SER A 41 17.75 -12.89 4.17
C SER A 41 18.53 -12.94 5.48
N MET A 42 18.60 -14.10 6.13
CA MET A 42 19.45 -14.22 7.33
C MET A 42 20.94 -13.96 7.02
N ALA A 43 21.39 -14.40 5.84
CA ALA A 43 22.77 -14.17 5.42
C ALA A 43 23.09 -12.68 5.21
N ILE A 44 22.10 -11.92 4.73
CA ILE A 44 22.24 -10.45 4.62
C ILE A 44 22.48 -9.83 6.02
N LEU A 45 21.66 -10.24 6.98
CA LEU A 45 21.83 -9.79 8.36
C LEU A 45 23.19 -10.15 8.97
N SER A 46 23.67 -11.38 8.72
CA SER A 46 24.99 -11.80 9.20
C SER A 46 26.09 -10.98 8.53
N MET A 47 25.95 -10.66 7.24
CA MET A 47 26.97 -9.83 6.56
C MET A 47 26.98 -8.39 7.11
N LEU A 48 25.79 -7.81 7.28
CA LEU A 48 25.66 -6.47 7.87
C LEU A 48 26.26 -6.44 9.28
N GLN A 49 25.97 -7.48 10.08
CA GLN A 49 26.57 -7.59 11.41
C GLN A 49 28.09 -7.66 11.34
N ASP A 50 28.60 -8.57 10.51
CA ASP A 50 30.04 -8.81 10.43
C ASP A 50 30.78 -7.56 9.98
N MET A 51 30.15 -6.76 9.13
CA MET A 51 30.72 -5.47 8.74
C MET A 51 30.47 -4.37 9.79
N ASN A 52 29.82 -4.72 10.90
CA ASN A 52 29.56 -3.81 12.05
C ASN A 52 28.58 -2.67 11.77
N PHE A 53 27.82 -2.77 10.68
CA PHE A 53 26.94 -1.69 10.27
C PHE A 53 25.73 -1.57 11.18
N ILE A 54 25.24 -2.70 11.66
CA ILE A 54 24.06 -2.73 12.55
C ILE A 54 24.34 -1.92 13.81
N ASN A 55 25.49 -2.19 14.41
CA ASN A 55 25.86 -1.50 15.64
C ASN A 55 26.37 -0.09 15.41
N ASN A 56 27.19 0.10 14.39
CA ASN A 56 27.76 1.42 14.11
C ASN A 56 26.67 2.44 13.80
N TYR A 57 25.66 2.04 13.03
CA TYR A 57 24.56 2.93 12.68
C TYR A 57 23.29 2.74 13.51
N LYS A 58 23.41 1.97 14.59
CA LYS A 58 22.32 1.68 15.52
C LYS A 58 21.02 1.38 14.78
N ILE A 59 21.11 0.42 13.86
CA ILE A 59 19.98 0.05 13.03
C ILE A 59 19.05 -0.78 13.91
N ASP A 60 17.79 -0.38 13.91
CA ASP A 60 16.72 -1.03 14.65
C ASP A 60 16.46 -2.38 14.02
N CYS A 61 16.56 -3.45 14.80
CA CYS A 61 16.47 -4.81 14.25
C CYS A 61 15.12 -5.20 13.62
N PRO A 62 14.00 -4.87 14.27
CA PRO A 62 12.70 -5.05 13.65
C PRO A 62 12.57 -4.34 12.29
N THR A 63 13.05 -3.10 12.23
CA THR A 63 13.05 -2.33 10.99
C THR A 63 13.91 -2.99 9.91
N LEU A 64 15.12 -3.40 10.29
CA LEU A 64 16.08 -4.05 9.38
C LEU A 64 15.54 -5.35 8.80
N ALA A 65 14.91 -6.15 9.66
CA ALA A 65 14.27 -7.38 9.26
C ALA A 65 13.18 -7.13 8.24
N ARG A 66 12.29 -6.18 8.54
CA ARG A 66 11.24 -5.79 7.59
C ARG A 66 11.81 -5.26 6.27
N PHE A 67 12.85 -4.46 6.36
CA PHE A 67 13.48 -3.92 5.15
C PHE A 67 14.04 -5.03 4.26
N CYS A 68 14.75 -5.97 4.87
CA CYS A 68 15.40 -7.03 4.09
C CYS A 68 14.39 -7.91 3.36
N LEU A 69 13.31 -8.24 4.05
CA LEU A 69 12.26 -9.07 3.44
C LEU A 69 11.52 -8.31 2.35
N MET A 70 11.27 -7.03 2.59
CA MET A 70 10.64 -6.17 1.58
C MET A 70 11.47 -6.03 0.30
N VAL A 71 12.78 -5.85 0.46
CA VAL A 71 13.70 -5.79 -0.70
C VAL A 71 13.62 -7.09 -1.48
N LYS A 72 13.76 -8.21 -0.76
CA LYS A 72 13.67 -9.53 -1.40
C LYS A 72 12.33 -9.70 -2.16
N LYS A 73 11.24 -9.28 -1.52
CA LYS A 73 9.90 -9.35 -2.10
C LYS A 73 9.73 -8.43 -3.31
N GLY A 74 10.61 -7.42 -3.43
CA GLY A 74 10.56 -6.45 -4.55
C GLY A 74 11.24 -6.89 -5.84
N TYR A 75 11.84 -8.08 -5.84
CA TYR A 75 12.33 -8.74 -7.05
C TYR A 75 11.31 -9.75 -7.62
N ARG A 76 11.15 -9.71 -8.94
CA ARG A 76 10.34 -10.67 -9.66
C ARG A 76 11.26 -11.84 -10.00
N ASP A 77 10.82 -12.74 -10.89
CA ASP A 77 11.60 -13.95 -11.15
C ASP A 77 11.92 -14.18 -12.64
N PRO A 78 12.46 -13.16 -13.31
CA PRO A 78 13.03 -13.48 -14.61
C PRO A 78 14.22 -14.42 -14.44
N PRO A 79 14.68 -15.03 -15.52
CA PRO A 79 15.80 -15.96 -15.38
C PRO A 79 17.05 -15.40 -14.69
N TYR A 80 17.44 -14.17 -15.03
CA TYR A 80 18.69 -13.59 -14.49
C TYR A 80 18.45 -12.49 -13.43
N HIS A 81 17.66 -11.47 -13.76
CA HIS A 81 17.47 -10.30 -12.86
C HIS A 81 16.46 -10.49 -11.73
N ASN A 82 16.81 -11.41 -10.83
CA ASN A 82 15.96 -11.85 -9.72
C ASN A 82 16.65 -11.62 -8.39
N TRP A 83 16.04 -12.05 -7.28
CA TRP A 83 16.65 -11.82 -5.96
C TRP A 83 18.03 -12.46 -5.79
N MET A 84 18.25 -13.65 -6.34
CA MET A 84 19.55 -14.33 -6.22
C MET A 84 20.69 -13.58 -6.93
N HIS A 85 20.36 -12.80 -7.95
CA HIS A 85 21.31 -11.83 -8.53
C HIS A 85 21.66 -10.76 -7.52
N ALA A 86 20.63 -10.11 -6.96
CA ALA A 86 20.83 -9.04 -5.98
C ALA A 86 21.58 -9.59 -4.76
N PHE A 87 21.24 -10.81 -4.35
CA PHE A 87 21.93 -11.42 -3.22
C PHE A 87 23.41 -11.71 -3.55
N SER A 88 23.69 -12.26 -4.73
CA SER A 88 25.05 -12.62 -5.09
C SER A 88 25.92 -11.37 -5.31
N VAL A 89 25.31 -10.31 -5.85
CA VAL A 89 25.96 -9.00 -6.00
C VAL A 89 26.30 -8.41 -4.63
N SER A 90 25.37 -8.49 -3.68
CA SER A 90 25.60 -8.00 -2.32
C SER A 90 26.70 -8.81 -1.63
N HIS A 91 26.64 -10.13 -1.82
CA HIS A 91 27.69 -10.98 -1.30
C HIS A 91 29.05 -10.54 -1.79
N PHE A 92 29.17 -10.22 -3.07
CA PHE A 92 30.48 -9.80 -3.61
C PHE A 92 30.98 -8.50 -2.97
N CYS A 93 30.08 -7.56 -2.72
CA CYS A 93 30.41 -6.35 -2.00
C CYS A 93 31.01 -6.69 -0.65
N TYR A 94 30.34 -7.58 0.08
CA TYR A 94 30.88 -8.13 1.33
C TYR A 94 32.28 -8.73 1.12
N LEU A 95 32.46 -9.51 0.07
CA LEU A 95 33.78 -10.08 -0.26
C LEU A 95 34.85 -9.01 -0.44
N LEU A 96 34.49 -7.92 -1.12
CA LEU A 96 35.45 -6.83 -1.36
C LEU A 96 35.86 -6.17 -0.04
N TYR A 97 34.87 -5.94 0.82
CA TYR A 97 35.13 -5.43 2.17
C TYR A 97 36.09 -6.36 2.95
N LYS A 98 35.88 -7.66 2.84
CA LYS A 98 36.63 -8.61 3.65
C LYS A 98 38.04 -8.83 3.12
N ASN A 99 38.22 -8.66 1.81
CA ASN A 99 39.45 -9.03 1.12
C ASN A 99 40.30 -7.88 0.63
N LEU A 100 39.72 -6.71 0.39
CA LEU A 100 40.45 -5.61 -0.25
C LEU A 100 40.75 -4.40 0.61
N GLU A 101 40.29 -4.37 1.86
CA GLU A 101 40.61 -3.21 2.74
C GLU A 101 40.09 -1.89 2.18
N LEU A 102 38.78 -1.88 1.92
CA LEU A 102 38.08 -0.70 1.42
C LEU A 102 38.16 0.47 2.37
N THR A 103 38.40 0.17 3.64
CA THR A 103 38.46 1.17 4.68
C THR A 103 39.63 2.11 4.50
N ASN A 104 40.63 1.72 3.69
CA ASN A 104 41.72 2.65 3.36
C ASN A 104 41.36 3.58 2.21
N TYR A 105 40.23 3.32 1.56
CA TYR A 105 39.84 4.06 0.36
C TYR A 105 38.52 4.85 0.51
N LEU A 106 37.54 4.25 1.18
CA LEU A 106 36.21 4.85 1.31
C LEU A 106 35.80 5.11 2.75
N GLU A 107 34.88 6.04 2.94
CA GLU A 107 34.30 6.31 4.25
C GLU A 107 33.36 5.14 4.60
N ASP A 108 33.12 4.96 5.89
CA ASP A 108 32.25 3.90 6.36
C ASP A 108 30.87 4.02 5.74
N ILE A 109 30.33 5.24 5.67
CA ILE A 109 28.98 5.44 5.16
C ILE A 109 28.90 5.07 3.68
N GLU A 110 30.01 5.29 2.95
CA GLU A 110 30.10 4.94 1.53
C GLU A 110 30.06 3.43 1.32
N ILE A 111 30.75 2.68 2.18
CA ILE A 111 30.75 1.23 2.06
C ILE A 111 29.34 0.68 2.38
N PHE A 112 28.72 1.21 3.43
CA PHE A 112 27.36 0.85 3.82
C PHE A 112 26.39 1.14 2.67
N ALA A 113 26.50 2.33 2.10
CA ALA A 113 25.69 2.72 0.94
C ALA A 113 25.85 1.78 -0.26
N LEU A 114 27.09 1.33 -0.51
CA LEU A 114 27.36 0.40 -1.62
C LEU A 114 26.62 -0.93 -1.39
N PHE A 115 26.73 -1.46 -0.19
CA PHE A 115 26.06 -2.71 0.14
C PHE A 115 24.55 -2.59 0.00
N ILE A 116 23.96 -1.60 0.63
CA ILE A 116 22.52 -1.42 0.53
C ILE A 116 22.09 -1.19 -0.94
N SER A 117 22.90 -0.45 -1.70
CA SER A 117 22.64 -0.27 -3.13
C SER A 117 22.68 -1.61 -3.90
N CYS A 118 23.67 -2.44 -3.61
CA CYS A 118 23.75 -3.79 -4.20
C CYS A 118 22.45 -4.57 -3.94
N MET A 119 21.94 -4.51 -2.72
CA MET A 119 20.66 -5.21 -2.40
C MET A 119 19.53 -4.72 -3.31
N CYS A 120 19.49 -3.42 -3.54
CA CYS A 120 18.36 -2.77 -4.18
C CYS A 120 18.50 -2.51 -5.68
N HIS A 121 19.68 -2.79 -6.26
CA HIS A 121 20.05 -2.16 -7.53
C HIS A 121 19.29 -2.64 -8.74
N ASP A 122 18.56 -3.76 -8.63
CA ASP A 122 17.72 -4.26 -9.74
C ASP A 122 16.24 -4.44 -9.35
N LEU A 123 15.79 -3.76 -8.31
CA LEU A 123 14.43 -3.96 -7.80
C LEU A 123 13.38 -3.86 -8.89
N ASP A 124 12.46 -4.83 -8.90
CA ASP A 124 11.30 -4.83 -9.78
C ASP A 124 11.68 -4.91 -11.27
N HIS A 125 12.82 -5.53 -11.56
CA HIS A 125 13.28 -5.73 -12.95
C HIS A 125 12.27 -6.66 -13.62
N ARG A 126 11.91 -6.34 -14.86
CA ARG A 126 10.90 -7.13 -15.57
C ARG A 126 11.52 -8.00 -16.68
N GLY A 127 12.84 -8.19 -16.64
CA GLY A 127 13.53 -9.04 -17.59
C GLY A 127 13.76 -8.41 -18.95
N THR A 128 13.60 -7.09 -19.05
CA THR A 128 13.87 -6.37 -20.30
C THR A 128 14.70 -5.12 -20.00
N ASN A 129 15.47 -4.66 -20.99
CA ASN A 129 16.44 -3.59 -20.80
C ASN A 129 15.89 -2.20 -21.11
N ASN A 130 16.74 -1.17 -21.04
CA ASN A 130 16.30 0.19 -21.24
C ASN A 130 15.70 0.44 -22.62
N SER A 131 16.38 -0.06 -23.65
CA SER A 131 15.88 0.07 -25.03
C SER A 131 14.45 -0.43 -25.17
N PHE A 132 14.15 -1.55 -24.54
CA PHE A 132 12.83 -2.13 -24.63
C PHE A 132 11.72 -1.28 -24.00
N GLN A 133 12.02 -0.61 -22.88
CA GLN A 133 11.03 0.26 -22.25
C GLN A 133 10.62 1.38 -23.18
N VAL A 134 11.61 1.97 -23.85
CA VAL A 134 11.38 3.02 -24.82
C VAL A 134 10.56 2.49 -26.00
N ALA A 135 11.02 1.38 -26.58
CA ALA A 135 10.38 0.84 -27.77
C ALA A 135 8.95 0.38 -27.48
N SER A 136 8.74 -0.23 -26.31
CA SER A 136 7.41 -0.72 -25.92
C SER A 136 6.51 0.35 -25.30
N LYS A 137 7.01 1.59 -25.24
CA LYS A 137 6.30 2.73 -24.62
C LYS A 137 5.74 2.41 -23.25
N SER A 138 6.61 1.88 -22.40
CA SER A 138 6.22 1.42 -21.09
C SER A 138 5.98 2.58 -20.13
N VAL A 139 5.32 2.28 -19.01
CA VAL A 139 5.10 3.29 -17.96
C VAL A 139 6.43 3.88 -17.51
N LEU A 140 7.45 3.02 -17.39
CA LEU A 140 8.77 3.45 -16.89
C LEU A 140 9.43 4.41 -17.85
N ALA A 141 9.29 4.17 -19.16
CA ALA A 141 9.80 5.12 -20.14
C ALA A 141 9.01 6.43 -20.06
N ALA A 142 7.71 6.35 -19.80
CA ALA A 142 6.90 7.58 -19.64
C ALA A 142 7.43 8.45 -18.51
N LEU A 143 7.83 7.81 -17.43
CA LEU A 143 8.38 8.53 -16.28
C LEU A 143 9.78 9.08 -16.55
N TYR A 144 10.67 8.24 -17.10
CA TYR A 144 12.12 8.50 -16.99
C TYR A 144 12.95 8.61 -18.29
N SER A 145 12.37 8.34 -19.44
CA SER A 145 13.17 8.24 -20.67
C SER A 145 13.90 9.54 -21.03
N SER A 146 13.31 10.68 -20.69
CA SER A 146 13.93 11.99 -21.00
C SER A 146 15.19 12.21 -20.15
N GLU A 147 15.31 11.50 -19.03
CA GLU A 147 16.51 11.56 -18.21
C GLU A 147 17.49 10.40 -18.50
N GLY A 148 16.99 9.31 -19.09
CA GLY A 148 17.85 8.15 -19.44
C GLY A 148 17.99 7.19 -18.27
N SER A 149 18.73 6.09 -18.49
CA SER A 149 18.90 5.02 -17.48
C SER A 149 17.54 4.66 -16.86
N VAL A 150 16.60 4.29 -17.71
CA VAL A 150 15.19 4.19 -17.30
C VAL A 150 15.00 3.18 -16.17
N MET A 151 15.46 1.94 -16.40
CA MET A 151 15.36 0.87 -15.39
C MET A 151 16.09 1.21 -14.10
N GLU A 152 17.29 1.79 -14.22
CA GLU A 152 18.07 2.13 -13.05
C GLU A 152 17.39 3.21 -12.20
N ARG A 153 16.75 4.20 -12.83
CA ARG A 153 15.95 5.17 -12.12
C ARG A 153 14.76 4.48 -11.41
N HIS A 154 14.22 3.45 -12.05
CA HIS A 154 13.12 2.70 -11.43
C HIS A 154 13.60 1.93 -10.25
N HIS A 155 14.79 1.35 -10.34
CA HIS A 155 15.34 0.58 -9.21
C HIS A 155 15.54 1.50 -8.04
N PHE A 156 16.10 2.68 -8.30
CA PHE A 156 16.31 3.68 -7.24
C PHE A 156 14.99 4.13 -6.61
N ALA A 157 14.00 4.44 -7.45
CA ALA A 157 12.69 4.89 -6.95
C ALA A 157 12.02 3.83 -6.06
N GLN A 158 12.16 2.56 -6.47
CA GLN A 158 11.62 1.42 -5.70
C GLN A 158 12.27 1.30 -4.33
N ALA A 159 13.60 1.44 -4.30
CA ALA A 159 14.36 1.40 -3.04
C ALA A 159 13.89 2.54 -2.14
N ILE A 160 13.75 3.75 -2.70
CA ILE A 160 13.26 4.88 -1.90
C ILE A 160 11.85 4.60 -1.36
N ALA A 161 10.98 4.01 -2.18
CA ALA A 161 9.62 3.66 -1.77
C ALA A 161 9.60 2.62 -0.62
N ILE A 162 10.55 1.69 -0.63
CA ILE A 162 10.67 0.75 0.47
C ILE A 162 11.02 1.49 1.74
N LEU A 163 12.05 2.33 1.68
CA LEU A 163 12.48 3.13 2.83
C LEU A 163 11.36 4.03 3.34
N ASN A 164 10.52 4.53 2.42
CA ASN A 164 9.36 5.35 2.80
C ASN A 164 8.12 4.54 3.18
N THR A 165 8.26 3.22 3.30
CA THR A 165 7.19 2.36 3.80
C THR A 165 7.28 2.29 5.32
N HIS A 166 6.15 2.45 5.99
CA HIS A 166 6.13 2.47 7.45
C HIS A 166 6.77 1.23 8.01
N GLY A 167 7.62 1.41 9.02
CA GLY A 167 8.37 0.31 9.61
C GLY A 167 9.57 -0.21 8.84
N CYS A 168 9.94 0.44 7.73
CA CYS A 168 11.04 -0.05 6.88
C CYS A 168 12.20 0.90 6.73
N ASN A 169 12.09 2.10 7.32
CA ASN A 169 13.17 3.08 7.17
C ASN A 169 14.35 2.85 8.11
N ILE A 170 15.28 2.04 7.63
CA ILE A 170 16.48 1.68 8.39
C ILE A 170 17.40 2.88 8.71
N PHE A 171 17.19 4.00 8.01
CA PHE A 171 18.01 5.20 8.21
C PHE A 171 17.27 6.29 9.02
N ASP A 172 16.15 5.92 9.65
CA ASP A 172 15.14 6.89 10.12
C ASP A 172 15.66 7.86 11.19
N HIS A 173 16.64 7.40 11.92
CA HIS A 173 17.24 8.10 13.05
C HIS A 173 18.49 8.85 12.67
N PHE A 174 18.95 8.69 11.42
CA PHE A 174 20.14 9.41 10.94
C PHE A 174 19.92 10.90 11.06
N SER A 175 21.00 11.67 11.15
CA SER A 175 20.88 13.13 11.08
C SER A 175 20.41 13.52 9.69
N ARG A 176 19.87 14.74 9.56
CA ARG A 176 19.43 15.26 8.28
C ARG A 176 20.53 15.12 7.23
N LYS A 177 21.75 15.51 7.59
CA LYS A 177 22.88 15.43 6.67
C LYS A 177 23.23 14.00 6.28
N ASP A 178 23.31 13.09 7.26
CA ASP A 178 23.64 11.68 6.99
C ASP A 178 22.58 11.01 6.12
N TYR A 179 21.32 11.33 6.37
CA TYR A 179 20.20 10.80 5.58
C TYR A 179 20.30 11.28 4.14
N GLN A 180 20.55 12.58 3.99
CA GLN A 180 20.74 13.19 2.67
C GLN A 180 21.87 12.50 1.93
N ARG A 181 22.98 12.29 2.63
CA ARG A 181 24.16 11.63 2.08
C ARG A 181 23.89 10.22 1.57
N MET A 182 23.24 9.40 2.41
CA MET A 182 22.92 8.03 2.07
C MET A 182 22.07 7.97 0.79
N LEU A 183 21.03 8.79 0.73
CA LEU A 183 20.11 8.74 -0.41
C LEU A 183 20.84 9.20 -1.68
N ASP A 184 21.75 10.15 -1.53
CA ASP A 184 22.54 10.64 -2.65
C ASP A 184 23.49 9.56 -3.15
N LEU A 185 24.15 8.87 -2.20
CA LEU A 185 25.03 7.75 -2.54
C LEU A 185 24.28 6.63 -3.26
N MET A 186 23.10 6.29 -2.75
CA MET A 186 22.30 5.25 -3.33
C MET A 186 21.92 5.62 -4.76
N ARG A 187 21.60 6.89 -4.98
CA ARG A 187 21.26 7.36 -6.32
C ARG A 187 22.45 7.18 -7.26
N ASP A 188 23.60 7.70 -6.86
CA ASP A 188 24.83 7.65 -7.70
C ASP A 188 25.23 6.20 -8.00
N ILE A 189 25.18 5.36 -6.96
CA ILE A 189 25.62 3.97 -7.08
C ILE A 189 24.68 3.18 -7.97
N ILE A 190 23.38 3.29 -7.70
CA ILE A 190 22.42 2.54 -8.48
C ILE A 190 22.43 3.02 -9.94
N LEU A 191 22.50 4.33 -10.18
CA LEU A 191 22.62 4.81 -11.56
C LEU A 191 23.90 4.30 -12.23
N ALA A 192 24.94 4.05 -11.43
CA ALA A 192 26.21 3.57 -11.98
C ALA A 192 26.12 2.17 -12.60
N THR A 193 25.03 1.43 -12.30
CA THR A 193 24.86 0.09 -12.85
C THR A 193 24.36 0.04 -14.29
N ASP A 194 23.95 1.18 -14.85
CA ASP A 194 23.72 1.28 -16.29
C ASP A 194 25.07 1.18 -16.98
N LEU A 195 25.29 0.14 -17.78
CA LEU A 195 26.62 -0.04 -18.40
C LEU A 195 27.03 1.14 -19.31
N ALA A 196 26.03 1.86 -19.82
CA ALA A 196 26.28 3.09 -20.60
C ALA A 196 27.01 4.14 -19.76
N HIS A 197 26.63 4.29 -18.50
CA HIS A 197 27.33 5.18 -17.58
C HIS A 197 28.74 4.72 -17.36
N HIS A 198 28.91 3.44 -17.07
CA HIS A 198 30.25 2.88 -16.92
C HIS A 198 31.12 3.20 -18.10
N LEU A 199 30.62 2.98 -19.31
CA LEU A 199 31.42 3.21 -20.50
C LEU A 199 31.73 4.68 -20.66
N ARG A 200 30.81 5.55 -20.24
CA ARG A 200 31.04 6.99 -20.26
C ARG A 200 32.16 7.41 -19.32
N ILE A 201 32.23 6.82 -18.12
CA ILE A 201 33.30 7.20 -17.16
C ILE A 201 34.59 6.36 -17.24
N PHE A 202 34.66 5.43 -18.19
CA PHE A 202 35.75 4.47 -18.25
C PHE A 202 37.13 5.15 -18.36
N LYS A 203 37.23 6.21 -19.15
CA LYS A 203 38.51 6.94 -19.31
C LYS A 203 38.85 7.71 -18.03
N ASP A 204 37.84 8.14 -17.29
CA ASP A 204 38.10 8.82 -16.02
C ASP A 204 38.60 7.83 -14.98
N LEU A 205 38.12 6.58 -15.08
CA LEU A 205 38.58 5.48 -14.23
C LEU A 205 40.04 5.10 -14.52
N GLN A 206 40.38 5.03 -15.80
CA GLN A 206 41.76 4.81 -16.22
C GLN A 206 42.72 5.89 -15.73
N LYS A 207 42.31 7.16 -15.86
CA LYS A 207 43.14 8.29 -15.43
C LYS A 207 43.37 8.24 -13.92
N MET A 208 42.30 7.93 -13.17
CA MET A 208 42.41 7.73 -11.73
C MET A 208 43.37 6.61 -11.39
N ALA A 209 43.26 5.48 -12.08
CA ALA A 209 44.15 4.35 -11.82
C ALA A 209 45.63 4.66 -12.17
N GLU A 210 45.84 5.47 -13.21
CA GLU A 210 47.20 5.83 -13.63
C GLU A 210 47.86 6.78 -12.65
N VAL A 211 47.18 7.88 -12.30
CA VAL A 211 47.78 8.92 -11.45
C VAL A 211 47.87 8.51 -9.98
N GLY A 212 47.02 7.58 -9.56
CA GLY A 212 47.03 7.09 -8.19
C GLY A 212 45.80 7.59 -7.44
N TYR A 213 45.17 6.68 -6.71
CA TYR A 213 43.96 6.99 -5.96
C TYR A 213 44.26 7.96 -4.82
N ASP A 214 43.58 9.10 -4.82
CA ASP A 214 43.73 10.12 -3.77
C ASP A 214 42.49 10.15 -2.86
N ARG A 215 42.65 9.64 -1.64
CA ARG A 215 41.57 9.52 -0.66
C ARG A 215 40.96 10.88 -0.27
N ASN A 216 41.69 11.97 -0.48
CA ASN A 216 41.17 13.31 -0.21
C ASN A 216 40.46 13.94 -1.41
N ASN A 217 40.47 13.23 -2.54
CA ASN A 217 39.79 13.65 -3.76
C ASN A 217 38.36 13.08 -3.79
N LYS A 218 37.37 13.95 -3.62
CA LYS A 218 35.95 13.57 -3.61
C LYS A 218 35.53 12.88 -4.91
N GLN A 219 36.07 13.33 -6.04
CA GLN A 219 35.75 12.72 -7.34
C GLN A 219 36.30 11.29 -7.42
N HIS A 220 37.45 11.04 -6.80
CA HIS A 220 38.00 9.69 -6.77
C HIS A 220 37.11 8.75 -6.00
N HIS A 221 36.55 9.20 -4.88
CA HIS A 221 35.59 8.39 -4.13
C HIS A 221 34.42 8.02 -4.98
N ARG A 222 33.86 9.00 -5.67
CA ARG A 222 32.73 8.80 -6.58
C ARG A 222 33.07 7.75 -7.65
N LEU A 223 34.18 7.97 -8.35
CA LEU A 223 34.62 7.05 -9.41
C LEU A 223 34.81 5.63 -8.90
N LEU A 224 35.45 5.51 -7.74
CA LEU A 224 35.73 4.22 -7.16
C LEU A 224 34.44 3.50 -6.79
N LEU A 225 33.47 4.22 -6.21
CA LEU A 225 32.18 3.58 -5.91
C LEU A 225 31.49 3.01 -7.15
N CYS A 226 31.57 3.72 -8.27
CA CYS A 226 31.02 3.26 -9.54
C CYS A 226 31.65 1.93 -10.01
N LEU A 227 32.99 1.89 -9.98
CA LEU A 227 33.77 0.73 -10.41
C LEU A 227 33.50 -0.44 -9.50
N LEU A 228 33.48 -0.21 -8.19
CA LEU A 228 33.14 -1.28 -7.26
C LEU A 228 31.75 -1.86 -7.52
N MET A 229 30.76 -0.99 -7.70
CA MET A 229 29.38 -1.42 -8.00
C MET A 229 29.34 -2.24 -9.28
N THR A 230 29.98 -1.73 -10.34
CA THR A 230 30.05 -2.49 -11.60
C THR A 230 30.72 -3.84 -11.38
N SER A 231 31.81 -3.84 -10.61
CA SER A 231 32.51 -5.08 -10.23
C SER A 231 31.56 -6.10 -9.51
N CYS A 232 30.75 -5.62 -8.56
CA CYS A 232 29.78 -6.52 -7.90
C CYS A 232 28.73 -7.03 -8.89
N ASP A 233 28.24 -6.14 -9.74
CA ASP A 233 27.20 -6.46 -10.72
C ASP A 233 27.62 -7.55 -11.71
N LEU A 234 28.89 -7.59 -12.09
CA LEU A 234 29.37 -8.59 -13.06
C LEU A 234 30.09 -9.77 -12.40
N SER A 235 29.99 -9.86 -11.08
CA SER A 235 30.86 -10.71 -10.27
C SER A 235 30.67 -12.22 -10.51
N ASP A 236 29.49 -12.61 -11.01
CA ASP A 236 29.25 -13.96 -11.50
C ASP A 236 30.37 -14.47 -12.43
N GLN A 237 31.03 -13.58 -13.15
CA GLN A 237 32.04 -13.97 -14.13
C GLN A 237 33.42 -14.23 -13.51
N THR A 238 33.57 -13.91 -12.23
CA THR A 238 34.81 -14.16 -11.48
C THR A 238 34.84 -15.51 -10.75
N LYS A 239 33.82 -16.33 -10.94
CA LYS A 239 33.79 -17.65 -10.32
C LYS A 239 34.26 -18.68 -11.35
N GLY A 240 33.99 -19.96 -11.10
CA GLY A 240 34.50 -21.03 -11.96
C GLY A 240 33.70 -21.18 -13.24
N TRP A 241 34.19 -22.03 -14.13
CA TRP A 241 33.53 -22.28 -15.40
C TRP A 241 32.08 -22.71 -15.27
N LYS A 242 31.77 -23.53 -14.28
CA LYS A 242 30.43 -24.06 -14.10
C LYS A 242 29.41 -22.95 -13.77
N THR A 243 29.79 -22.05 -12.86
CA THR A 243 28.98 -20.87 -12.59
C THR A 243 28.76 -20.09 -13.88
N THR A 244 29.84 -19.74 -14.58
CA THR A 244 29.71 -18.89 -15.76
C THR A 244 28.85 -19.52 -16.86
N ARG A 245 28.86 -20.85 -16.97
CA ARG A 245 28.05 -21.50 -17.99
C ARG A 245 26.58 -21.41 -17.65
N LYS A 246 26.25 -21.67 -16.39
CA LYS A 246 24.89 -21.50 -15.89
C LYS A 246 24.42 -20.04 -16.06
N ILE A 247 25.30 -19.09 -15.76
CA ILE A 247 24.95 -17.67 -15.88
C ILE A 247 24.61 -17.35 -17.33
N ALA A 248 25.39 -17.90 -18.28
CA ALA A 248 25.05 -17.76 -19.71
C ALA A 248 23.64 -18.29 -20.04
N GLU A 249 23.25 -19.42 -19.46
CA GLU A 249 21.92 -19.98 -19.70
C GLU A 249 20.84 -19.00 -19.27
N LEU A 250 21.05 -18.38 -18.11
CA LEU A 250 20.06 -17.46 -17.54
C LEU A 250 19.94 -16.17 -18.35
N ILE A 251 21.09 -15.59 -18.69
CA ILE A 251 21.14 -14.34 -19.43
C ILE A 251 20.43 -14.50 -20.77
N TYR A 252 20.81 -15.51 -21.52
CA TYR A 252 20.29 -15.66 -22.87
C TYR A 252 18.83 -16.08 -22.86
N LYS A 253 18.40 -16.86 -21.87
CA LYS A 253 16.95 -17.12 -21.73
C LYS A 253 16.22 -15.77 -21.61
N GLU A 254 16.70 -14.92 -20.70
CA GLU A 254 16.08 -13.61 -20.52
C GLU A 254 16.16 -12.72 -21.79
N PHE A 255 17.34 -12.65 -22.39
CA PHE A 255 17.54 -11.85 -23.58
C PHE A 255 16.66 -12.32 -24.75
N PHE A 256 16.60 -13.63 -24.98
CA PHE A 256 15.89 -14.17 -26.13
C PHE A 256 14.37 -13.98 -25.95
N SER A 257 13.88 -14.07 -24.72
CA SER A 257 12.49 -13.71 -24.41
C SER A 257 12.18 -12.28 -24.82
N GLN A 258 13.08 -11.35 -24.49
CA GLN A 258 12.90 -9.97 -24.94
C GLN A 258 12.86 -9.90 -26.47
N GLY A 259 13.83 -10.56 -27.11
CA GLY A 259 13.95 -10.50 -28.57
C GLY A 259 12.71 -11.06 -29.23
N ASP A 260 12.18 -12.13 -28.68
CA ASP A 260 10.90 -12.65 -29.18
C ASP A 260 9.80 -11.56 -29.10
N LEU A 261 9.70 -10.85 -27.98
CA LEU A 261 8.70 -9.77 -27.86
C LEU A 261 8.94 -8.68 -28.89
N GLU A 262 10.21 -8.36 -29.13
CA GLU A 262 10.60 -7.32 -30.07
C GLU A 262 10.18 -7.68 -31.50
N LYS A 263 10.47 -8.92 -31.94
CA LYS A 263 9.96 -9.42 -33.22
C LYS A 263 8.43 -9.27 -33.35
N ALA A 264 7.73 -9.65 -32.28
CA ALA A 264 6.25 -9.67 -32.27
C ALA A 264 5.63 -8.28 -32.31
N MET A 265 6.42 -7.23 -32.08
CA MET A 265 5.91 -5.87 -32.24
C MET A 265 6.59 -5.18 -33.43
N GLY A 266 7.27 -5.97 -34.27
CA GLY A 266 7.74 -5.51 -35.58
C GLY A 266 9.14 -4.93 -35.64
N ASN A 267 9.92 -5.15 -34.60
CA ASN A 267 11.27 -4.60 -34.52
C ASN A 267 12.30 -5.70 -34.62
N ARG A 268 13.46 -5.36 -35.17
CA ARG A 268 14.57 -6.28 -35.31
C ARG A 268 15.38 -6.19 -34.02
N PRO A 269 15.40 -7.29 -33.24
CA PRO A 269 16.21 -7.29 -32.02
C PRO A 269 17.71 -7.29 -32.31
N MET A 270 18.51 -6.84 -31.36
CA MET A 270 19.95 -7.00 -31.42
C MET A 270 20.31 -8.47 -31.51
N GLU A 271 21.45 -8.76 -32.12
CA GLU A 271 21.91 -10.13 -32.32
C GLU A 271 21.89 -10.94 -31.00
N MET A 272 22.36 -10.35 -29.92
CA MET A 272 22.40 -11.03 -28.62
C MET A 272 21.02 -11.32 -28.04
N MET A 273 19.97 -10.69 -28.58
CA MET A 273 18.60 -10.91 -28.13
C MET A 273 17.85 -11.85 -29.05
N ASP A 274 18.49 -12.28 -30.13
CA ASP A 274 17.82 -13.00 -31.22
C ASP A 274 18.27 -14.44 -31.22
N ARG A 275 17.39 -15.34 -30.78
CA ARG A 275 17.73 -16.74 -30.61
C ARG A 275 18.08 -17.45 -31.93
N GLU A 276 17.76 -16.82 -33.06
CA GLU A 276 18.06 -17.39 -34.37
C GLU A 276 19.38 -16.90 -34.95
N LYS A 277 19.90 -15.79 -34.45
CA LYS A 277 21.21 -15.27 -34.89
C LYS A 277 22.31 -15.38 -33.84
N ALA A 278 21.95 -15.44 -32.56
CA ALA A 278 22.93 -15.40 -31.48
C ALA A 278 23.82 -16.63 -31.48
N TYR A 279 25.13 -16.40 -31.62
CA TYR A 279 26.12 -17.44 -31.41
C TYR A 279 26.79 -17.23 -30.05
N ILE A 280 26.33 -17.98 -29.05
CA ILE A 280 26.69 -17.71 -27.65
C ILE A 280 28.19 -17.60 -27.35
N PRO A 281 29.01 -18.56 -27.79
CA PRO A 281 30.46 -18.48 -27.49
C PRO A 281 31.12 -17.16 -27.91
N GLU A 282 30.80 -16.68 -29.11
CA GLU A 282 31.38 -15.44 -29.67
C GLU A 282 30.86 -14.20 -28.93
N LEU A 283 29.59 -14.23 -28.53
CA LEU A 283 28.99 -13.13 -27.77
C LEU A 283 29.61 -13.02 -26.38
N GLN A 284 29.83 -14.16 -25.75
CA GLN A 284 30.45 -14.17 -24.43
C GLN A 284 31.91 -13.72 -24.52
N ILE A 285 32.62 -14.18 -25.53
CA ILE A 285 34.01 -13.74 -25.72
C ILE A 285 34.07 -12.21 -25.88
N SER A 286 33.22 -11.64 -26.74
CA SER A 286 33.17 -10.20 -26.89
C SER A 286 32.83 -9.48 -25.58
N PHE A 287 31.86 -10.01 -24.85
CA PHE A 287 31.44 -9.38 -23.60
C PHE A 287 32.58 -9.38 -22.58
N MET A 288 33.35 -10.47 -22.53
CA MET A 288 34.46 -10.59 -21.62
C MET A 288 35.59 -9.64 -22.04
N GLU A 289 35.88 -9.58 -23.34
CA GLU A 289 36.98 -8.75 -23.83
C GLU A 289 36.69 -7.26 -23.79
N HIS A 290 35.49 -6.86 -24.16
CA HIS A 290 35.17 -5.44 -24.25
C HIS A 290 34.59 -4.87 -22.99
N ILE A 291 33.88 -5.68 -22.20
CA ILE A 291 33.23 -5.18 -20.98
C ILE A 291 33.92 -5.68 -19.71
N ALA A 292 33.86 -6.97 -19.45
CA ALA A 292 34.24 -7.54 -18.15
C ALA A 292 35.74 -7.54 -17.81
N MET A 293 36.59 -7.96 -18.74
CA MET A 293 38.03 -7.98 -18.45
C MET A 293 38.60 -6.59 -18.14
N PRO A 294 38.23 -5.54 -18.89
CA PRO A 294 38.77 -4.19 -18.57
C PRO A 294 38.38 -3.70 -17.17
N ILE A 295 37.17 -4.08 -16.72
CA ILE A 295 36.69 -3.72 -15.39
C ILE A 295 37.56 -4.35 -14.31
N TYR A 296 37.86 -5.64 -14.44
CA TYR A 296 38.62 -6.33 -13.39
C TYR A 296 40.12 -6.02 -13.51
N LYS A 297 40.57 -5.67 -14.71
CA LYS A 297 41.93 -5.11 -14.87
C LYS A 297 42.08 -3.79 -14.09
N LEU A 298 41.12 -2.87 -14.24
CA LEU A 298 41.12 -1.63 -13.45
C LEU A 298 41.12 -1.93 -11.97
N LEU A 299 40.26 -2.84 -11.53
CA LEU A 299 40.21 -3.20 -10.13
C LEU A 299 41.56 -3.74 -9.64
N GLN A 300 42.22 -4.55 -10.47
CA GLN A 300 43.54 -5.10 -10.10
C GLN A 300 44.58 -3.98 -10.00
N ASP A 301 44.51 -3.04 -10.93
CA ASP A 301 45.42 -1.88 -10.95
C ASP A 301 45.30 -1.03 -9.68
N LEU A 302 44.09 -0.98 -9.11
CA LEU A 302 43.81 -0.20 -7.93
C LEU A 302 44.03 -1.00 -6.66
N PHE A 303 43.73 -2.29 -6.72
CA PHE A 303 43.86 -3.21 -5.59
C PHE A 303 44.66 -4.44 -6.04
N PRO A 304 45.93 -4.53 -5.63
CA PRO A 304 46.75 -5.70 -6.01
C PRO A 304 46.15 -7.05 -5.62
N LYS A 305 45.46 -7.12 -4.49
CA LYS A 305 44.81 -8.36 -4.05
C LYS A 305 43.56 -8.77 -4.86
N ALA A 306 43.16 -7.93 -5.82
CA ALA A 306 42.10 -8.25 -6.77
C ALA A 306 42.59 -9.02 -8.00
N ALA A 307 43.91 -9.25 -8.12
CA ALA A 307 44.47 -9.96 -9.27
C ALA A 307 43.75 -11.27 -9.64
N GLU A 308 43.45 -12.09 -8.64
CA GLU A 308 42.82 -13.37 -8.92
C GLU A 308 41.46 -13.22 -9.60
N LEU A 309 40.79 -12.09 -9.36
CA LEU A 309 39.48 -11.84 -10.00
C LEU A 309 39.67 -11.68 -11.50
N TYR A 310 40.62 -10.84 -11.90
CA TYR A 310 40.89 -10.64 -13.32
C TYR A 310 41.30 -11.97 -13.99
N GLU A 311 42.18 -12.72 -13.31
CA GLU A 311 42.70 -13.97 -13.86
C GLU A 311 41.61 -14.99 -14.04
N ARG A 312 40.63 -15.01 -13.13
CA ARG A 312 39.46 -15.85 -13.32
C ARG A 312 38.59 -15.38 -14.50
N VAL A 313 38.39 -14.06 -14.63
CA VAL A 313 37.64 -13.55 -15.79
C VAL A 313 38.38 -13.91 -17.10
N ALA A 314 39.68 -13.68 -17.15
CA ALA A 314 40.48 -14.02 -18.34
C ALA A 314 40.43 -15.53 -18.67
N SER A 315 40.50 -16.37 -17.64
CA SER A 315 40.38 -17.83 -17.80
C SER A 315 39.01 -18.24 -18.34
N ASN A 316 37.98 -17.59 -17.83
CA ASN A 316 36.61 -17.87 -18.24
C ASN A 316 36.41 -17.48 -19.71
N ARG A 317 37.06 -16.42 -20.15
CA ARG A 317 37.08 -16.02 -21.57
C ARG A 317 37.79 -17.07 -22.43
N GLU A 318 38.82 -17.70 -21.89
CA GLU A 318 39.55 -18.73 -22.62
C GLU A 318 38.75 -20.00 -22.76
N HIS A 319 37.88 -20.28 -21.79
CA HIS A 319 37.04 -21.48 -21.84
C HIS A 319 36.02 -21.42 -22.93
N TRP A 320 35.51 -20.23 -23.23
CA TRP A 320 34.60 -20.05 -24.35
C TRP A 320 35.25 -20.39 -25.67
N THR A 321 36.53 -20.05 -25.83
CA THR A 321 37.29 -20.43 -27.04
CA THR A 321 37.25 -20.45 -27.05
C THR A 321 37.46 -21.95 -27.10
N LYS A 322 37.81 -22.56 -25.98
CA LYS A 322 38.06 -24.00 -25.91
C LYS A 322 36.79 -24.82 -26.20
N VAL A 323 35.62 -24.32 -25.78
CA VAL A 323 34.36 -25.06 -25.88
C VAL A 323 33.56 -24.77 -27.17
N SER A 324 34.02 -23.81 -27.96
CA SER A 324 33.23 -23.34 -29.11
C SER A 324 33.03 -24.39 -30.21
N HIS A 325 33.97 -25.32 -30.37
CA HIS A 325 33.87 -26.38 -31.38
C HIS A 325 32.69 -27.29 -31.15
N LYS A 326 32.26 -27.41 -29.89
CA LYS A 326 31.15 -28.29 -29.53
C LYS A 326 29.78 -27.71 -29.91
N PHE A 327 29.75 -26.46 -30.34
CA PHE A 327 28.52 -25.88 -30.90
C PHE A 327 28.31 -26.25 -32.37
N THR A 328 29.30 -26.90 -32.98
CA THR A 328 29.15 -27.43 -34.33
C THR A 328 28.82 -28.93 -34.24
N ILE A 329 27.75 -29.33 -34.91
CA ILE A 329 27.34 -30.74 -34.91
C ILE A 329 28.23 -31.56 -35.83
N ARG A 330 29.04 -32.43 -35.23
CA ARG A 330 29.87 -33.39 -35.98
C ARG A 330 29.08 -34.69 -36.07
N GLY A 331 29.26 -35.43 -37.15
CA GLY A 331 28.53 -36.67 -37.34
C GLY A 331 27.02 -36.43 -37.36
N LEU A 332 26.25 -37.38 -36.86
CA LEU A 332 24.81 -37.21 -36.74
C LEU A 332 24.48 -36.85 -35.30
N PRO A 333 23.29 -36.24 -35.08
CA PRO A 333 22.76 -36.09 -33.73
C PRO A 333 22.48 -37.43 -33.06
N SER A 334 22.34 -37.43 -31.74
CA SER A 334 22.18 -38.66 -30.95
C SER A 334 21.01 -39.53 -31.40
N ASN A 335 19.94 -38.90 -31.89
CA ASN A 335 18.77 -39.65 -32.37
C ASN A 335 18.97 -40.24 -33.77
N ASN A 336 20.14 -40.01 -34.37
CA ASN A 336 20.49 -40.48 -35.71
C ASN A 336 19.59 -39.95 -36.81
N SER A 337 18.97 -38.80 -36.56
CA SER A 337 18.05 -38.22 -37.54
C SER A 337 18.53 -36.84 -37.97
N LEU A 338 18.19 -36.50 -39.21
CA LEU A 338 18.36 -35.16 -39.72
C LEU A 338 17.01 -34.44 -39.85
N ASP A 339 16.00 -34.92 -39.12
CA ASP A 339 14.69 -34.25 -39.02
C ASP A 339 14.83 -32.74 -38.84
N PHE A 340 15.76 -32.34 -38.00
CA PHE A 340 15.95 -30.95 -37.60
C PHE A 340 16.32 -29.99 -38.74
N LEU A 341 16.57 -30.52 -39.94
CA LEU A 341 16.87 -29.69 -41.11
C LEU A 341 15.63 -29.13 -41.82
N ASP A 342 14.45 -29.65 -41.47
CA ASP A 342 13.21 -29.24 -42.11
C ASP A 342 12.26 -28.58 -41.11
N ASP B 5 -17.04 3.31 3.01
CA ASP B 5 -18.28 4.11 3.31
C ASP B 5 -18.48 5.24 2.31
N GLU B 6 -17.45 6.06 2.11
CA GLU B 6 -17.56 7.21 1.20
C GLU B 6 -17.62 6.77 -0.26
N TYR B 7 -16.96 5.66 -0.56
CA TYR B 7 -16.97 5.10 -1.91
C TYR B 7 -18.37 4.65 -2.31
N THR B 8 -19.06 4.02 -1.36
CA THR B 8 -20.41 3.51 -1.58
C THR B 8 -21.38 4.65 -1.87
N LYS B 9 -21.30 5.71 -1.06
CA LYS B 9 -22.07 6.90 -1.26
C LYS B 9 -21.77 7.48 -2.64
N LEU B 10 -20.50 7.66 -2.93
CA LEU B 10 -20.08 8.25 -4.21
C LEU B 10 -20.60 7.45 -5.40
N LEU B 11 -20.58 6.12 -5.30
CA LEU B 11 -20.98 5.26 -6.42
C LEU B 11 -22.50 5.11 -6.56
N HIS B 12 -23.20 4.91 -5.46
CA HIS B 12 -24.62 4.57 -5.50
C HIS B 12 -25.61 5.67 -5.20
N ASP B 13 -25.21 6.68 -4.41
CA ASP B 13 -26.12 7.81 -4.10
C ASP B 13 -26.74 8.43 -5.36
N GLY B 14 -25.94 8.61 -6.42
CA GLY B 14 -26.43 9.17 -7.69
C GLY B 14 -25.97 10.61 -7.95
N ILE B 15 -25.31 10.84 -9.09
CA ILE B 15 -24.64 12.13 -9.38
C ILE B 15 -25.61 13.31 -9.60
N GLN B 16 -25.55 14.30 -8.71
CA GLN B 16 -26.47 15.43 -8.74
C GLN B 16 -26.25 16.38 -9.93
N PRO B 17 -27.34 16.99 -10.42
CA PRO B 17 -27.18 18.07 -11.39
C PRO B 17 -26.37 19.22 -10.80
N VAL B 18 -25.50 19.84 -11.59
CA VAL B 18 -24.62 20.89 -11.11
C VAL B 18 -25.35 22.05 -10.48
N ALA B 19 -26.49 22.43 -11.04
CA ALA B 19 -27.28 23.55 -10.50
C ALA B 19 -27.85 23.23 -9.12
N ALA B 20 -28.00 21.95 -8.79
CA ALA B 20 -28.47 21.54 -7.48
C ALA B 20 -27.39 21.69 -6.40
N ILE B 21 -26.12 21.69 -6.79
CA ILE B 21 -25.02 21.90 -5.84
C ILE B 21 -25.07 23.36 -5.33
N ASP B 22 -25.18 24.29 -6.27
CA ASP B 22 -25.42 25.67 -5.94
C ASP B 22 -25.97 26.29 -7.20
N SER B 23 -26.91 27.22 -7.06
CA SER B 23 -27.55 27.82 -8.22
C SER B 23 -26.54 28.65 -9.04
N ASN B 24 -25.50 29.13 -8.36
CA ASN B 24 -24.47 29.95 -8.99
C ASN B 24 -23.22 29.16 -9.39
N PHE B 25 -23.30 27.83 -9.35
CA PHE B 25 -22.13 26.93 -9.49
C PHE B 25 -21.35 27.11 -10.78
N ALA B 26 -22.06 27.41 -11.86
CA ALA B 26 -21.41 27.53 -13.16
C ALA B 26 -21.05 28.97 -13.49
N SER B 27 -21.10 29.86 -12.50
CA SER B 27 -20.72 31.27 -12.67
C SER B 27 -19.28 31.57 -12.27
N PHE B 28 -18.67 32.56 -12.91
CA PHE B 28 -17.35 33.05 -12.52
C PHE B 28 -17.33 33.66 -11.10
N THR B 29 -18.48 34.13 -10.62
CA THR B 29 -18.56 34.72 -9.28
C THR B 29 -18.61 33.65 -8.17
N TYR B 30 -18.85 32.40 -8.53
CA TYR B 30 -18.89 31.33 -7.55
C TYR B 30 -17.51 31.01 -6.94
N THR B 31 -17.48 30.85 -5.61
CA THR B 31 -16.29 30.42 -4.89
C THR B 31 -16.38 28.94 -4.53
N PRO B 32 -15.62 28.06 -5.23
CA PRO B 32 -15.69 26.63 -4.93
C PRO B 32 -15.14 26.22 -3.57
N ARG B 33 -14.28 27.04 -2.97
CA ARG B 33 -13.77 26.74 -1.63
C ARG B 33 -14.89 26.84 -0.58
N SER B 34 -16.03 27.43 -0.98
CA SER B 34 -17.24 27.44 -0.15
C SER B 34 -17.91 26.07 -0.05
N LEU B 35 -17.56 25.14 -0.93
CA LEU B 35 -18.18 23.82 -0.90
C LEU B 35 -17.50 23.01 0.20
N PRO B 36 -18.29 22.43 1.12
CA PRO B 36 -17.69 21.53 2.10
C PRO B 36 -16.81 20.49 1.45
N GLU B 37 -15.69 20.14 2.09
CA GLU B 37 -14.71 19.23 1.50
C GLU B 37 -15.30 17.85 1.29
N ASP B 38 -16.26 17.49 2.15
CA ASP B 38 -16.97 16.20 2.05
C ASP B 38 -17.81 16.05 0.78
N ASP B 39 -18.16 17.17 0.14
CA ASP B 39 -18.98 17.18 -1.07
C ASP B 39 -18.19 17.37 -2.36
N THR B 40 -16.89 17.59 -2.27
CA THR B 40 -16.10 17.93 -3.47
C THR B 40 -15.96 16.78 -4.47
N SER B 41 -15.72 15.56 -4.00
CA SER B 41 -15.66 14.40 -4.90
C SER B 41 -16.92 14.25 -5.75
N MET B 42 -18.08 14.39 -5.11
CA MET B 42 -19.38 14.34 -5.81
C MET B 42 -19.51 15.47 -6.84
N ALA B 43 -19.05 16.67 -6.46
CA ALA B 43 -19.02 17.80 -7.39
C ALA B 43 -18.12 17.55 -8.61
N ILE B 44 -17.01 16.86 -8.40
CA ILE B 44 -16.15 16.41 -9.51
C ILE B 44 -16.96 15.54 -10.47
N LEU B 45 -17.66 14.53 -9.93
CA LEU B 45 -18.52 13.69 -10.76
C LEU B 45 -19.60 14.53 -11.48
N SER B 46 -20.22 15.49 -10.78
CA SER B 46 -21.25 16.36 -11.37
C SER B 46 -20.76 17.16 -12.57
N MET B 47 -19.56 17.72 -12.48
CA MET B 47 -18.98 18.48 -13.58
C MET B 47 -18.64 17.61 -14.77
N LEU B 48 -18.01 16.46 -14.51
CA LEU B 48 -17.74 15.49 -15.57
C LEU B 48 -19.03 15.09 -16.30
N GLN B 49 -20.10 14.83 -15.54
CA GLN B 49 -21.40 14.47 -16.11
C GLN B 49 -21.96 15.60 -16.97
N ASP B 50 -21.87 16.83 -16.47
CA ASP B 50 -22.35 18.00 -17.20
C ASP B 50 -21.55 18.29 -18.47
N MET B 51 -20.26 17.94 -18.48
CA MET B 51 -19.42 18.07 -19.67
C MET B 51 -19.57 16.87 -20.61
N ASN B 52 -20.34 15.88 -20.18
CA ASN B 52 -20.67 14.67 -20.95
C ASN B 52 -19.52 13.66 -21.17
N PHE B 53 -18.40 13.82 -20.46
CA PHE B 53 -17.26 12.91 -20.59
C PHE B 53 -17.56 11.48 -20.15
N ILE B 54 -18.34 11.35 -19.09
CA ILE B 54 -18.67 10.03 -18.53
C ILE B 54 -19.44 9.20 -19.56
N ASN B 55 -20.58 9.76 -20.01
CA ASN B 55 -21.52 9.07 -20.90
C ASN B 55 -20.96 8.90 -22.30
N ASN B 56 -20.26 9.92 -22.81
CA ASN B 56 -19.60 9.78 -24.10
C ASN B 56 -18.57 8.66 -24.08
N TYR B 57 -17.59 8.79 -23.19
CA TYR B 57 -16.52 7.81 -23.11
C TYR B 57 -16.95 6.49 -22.42
N LYS B 58 -18.18 6.45 -21.91
CA LYS B 58 -18.67 5.27 -21.19
C LYS B 58 -17.71 4.88 -20.07
N ILE B 59 -17.20 5.89 -19.35
CA ILE B 59 -16.25 5.67 -18.27
C ILE B 59 -16.93 4.80 -17.21
N ASP B 60 -16.29 3.70 -16.84
CA ASP B 60 -16.84 2.81 -15.83
C ASP B 60 -17.08 3.57 -14.50
N CYS B 61 -18.32 3.57 -14.00
CA CYS B 61 -18.63 4.40 -12.83
C CYS B 61 -17.84 4.07 -11.58
N PRO B 62 -17.72 2.77 -11.22
CA PRO B 62 -16.86 2.38 -10.11
C PRO B 62 -15.42 2.85 -10.30
N THR B 63 -14.87 2.68 -11.50
CA THR B 63 -13.50 3.12 -11.80
C THR B 63 -13.34 4.64 -11.55
N LEU B 64 -14.27 5.43 -12.07
CA LEU B 64 -14.22 6.87 -11.89
C LEU B 64 -14.31 7.26 -10.40
N ALA B 65 -15.20 6.59 -9.65
CA ALA B 65 -15.31 6.86 -8.22
C ALA B 65 -13.99 6.56 -7.50
N ARG B 66 -13.42 5.39 -7.76
CA ARG B 66 -12.13 5.03 -7.17
C ARG B 66 -11.05 6.04 -7.56
N PHE B 67 -10.99 6.41 -8.83
CA PHE B 67 -9.98 7.38 -9.29
C PHE B 67 -10.11 8.71 -8.52
N CYS B 68 -11.32 9.26 -8.46
CA CYS B 68 -11.57 10.50 -7.73
C CYS B 68 -11.10 10.43 -6.29
N LEU B 69 -11.35 9.31 -5.61
CA LEU B 69 -10.97 9.19 -4.19
C LEU B 69 -9.47 9.00 -4.03
N MET B 70 -8.85 8.33 -4.98
CA MET B 70 -7.42 8.10 -4.94
C MET B 70 -6.66 9.40 -5.19
N VAL B 71 -7.18 10.23 -6.08
CA VAL B 71 -6.57 11.55 -6.33
C VAL B 71 -6.65 12.43 -5.10
N LYS B 72 -7.85 12.54 -4.52
CA LYS B 72 -8.06 13.31 -3.30
C LYS B 72 -7.12 12.86 -2.19
N LYS B 73 -7.02 11.55 -2.02
CA LYS B 73 -6.18 10.92 -1.01
C LYS B 73 -4.68 11.18 -1.25
N GLY B 74 -4.32 11.46 -2.51
CA GLY B 74 -2.92 11.66 -2.88
C GLY B 74 -2.39 13.07 -2.63
N TYR B 75 -3.23 13.94 -2.06
CA TYR B 75 -2.81 15.26 -1.60
C TYR B 75 -2.50 15.17 -0.11
N ARG B 76 -1.44 15.85 0.31
CA ARG B 76 -1.13 16.05 1.74
C ARG B 76 -1.87 17.28 2.21
N ASP B 77 -1.60 17.75 3.44
CA ASP B 77 -2.32 18.91 3.96
C ASP B 77 -1.47 20.14 4.29
N PRO B 78 -0.56 20.57 3.37
CA PRO B 78 0.08 21.87 3.62
C PRO B 78 -0.97 22.97 3.57
N PRO B 79 -0.65 24.20 4.04
CA PRO B 79 -1.73 25.16 4.11
C PRO B 79 -2.41 25.50 2.77
N TYR B 80 -1.63 25.61 1.68
CA TYR B 80 -2.20 25.93 0.37
C TYR B 80 -2.29 24.75 -0.62
N HIS B 81 -1.20 24.01 -0.84
CA HIS B 81 -1.16 22.98 -1.89
C HIS B 81 -1.76 21.67 -1.41
N ASN B 82 -3.06 21.71 -1.18
CA ASN B 82 -3.83 20.54 -0.70
C ASN B 82 -4.96 20.22 -1.69
N TRP B 83 -5.82 19.25 -1.36
CA TRP B 83 -6.92 18.85 -2.25
C TRP B 83 -7.87 19.97 -2.61
N MET B 84 -8.22 20.81 -1.63
CA MET B 84 -9.11 21.96 -1.91
C MET B 84 -8.54 22.90 -3.00
N HIS B 85 -7.23 23.06 -3.07
CA HIS B 85 -6.63 23.79 -4.19
C HIS B 85 -6.94 23.09 -5.48
N ALA B 86 -6.66 21.79 -5.53
CA ALA B 86 -6.87 21.02 -6.74
C ALA B 86 -8.33 21.02 -7.18
N PHE B 87 -9.24 20.91 -6.22
CA PHE B 87 -10.67 20.97 -6.50
C PHE B 87 -11.09 22.32 -7.09
N SER B 88 -10.64 23.40 -6.47
CA SER B 88 -11.00 24.73 -6.94
C SER B 88 -10.38 25.02 -8.33
N VAL B 89 -9.17 24.50 -8.56
CA VAL B 89 -8.52 24.61 -9.88
C VAL B 89 -9.33 23.85 -10.95
N SER B 90 -9.80 22.65 -10.60
CA SER B 90 -10.62 21.84 -11.49
C SER B 90 -11.96 22.52 -11.76
N HIS B 91 -12.55 23.07 -10.71
CA HIS B 91 -13.78 23.84 -10.88
C HIS B 91 -13.60 24.95 -11.87
N PHE B 92 -12.47 25.63 -11.81
CA PHE B 92 -12.25 26.72 -12.77
C PHE B 92 -12.17 26.21 -14.19
N CYS B 93 -11.54 25.06 -14.38
CA CYS B 93 -11.52 24.40 -15.68
C CYS B 93 -12.94 24.23 -16.23
N TYR B 94 -13.83 23.70 -15.38
CA TYR B 94 -15.24 23.55 -15.69
C TYR B 94 -15.87 24.90 -16.06
N LEU B 95 -15.60 25.95 -15.27
CA LEU B 95 -16.12 27.29 -15.60
C LEU B 95 -15.69 27.75 -17.00
N LEU B 96 -14.42 27.54 -17.33
CA LEU B 96 -13.91 27.92 -18.65
C LEU B 96 -14.65 27.15 -19.74
N TYR B 97 -14.87 25.86 -19.50
CA TYR B 97 -15.60 25.03 -20.46
C TYR B 97 -17.00 25.60 -20.73
N LYS B 98 -17.75 25.84 -19.66
CA LYS B 98 -19.12 26.33 -19.77
C LYS B 98 -19.17 27.74 -20.34
N ASN B 99 -18.42 28.65 -19.74
CA ASN B 99 -18.55 30.07 -20.06
C ASN B 99 -17.80 30.52 -21.31
N LEU B 100 -16.66 29.89 -21.60
CA LEU B 100 -15.91 30.28 -22.80
C LEU B 100 -16.20 29.35 -23.98
N GLU B 101 -17.04 28.34 -23.77
CA GLU B 101 -17.45 27.42 -24.82
C GLU B 101 -16.23 26.79 -25.49
N LEU B 102 -15.42 26.12 -24.67
CA LEU B 102 -14.14 25.56 -25.12
C LEU B 102 -14.27 24.48 -26.19
N THR B 103 -15.45 23.88 -26.33
CA THR B 103 -15.68 22.87 -27.38
C THR B 103 -15.57 23.46 -28.77
N ASN B 104 -15.72 24.78 -28.89
CA ASN B 104 -15.53 25.45 -30.17
C ASN B 104 -14.06 25.70 -30.48
N TYR B 105 -13.19 25.44 -29.51
CA TYR B 105 -11.77 25.77 -29.64
C TYR B 105 -10.83 24.57 -29.57
N LEU B 106 -11.16 23.58 -28.74
CA LEU B 106 -10.30 22.40 -28.54
C LEU B 106 -11.10 21.11 -28.70
N GLU B 107 -10.41 20.02 -28.98
CA GLU B 107 -11.09 18.72 -29.09
C GLU B 107 -11.43 18.22 -27.68
N ASP B 108 -12.46 17.38 -27.59
CA ASP B 108 -12.87 16.82 -26.30
C ASP B 108 -11.71 16.16 -25.57
N ILE B 109 -10.89 15.40 -26.30
CA ILE B 109 -9.77 14.70 -25.66
C ILE B 109 -8.83 15.71 -24.99
N GLU B 110 -8.66 16.87 -25.61
CA GLU B 110 -7.83 17.92 -25.02
C GLU B 110 -8.45 18.53 -23.78
N ILE B 111 -9.75 18.76 -23.83
CA ILE B 111 -10.48 19.34 -22.68
C ILE B 111 -10.47 18.37 -21.51
N PHE B 112 -10.66 17.08 -21.83
CA PHE B 112 -10.65 16.00 -20.84
C PHE B 112 -9.29 15.90 -20.17
N ALA B 113 -8.21 15.97 -20.96
CA ALA B 113 -6.85 15.98 -20.45
C ALA B 113 -6.59 17.13 -19.49
N LEU B 114 -7.02 18.33 -19.87
CA LEU B 114 -6.91 19.52 -19.01
C LEU B 114 -7.60 19.34 -17.67
N PHE B 115 -8.85 18.87 -17.72
CA PHE B 115 -9.62 18.76 -16.50
C PHE B 115 -8.96 17.76 -15.57
N ILE B 116 -8.65 16.57 -16.10
CA ILE B 116 -7.95 15.54 -15.33
C ILE B 116 -6.59 16.04 -14.82
N SER B 117 -5.83 16.74 -15.66
CA SER B 117 -4.59 17.35 -15.20
C SER B 117 -4.85 18.28 -14.00
N CYS B 118 -5.88 19.12 -14.08
CA CYS B 118 -6.25 20.01 -12.97
C CYS B 118 -6.42 19.24 -11.66
N MET B 119 -7.11 18.12 -11.72
CA MET B 119 -7.29 17.30 -10.52
C MET B 119 -5.94 16.81 -9.95
N CYS B 120 -5.03 16.45 -10.85
CA CYS B 120 -3.82 15.78 -10.46
C CYS B 120 -2.62 16.70 -10.32
N HIS B 121 -2.73 17.97 -10.69
CA HIS B 121 -1.52 18.75 -11.05
C HIS B 121 -0.58 19.10 -9.90
N ASP B 122 -1.03 18.95 -8.64
CA ASP B 122 -0.21 19.19 -7.45
C ASP B 122 -0.12 17.96 -6.54
N LEU B 123 -0.33 16.77 -7.09
CA LEU B 123 -0.34 15.53 -6.27
C LEU B 123 0.93 15.34 -5.43
N ASP B 124 0.71 15.02 -4.16
CA ASP B 124 1.79 14.76 -3.19
C ASP B 124 2.73 15.97 -2.95
N HIS B 125 2.18 17.17 -3.11
CA HIS B 125 2.89 18.41 -2.77
C HIS B 125 3.18 18.39 -1.29
N ARG B 126 4.38 18.77 -0.87
CA ARG B 126 4.75 18.73 0.55
C ARG B 126 4.82 20.14 1.14
N GLY B 127 4.39 21.12 0.36
CA GLY B 127 4.45 22.51 0.79
C GLY B 127 5.81 23.17 0.61
N THR B 128 6.66 22.58 -0.23
CA THR B 128 7.97 23.15 -0.57
C THR B 128 8.13 23.26 -2.09
N ASN B 129 8.86 24.28 -2.54
CA ASN B 129 8.97 24.56 -3.99
C ASN B 129 10.12 23.81 -4.68
N ASN B 130 10.33 24.07 -5.97
CA ASN B 130 11.38 23.40 -6.75
C ASN B 130 12.80 23.72 -6.28
N SER B 131 13.06 25.00 -6.01
CA SER B 131 14.36 25.42 -5.49
C SER B 131 14.73 24.62 -4.22
N PHE B 132 13.76 24.39 -3.34
CA PHE B 132 14.00 23.58 -2.14
C PHE B 132 14.43 22.16 -2.46
N GLN B 133 13.73 21.51 -3.39
CA GLN B 133 14.05 20.12 -3.81
C GLN B 133 15.50 20.02 -4.30
N VAL B 134 15.92 21.01 -5.08
CA VAL B 134 17.26 21.02 -5.65
C VAL B 134 18.35 21.29 -4.60
N ALA B 135 18.13 22.32 -3.78
CA ALA B 135 19.09 22.71 -2.75
C ALA B 135 19.30 21.60 -1.72
N SER B 136 18.23 20.87 -1.42
CA SER B 136 18.29 19.84 -0.37
C SER B 136 18.64 18.45 -0.91
N LYS B 137 18.86 18.34 -2.22
CA LYS B 137 19.16 17.05 -2.86
C LYS B 137 18.09 16.02 -2.53
N SER B 138 16.83 16.40 -2.73
CA SER B 138 15.70 15.49 -2.48
C SER B 138 15.70 14.36 -3.49
N VAL B 139 15.03 13.26 -3.12
CA VAL B 139 14.83 12.11 -4.03
C VAL B 139 14.19 12.53 -5.36
N LEU B 140 13.26 13.49 -5.29
CA LEU B 140 12.59 14.00 -6.49
C LEU B 140 13.58 14.72 -7.43
N ALA B 141 14.45 15.54 -6.86
CA ALA B 141 15.53 16.21 -7.62
C ALA B 141 16.56 15.19 -8.11
N ALA B 142 16.73 14.10 -7.35
CA ALA B 142 17.58 12.97 -7.76
C ALA B 142 17.12 12.27 -9.03
N LEU B 143 15.80 12.06 -9.15
CA LEU B 143 15.21 11.36 -10.30
C LEU B 143 15.09 12.26 -11.54
N TYR B 144 14.82 13.54 -11.30
CA TYR B 144 14.55 14.51 -12.36
C TYR B 144 15.57 15.64 -12.27
N SER B 145 16.83 15.27 -12.49
CA SER B 145 17.95 16.18 -12.35
C SER B 145 17.99 17.21 -13.48
N SER B 146 17.87 16.74 -14.72
CA SER B 146 18.18 17.55 -15.91
C SER B 146 17.28 18.77 -16.15
N GLU B 147 16.06 18.54 -16.61
CA GLU B 147 15.26 19.58 -17.26
C GLU B 147 14.44 20.50 -16.33
N GLY B 148 14.71 20.45 -15.02
CA GLY B 148 13.98 21.31 -14.07
C GLY B 148 12.50 20.93 -13.95
N SER B 149 11.73 21.77 -13.26
CA SER B 149 10.33 21.50 -12.95
C SER B 149 10.19 20.19 -12.15
N VAL B 150 10.93 20.10 -11.05
CA VAL B 150 11.08 18.85 -10.31
C VAL B 150 9.75 18.37 -9.70
N MET B 151 9.05 19.28 -9.03
CA MET B 151 7.75 18.94 -8.44
C MET B 151 6.73 18.55 -9.51
N GLU B 152 6.76 19.24 -10.65
CA GLU B 152 5.74 19.01 -11.67
C GLU B 152 5.94 17.66 -12.36
N ARG B 153 7.20 17.26 -12.51
CA ARG B 153 7.53 15.91 -12.98
C ARG B 153 6.98 14.87 -12.00
N HIS B 154 7.13 15.12 -10.71
CA HIS B 154 6.59 14.24 -9.67
C HIS B 154 5.07 14.19 -9.65
N HIS B 155 4.41 15.33 -9.82
CA HIS B 155 2.93 15.36 -9.82
C HIS B 155 2.40 14.50 -10.95
N PHE B 156 3.03 14.61 -12.11
CA PHE B 156 2.73 13.76 -13.25
C PHE B 156 3.00 12.28 -12.90
N ALA B 157 4.16 11.97 -12.32
CA ALA B 157 4.46 10.59 -11.92
C ALA B 157 3.40 10.01 -10.97
N GLN B 158 2.97 10.81 -10.00
CA GLN B 158 1.91 10.38 -9.08
C GLN B 158 0.60 10.12 -9.81
N ALA B 159 0.29 10.94 -10.81
CA ALA B 159 -0.92 10.81 -11.58
C ALA B 159 -0.90 9.49 -12.36
N ILE B 160 0.25 9.18 -12.94
CA ILE B 160 0.41 7.96 -13.74
C ILE B 160 0.23 6.72 -12.86
N ALA B 161 0.76 6.78 -11.64
CA ALA B 161 0.71 5.64 -10.72
C ALA B 161 -0.73 5.35 -10.35
N ILE B 162 -1.51 6.40 -10.14
CA ILE B 162 -2.94 6.25 -9.87
C ILE B 162 -3.66 5.62 -11.05
N LEU B 163 -3.38 6.10 -12.26
CA LEU B 163 -4.01 5.53 -13.46
C LEU B 163 -3.66 4.04 -13.61
N ASN B 164 -2.48 3.66 -13.16
CA ASN B 164 -2.03 2.25 -13.24
C ASN B 164 -2.32 1.42 -12.00
N THR B 165 -3.12 1.95 -11.09
CA THR B 165 -3.55 1.20 -9.92
C THR B 165 -4.80 0.43 -10.28
N HIS B 166 -4.84 -0.83 -9.85
CA HIS B 166 -5.97 -1.71 -10.15
C HIS B 166 -7.26 -1.02 -9.81
N GLY B 167 -8.15 -0.93 -10.79
CA GLY B 167 -9.48 -0.35 -10.59
C GLY B 167 -9.61 1.16 -10.74
N CYS B 168 -8.54 1.84 -11.14
CA CYS B 168 -8.54 3.30 -11.23
C CYS B 168 -8.29 3.84 -12.63
N ASN B 169 -8.21 2.95 -13.63
CA ASN B 169 -7.86 3.40 -14.98
C ASN B 169 -9.06 3.95 -15.76
N ILE B 170 -9.35 5.22 -15.52
CA ILE B 170 -10.39 5.96 -16.24
C ILE B 170 -10.09 6.22 -17.71
N PHE B 171 -8.87 5.93 -18.17
CA PHE B 171 -8.53 6.05 -19.60
C PHE B 171 -8.58 4.73 -20.38
N ASP B 172 -9.13 3.66 -19.81
CA ASP B 172 -8.99 2.41 -20.51
C ASP B 172 -9.96 2.25 -21.70
N HIS B 173 -10.95 3.14 -21.83
CA HIS B 173 -11.80 3.14 -23.01
CA HIS B 173 -11.82 3.21 -23.01
C HIS B 173 -11.09 3.69 -24.23
N PHE B 174 -9.90 4.29 -24.05
CA PHE B 174 -9.16 4.88 -25.18
C PHE B 174 -8.38 3.80 -25.95
N SER B 175 -8.29 3.97 -27.26
CA SER B 175 -7.39 3.18 -28.09
C SER B 175 -5.96 3.35 -27.56
N ARG B 176 -5.04 2.47 -27.95
CA ARG B 176 -3.62 2.62 -27.55
C ARG B 176 -3.05 3.96 -28.03
N LYS B 177 -3.43 4.41 -29.23
CA LYS B 177 -2.93 5.70 -29.72
C LYS B 177 -3.45 6.89 -28.86
N ASP B 178 -4.76 6.90 -28.58
CA ASP B 178 -5.32 7.96 -27.75
C ASP B 178 -4.84 7.94 -26.28
N TYR B 179 -4.58 6.75 -25.75
CA TYR B 179 -4.01 6.60 -24.40
C TYR B 179 -2.64 7.29 -24.34
N GLN B 180 -1.82 7.04 -25.36
CA GLN B 180 -0.53 7.71 -25.44
C GLN B 180 -0.73 9.22 -25.55
N ARG B 181 -1.67 9.65 -26.37
CA ARG B 181 -1.95 11.08 -26.49
C ARG B 181 -2.34 11.70 -25.15
N MET B 182 -3.19 11.01 -24.37
CA MET B 182 -3.60 11.49 -23.05
C MET B 182 -2.43 11.62 -22.09
N LEU B 183 -1.56 10.61 -22.09
CA LEU B 183 -0.40 10.62 -21.22
C LEU B 183 0.52 11.81 -21.56
N ASP B 184 0.75 12.01 -22.85
CA ASP B 184 1.58 13.11 -23.33
C ASP B 184 0.95 14.49 -23.10
N LEU B 185 -0.38 14.59 -23.22
CA LEU B 185 -1.11 15.81 -22.89
C LEU B 185 -1.01 16.15 -21.39
N MET B 186 -1.25 15.16 -20.54
CA MET B 186 -1.14 15.35 -19.11
C MET B 186 0.25 15.79 -18.69
N ARG B 187 1.27 15.22 -19.30
CA ARG B 187 2.63 15.64 -18.97
C ARG B 187 2.86 17.09 -19.36
N ASP B 188 2.48 17.45 -20.57
CA ASP B 188 2.66 18.83 -21.03
C ASP B 188 1.89 19.84 -20.16
N ILE B 189 0.65 19.51 -19.81
CA ILE B 189 -0.22 20.46 -19.11
C ILE B 189 0.25 20.62 -17.65
N ILE B 190 0.53 19.49 -17.00
CA ILE B 190 1.06 19.53 -15.63
C ILE B 190 2.41 20.26 -15.61
N LEU B 191 3.27 19.98 -16.57
CA LEU B 191 4.55 20.72 -16.68
C LEU B 191 4.36 22.24 -16.87
N ALA B 192 3.25 22.62 -17.52
CA ALA B 192 2.92 24.03 -17.72
C ALA B 192 2.62 24.79 -16.42
N THR B 193 2.31 24.06 -15.33
CA THR B 193 1.98 24.70 -14.05
C THR B 193 3.22 25.24 -13.34
N ASP B 194 4.43 24.89 -13.83
CA ASP B 194 5.63 25.57 -13.40
C ASP B 194 5.60 26.97 -14.01
N LEU B 195 5.49 27.99 -13.17
CA LEU B 195 5.43 29.37 -13.66
C LEU B 195 6.74 29.76 -14.37
N ALA B 196 7.83 29.01 -14.12
CA ALA B 196 9.05 29.17 -14.90
C ALA B 196 8.74 28.85 -16.36
N HIS B 197 7.91 27.85 -16.58
CA HIS B 197 7.52 27.48 -17.93
C HIS B 197 6.68 28.54 -18.57
N HIS B 198 5.70 29.07 -17.81
CA HIS B 198 4.82 30.13 -18.31
C HIS B 198 5.59 31.35 -18.75
N LEU B 199 6.60 31.72 -17.98
CA LEU B 199 7.36 32.92 -18.28
C LEU B 199 8.17 32.70 -19.56
N ARG B 200 8.64 31.47 -19.78
CA ARG B 200 9.35 31.12 -21.00
C ARG B 200 8.47 31.16 -22.26
N ILE B 201 7.18 30.85 -22.15
CA ILE B 201 6.28 30.83 -23.33
C ILE B 201 5.43 32.10 -23.43
N PHE B 202 5.64 33.02 -22.49
CA PHE B 202 4.83 34.23 -22.40
C PHE B 202 4.80 34.96 -23.72
N LYS B 203 5.98 35.20 -24.31
CA LYS B 203 6.06 35.88 -25.60
C LYS B 203 5.31 35.14 -26.72
N ASP B 204 5.41 33.81 -26.75
CA ASP B 204 4.63 33.01 -27.71
C ASP B 204 3.09 33.13 -27.46
N LEU B 205 2.66 33.19 -26.19
CA LEU B 205 1.26 33.44 -25.84
C LEU B 205 0.81 34.81 -26.28
N GLN B 206 1.68 35.80 -26.10
CA GLN B 206 1.38 37.17 -26.55
C GLN B 206 1.15 37.23 -28.05
N LYS B 207 1.98 36.52 -28.81
CA LYS B 207 1.85 36.51 -30.27
C LYS B 207 0.54 35.87 -30.69
N MET B 208 0.18 34.76 -30.05
CA MET B 208 -1.07 34.08 -30.35
C MET B 208 -2.28 34.99 -30.09
N ALA B 209 -2.27 35.70 -28.97
CA ALA B 209 -3.35 36.65 -28.63
C ALA B 209 -3.43 37.80 -29.64
N GLU B 210 -2.28 38.25 -30.13
CA GLU B 210 -2.21 39.35 -31.10
C GLU B 210 -2.78 38.95 -32.46
N VAL B 211 -2.39 37.77 -32.94
CA VAL B 211 -2.84 37.27 -34.25
C VAL B 211 -4.21 36.59 -34.19
N GLY B 212 -4.56 36.04 -33.03
CA GLY B 212 -5.84 35.36 -32.85
C GLY B 212 -5.68 33.86 -32.90
N TYR B 213 -6.38 33.16 -32.02
CA TYR B 213 -6.32 31.70 -31.97
C TYR B 213 -6.80 31.05 -33.27
N ASP B 214 -6.03 30.09 -33.75
CA ASP B 214 -6.35 29.33 -34.96
C ASP B 214 -6.53 27.85 -34.59
N ARG B 215 -7.76 27.36 -34.63
CA ARG B 215 -8.04 25.98 -34.23
C ARG B 215 -7.30 24.96 -35.12
N ASN B 216 -7.01 25.34 -36.36
CA ASN B 216 -6.23 24.50 -37.28
C ASN B 216 -4.72 24.54 -37.06
N ASN B 217 -4.25 25.38 -36.14
CA ASN B 217 -2.83 25.49 -35.85
C ASN B 217 -2.49 24.69 -34.59
N LYS B 218 -1.70 23.62 -34.74
CA LYS B 218 -1.41 22.71 -33.63
C LYS B 218 -0.57 23.35 -32.51
N GLN B 219 0.31 24.29 -32.86
CA GLN B 219 1.06 25.05 -31.86
C GLN B 219 0.13 25.92 -30.98
N HIS B 220 -0.92 26.48 -31.59
CA HIS B 220 -1.92 27.24 -30.83
C HIS B 220 -2.68 26.39 -29.83
N HIS B 221 -3.04 25.16 -30.21
CA HIS B 221 -3.63 24.19 -29.27
C HIS B 221 -2.77 24.02 -28.05
N ARG B 222 -1.46 23.81 -28.27
CA ARG B 222 -0.52 23.51 -27.17
C ARG B 222 -0.36 24.71 -26.25
N LEU B 223 -0.19 25.88 -26.85
CA LEU B 223 -0.08 27.13 -26.11
C LEU B 223 -1.37 27.45 -25.37
N LEU B 224 -2.51 27.24 -26.00
CA LEU B 224 -3.78 27.55 -25.36
C LEU B 224 -3.98 26.64 -24.14
N LEU B 225 -3.63 25.37 -24.27
CA LEU B 225 -3.73 24.44 -23.11
C LEU B 225 -2.88 24.90 -21.96
N CYS B 226 -1.65 25.35 -22.23
CA CYS B 226 -0.79 25.89 -21.16
C CYS B 226 -1.43 27.13 -20.50
N LEU B 227 -1.89 28.09 -21.31
CA LEU B 227 -2.46 29.32 -20.76
C LEU B 227 -3.70 29.00 -19.92
N LEU B 228 -4.56 28.11 -20.40
CA LEU B 228 -5.77 27.70 -19.65
C LEU B 228 -5.43 27.05 -18.30
N MET B 229 -4.44 26.16 -18.32
CA MET B 229 -3.97 25.52 -17.10
C MET B 229 -3.47 26.54 -16.08
N THR B 230 -2.65 27.50 -16.51
CA THR B 230 -2.21 28.57 -15.62
C THR B 230 -3.36 29.41 -15.07
N SER B 231 -4.30 29.73 -15.94
CA SER B 231 -5.51 30.46 -15.57
C SER B 231 -6.28 29.71 -14.48
N CYS B 232 -6.33 28.39 -14.55
CA CYS B 232 -7.00 27.58 -13.53
C CYS B 232 -6.20 27.59 -12.23
N ASP B 233 -4.86 27.49 -12.35
CA ASP B 233 -3.97 27.40 -11.18
C ASP B 233 -3.96 28.66 -10.31
N LEU B 234 -4.13 29.82 -10.93
CA LEU B 234 -4.16 31.10 -10.20
C LEU B 234 -5.57 31.66 -10.00
N SER B 235 -6.58 30.82 -10.17
CA SER B 235 -7.95 31.31 -10.31
C SER B 235 -8.55 31.89 -9.01
N ASP B 236 -7.94 31.54 -7.88
CA ASP B 236 -8.28 32.15 -6.59
C ASP B 236 -8.18 33.67 -6.62
N GLN B 237 -7.35 34.21 -7.51
CA GLN B 237 -7.20 35.67 -7.63
C GLN B 237 -8.32 36.35 -8.43
N THR B 238 -9.22 35.58 -9.03
CA THR B 238 -10.31 36.10 -9.84
C THR B 238 -11.64 36.17 -9.08
N LYS B 239 -11.60 35.83 -7.79
CA LYS B 239 -12.78 35.86 -6.95
C LYS B 239 -12.81 37.22 -6.21
N GLY B 240 -13.44 37.27 -5.04
CA GLY B 240 -13.52 38.51 -4.26
C GLY B 240 -12.32 38.73 -3.35
N TRP B 241 -12.33 39.86 -2.65
CA TRP B 241 -11.27 40.21 -1.71
C TRP B 241 -11.08 39.15 -0.67
N LYS B 242 -12.19 38.69 -0.08
CA LYS B 242 -12.13 37.71 1.00
C LYS B 242 -11.32 36.48 0.63
N THR B 243 -11.43 36.04 -0.62
CA THR B 243 -10.69 34.87 -1.09
C THR B 243 -9.21 35.18 -1.26
N THR B 244 -8.87 36.29 -1.90
CA THR B 244 -7.47 36.64 -2.10
C THR B 244 -6.76 36.84 -0.76
N ARG B 245 -7.49 37.34 0.23
CA ARG B 245 -6.93 37.56 1.56
C ARG B 245 -6.67 36.23 2.27
N LYS B 246 -7.64 35.34 2.24
CA LYS B 246 -7.52 34.04 2.87
C LYS B 246 -6.43 33.23 2.18
N ILE B 247 -6.34 33.34 0.86
CA ILE B 247 -5.35 32.58 0.11
C ILE B 247 -3.92 33.13 0.36
N ALA B 248 -3.80 34.43 0.60
CA ALA B 248 -2.49 35.00 0.97
C ALA B 248 -2.02 34.44 2.31
N GLU B 249 -2.94 34.27 3.26
CA GLU B 249 -2.57 33.73 4.56
C GLU B 249 -2.10 32.26 4.45
N LEU B 250 -2.68 31.49 3.52
CA LEU B 250 -2.27 30.09 3.33
C LEU B 250 -0.90 30.02 2.63
N ILE B 251 -0.77 30.77 1.54
CA ILE B 251 0.46 30.84 0.77
C ILE B 251 1.64 31.23 1.65
N TYR B 252 1.51 32.31 2.42
CA TYR B 252 2.64 32.80 3.21
C TYR B 252 2.95 31.90 4.38
N LYS B 253 1.93 31.30 4.99
CA LYS B 253 2.17 30.28 6.01
C LYS B 253 3.00 29.13 5.45
N GLU B 254 2.66 28.66 4.25
CA GLU B 254 3.40 27.58 3.63
C GLU B 254 4.83 28.05 3.30
N PHE B 255 4.95 29.23 2.70
CA PHE B 255 6.26 29.78 2.33
C PHE B 255 7.18 29.91 3.54
N PHE B 256 6.65 30.51 4.61
CA PHE B 256 7.48 30.72 5.81
C PHE B 256 7.86 29.43 6.50
N SER B 257 7.02 28.41 6.45
CA SER B 257 7.46 27.09 6.94
C SER B 257 8.74 26.67 6.24
N GLN B 258 8.74 26.70 4.90
CA GLN B 258 9.93 26.36 4.11
C GLN B 258 11.16 27.19 4.53
N GLY B 259 10.99 28.51 4.60
CA GLY B 259 12.07 29.39 5.02
C GLY B 259 12.69 28.98 6.34
N ASP B 260 11.83 28.73 7.34
CA ASP B 260 12.30 28.27 8.65
C ASP B 260 13.13 26.99 8.54
N LEU B 261 12.62 26.03 7.77
CA LEU B 261 13.33 24.78 7.55
C LEU B 261 14.68 25.07 6.89
N GLU B 262 14.68 25.94 5.88
CA GLU B 262 15.90 26.30 5.18
C GLU B 262 16.95 26.96 6.11
N LYS B 263 16.51 27.87 6.97
CA LYS B 263 17.43 28.48 7.95
C LYS B 263 18.09 27.43 8.84
N ALA B 264 17.29 26.49 9.34
CA ALA B 264 17.75 25.45 10.26
C ALA B 264 18.80 24.52 9.62
N MET B 265 18.64 24.25 8.33
CA MET B 265 19.59 23.37 7.65
C MET B 265 20.78 24.13 7.09
N GLY B 266 20.75 25.46 7.18
CA GLY B 266 21.88 26.29 6.80
C GLY B 266 21.84 26.82 5.37
N ASN B 267 20.65 26.86 4.77
CA ASN B 267 20.49 27.52 3.47
C ASN B 267 19.78 28.85 3.65
N ARG B 268 20.13 29.84 2.82
CA ARG B 268 19.48 31.14 2.84
C ARG B 268 18.20 31.07 2.02
N PRO B 269 17.06 31.40 2.64
CA PRO B 269 15.81 31.39 1.88
C PRO B 269 15.62 32.63 1.02
N MET B 270 14.75 32.52 0.04
CA MET B 270 14.28 33.68 -0.71
C MET B 270 13.63 34.64 0.31
N GLU B 271 13.70 35.94 0.03
CA GLU B 271 13.03 36.93 0.89
C GLU B 271 11.55 36.62 1.12
N MET B 272 10.82 36.18 0.09
CA MET B 272 9.39 35.97 0.22
C MET B 272 9.03 34.77 1.12
N MET B 273 10.05 33.96 1.44
CA MET B 273 9.90 32.84 2.35
C MET B 273 10.51 33.11 3.73
N ASP B 274 11.05 34.30 3.92
CA ASP B 274 11.68 34.69 5.20
C ASP B 274 10.69 35.56 5.99
N ARG B 275 10.09 34.97 7.03
CA ARG B 275 9.08 35.67 7.80
C ARG B 275 9.61 36.94 8.50
N GLU B 276 10.93 37.08 8.58
CA GLU B 276 11.54 38.24 9.26
C GLU B 276 11.80 39.39 8.28
N LYS B 277 11.81 39.08 6.98
CA LYS B 277 12.10 40.06 5.95
C LYS B 277 10.89 40.33 5.05
N ALA B 278 10.09 39.28 4.77
CA ALA B 278 8.95 39.38 3.87
C ALA B 278 7.95 40.46 4.31
N TYR B 279 7.58 41.31 3.36
CA TYR B 279 6.57 42.31 3.58
C TYR B 279 5.42 42.02 2.61
N ILE B 280 4.38 41.36 3.13
CA ILE B 280 3.32 40.76 2.31
C ILE B 280 2.67 41.65 1.26
N PRO B 281 2.31 42.91 1.62
CA PRO B 281 1.72 43.85 0.66
C PRO B 281 2.48 44.02 -0.65
N GLU B 282 3.77 44.33 -0.55
CA GLU B 282 4.61 44.51 -1.74
C GLU B 282 4.75 43.21 -2.51
N LEU B 283 4.88 42.10 -1.79
CA LEU B 283 5.06 40.79 -2.44
C LEU B 283 3.80 40.44 -3.24
N GLN B 284 2.63 40.67 -2.64
CA GLN B 284 1.35 40.38 -3.28
C GLN B 284 1.09 41.30 -4.45
N ILE B 285 1.37 42.59 -4.25
CA ILE B 285 1.13 43.56 -5.31
C ILE B 285 1.99 43.26 -6.54
N SER B 286 3.25 42.93 -6.32
CA SER B 286 4.14 42.61 -7.43
C SER B 286 3.77 41.26 -8.10
N PHE B 287 3.28 40.30 -7.31
CA PHE B 287 2.78 39.05 -7.88
C PHE B 287 1.58 39.30 -8.79
N MET B 288 0.67 40.17 -8.33
CA MET B 288 -0.55 40.47 -9.08
C MET B 288 -0.23 41.26 -10.36
N GLU B 289 0.62 42.28 -10.25
CA GLU B 289 0.99 43.10 -11.42
C GLU B 289 1.80 42.36 -12.47
N HIS B 290 2.77 41.56 -12.02
CA HIS B 290 3.75 40.98 -12.95
C HIS B 290 3.48 39.56 -13.39
N ILE B 291 2.69 38.81 -12.62
CA ILE B 291 2.34 37.43 -12.99
C ILE B 291 0.84 37.27 -13.25
N ALA B 292 0.02 37.52 -12.25
CA ALA B 292 -1.40 37.21 -12.36
C ALA B 292 -2.11 38.06 -13.42
N MET B 293 -1.98 39.39 -13.35
CA MET B 293 -2.74 40.26 -14.25
C MET B 293 -2.43 39.98 -15.75
N PRO B 294 -1.14 39.82 -16.11
CA PRO B 294 -0.89 39.58 -17.53
C PRO B 294 -1.47 38.26 -18.06
N ILE B 295 -1.52 37.24 -17.22
CA ILE B 295 -2.19 35.98 -17.57
C ILE B 295 -3.66 36.21 -17.92
N TYR B 296 -4.39 36.93 -17.07
CA TYR B 296 -5.82 37.16 -17.35
C TYR B 296 -6.04 38.21 -18.45
N LYS B 297 -5.05 39.05 -18.67
CA LYS B 297 -5.09 39.96 -19.81
C LYS B 297 -5.02 39.17 -21.11
N LEU B 298 -4.10 38.21 -21.18
CA LEU B 298 -4.01 37.30 -22.33
C LEU B 298 -5.32 36.54 -22.54
N LEU B 299 -5.91 36.02 -21.46
CA LEU B 299 -7.13 35.24 -21.57
C LEU B 299 -8.25 36.09 -22.18
N GLN B 300 -8.36 37.31 -21.69
CA GLN B 300 -9.31 38.29 -22.23
C GLN B 300 -9.06 38.64 -23.71
N ASP B 301 -7.81 38.85 -24.10
CA ASP B 301 -7.48 39.15 -25.50
C ASP B 301 -7.91 37.98 -26.41
N LEU B 302 -7.79 36.75 -25.91
CA LEU B 302 -8.22 35.55 -26.67
C LEU B 302 -9.71 35.23 -26.53
N PHE B 303 -10.30 35.56 -25.39
CA PHE B 303 -11.71 35.29 -25.11
C PHE B 303 -12.38 36.51 -24.49
N PRO B 304 -13.03 37.37 -25.32
CA PRO B 304 -13.73 38.54 -24.77
C PRO B 304 -14.61 38.25 -23.53
N LYS B 305 -15.23 37.07 -23.49
CA LYS B 305 -16.07 36.69 -22.34
C LYS B 305 -15.27 36.49 -21.04
N ALA B 306 -13.94 36.45 -21.14
CA ALA B 306 -13.08 36.38 -19.95
C ALA B 306 -12.73 37.77 -19.36
N ALA B 307 -13.31 38.85 -19.88
CA ALA B 307 -12.97 40.21 -19.42
C ALA B 307 -13.21 40.42 -17.93
N GLU B 308 -14.30 39.86 -17.42
CA GLU B 308 -14.62 40.02 -15.98
C GLU B 308 -13.54 39.42 -15.05
N LEU B 309 -12.85 38.37 -15.50
CA LEU B 309 -11.75 37.76 -14.75
C LEU B 309 -10.56 38.72 -14.63
N TYR B 310 -10.15 39.32 -15.74
CA TYR B 310 -9.06 40.30 -15.68
C TYR B 310 -9.46 41.45 -14.72
N GLU B 311 -10.69 41.92 -14.85
CA GLU B 311 -11.17 43.05 -14.06
C GLU B 311 -11.16 42.78 -12.56
N ARG B 312 -11.53 41.57 -12.15
CA ARG B 312 -11.46 41.19 -10.73
C ARG B 312 -10.02 41.07 -10.19
N VAL B 313 -9.11 40.50 -10.98
CA VAL B 313 -7.70 40.44 -10.59
C VAL B 313 -7.09 41.84 -10.45
N ALA B 314 -7.44 42.75 -11.37
CA ALA B 314 -6.99 44.17 -11.26
C ALA B 314 -7.58 44.86 -10.03
N SER B 315 -8.84 44.56 -9.71
CA SER B 315 -9.47 45.06 -8.50
C SER B 315 -8.82 44.55 -7.24
N ASN B 316 -8.57 43.24 -7.18
CA ASN B 316 -7.96 42.65 -5.99
C ASN B 316 -6.57 43.25 -5.76
N ARG B 317 -5.88 43.53 -6.85
CA ARG B 317 -4.60 44.21 -6.77
C ARG B 317 -4.77 45.61 -6.13
N GLU B 318 -5.79 46.35 -6.55
CA GLU B 318 -6.09 47.65 -5.95
C GLU B 318 -6.41 47.58 -4.45
N HIS B 319 -7.06 46.51 -4.00
CA HIS B 319 -7.37 46.32 -2.59
C HIS B 319 -6.12 46.17 -1.73
N TRP B 320 -5.15 45.39 -2.20
CA TRP B 320 -3.84 45.28 -1.53
C TRP B 320 -3.15 46.62 -1.36
N THR B 321 -3.24 47.47 -2.37
CA THR B 321 -2.74 48.84 -2.25
C THR B 321 -3.54 49.60 -1.20
N LYS B 322 -4.87 49.48 -1.23
CA LYS B 322 -5.74 50.15 -0.28
C LYS B 322 -5.52 49.73 1.17
N VAL B 323 -5.12 48.48 1.41
CA VAL B 323 -4.95 47.97 2.78
C VAL B 323 -3.48 47.91 3.23
N SER B 324 -2.56 48.29 2.35
CA SER B 324 -1.12 48.16 2.62
C SER B 324 -0.66 48.92 3.88
N HIS B 325 -1.20 50.12 4.07
CA HIS B 325 -0.92 50.95 5.25
C HIS B 325 -1.23 50.30 6.59
N LYS B 326 -2.11 49.30 6.62
CA LYS B 326 -2.40 48.58 7.86
C LYS B 326 -1.25 47.65 8.29
N PHE B 327 -0.26 47.44 7.42
CA PHE B 327 0.94 46.70 7.80
C PHE B 327 2.00 47.58 8.49
N THR B 328 1.70 48.86 8.68
CA THR B 328 2.42 49.71 9.63
C THR B 328 1.49 49.93 10.82
N ILE B 329 1.94 49.62 12.03
CA ILE B 329 1.09 49.74 13.20
C ILE B 329 0.94 51.22 13.58
N ARG B 330 -0.26 51.73 13.40
CA ARG B 330 -0.62 53.10 13.81
C ARG B 330 -1.52 53.05 15.04
N GLY B 331 -1.43 54.08 15.88
CA GLY B 331 -2.05 54.04 17.19
C GLY B 331 -1.43 52.96 18.06
N LEU B 332 -2.24 52.39 18.95
CA LEU B 332 -1.83 51.25 19.74
C LEU B 332 -2.46 50.01 19.12
N PRO B 333 -1.89 48.82 19.38
CA PRO B 333 -2.64 47.59 19.12
C PRO B 333 -3.91 47.52 19.96
N SER B 334 -4.87 46.67 19.56
CA SER B 334 -6.10 46.47 20.36
C SER B 334 -5.80 46.12 21.83
N ASN B 335 -4.62 45.56 22.08
CA ASN B 335 -4.07 45.43 23.43
C ASN B 335 -4.12 46.71 24.28
N ASN B 336 -3.94 47.86 23.62
CA ASN B 336 -3.49 49.09 24.28
C ASN B 336 -2.14 48.88 24.94
N SER B 337 -1.36 47.92 24.42
CA SER B 337 -0.08 47.55 25.02
C SER B 337 1.02 47.55 23.97
N LEU B 338 2.25 47.81 24.41
CA LEU B 338 3.41 47.74 23.52
C LEU B 338 4.33 46.57 23.90
N ASP B 339 3.78 45.56 24.60
CA ASP B 339 4.52 44.33 24.94
C ASP B 339 5.16 43.66 23.73
N PHE B 340 4.50 43.74 22.57
CA PHE B 340 5.02 43.11 21.35
C PHE B 340 6.46 43.56 21.00
N LEU B 341 6.91 44.64 21.64
CA LEU B 341 8.28 45.14 21.45
C LEU B 341 9.32 44.34 22.22
N ILE C 15 -27.02 -3.06 25.91
CA ILE C 15 -28.35 -3.03 25.23
C ILE C 15 -28.91 -1.62 25.07
N GLN C 16 -28.76 -0.78 26.09
CA GLN C 16 -29.48 0.51 26.18
C GLN C 16 -28.98 1.61 25.22
N PRO C 17 -29.91 2.39 24.65
CA PRO C 17 -29.49 3.54 23.84
C PRO C 17 -28.98 4.72 24.69
N VAL C 18 -27.86 5.29 24.27
CA VAL C 18 -27.22 6.43 24.95
C VAL C 18 -28.22 7.54 25.29
N ALA C 19 -29.16 7.79 24.37
CA ALA C 19 -30.19 8.82 24.53
C ALA C 19 -31.00 8.66 25.83
N ALA C 20 -31.28 7.43 26.23
CA ALA C 20 -32.02 7.16 27.46
C ALA C 20 -31.21 7.45 28.73
N ILE C 21 -29.89 7.30 28.67
CA ILE C 21 -29.04 7.53 29.86
C ILE C 21 -29.14 8.98 30.31
N ASP C 22 -28.99 9.90 29.36
CA ASP C 22 -29.13 11.34 29.61
C ASP C 22 -29.12 12.04 28.26
N SER C 23 -29.93 13.10 28.12
CA SER C 23 -29.99 13.86 26.87
C SER C 23 -28.66 14.55 26.56
N ASN C 24 -27.92 14.90 27.60
CA ASN C 24 -26.64 15.58 27.47
C ASN C 24 -25.42 14.63 27.44
N PHE C 25 -25.65 13.32 27.33
CA PHE C 25 -24.57 12.32 27.46
C PHE C 25 -23.39 12.54 26.50
N ALA C 26 -23.68 12.97 25.28
CA ALA C 26 -22.68 13.08 24.21
C ALA C 26 -22.10 14.48 24.06
N SER C 27 -22.33 15.34 25.04
CA SER C 27 -21.82 16.71 25.05
C SER C 27 -20.57 16.83 25.93
N PHE C 28 -19.66 17.72 25.54
CA PHE C 28 -18.50 18.02 26.38
C PHE C 28 -18.88 18.60 27.74
N THR C 29 -20.08 19.15 27.88
CA THR C 29 -20.55 19.71 29.16
C THR C 29 -20.97 18.64 30.17
N TYR C 30 -21.30 17.44 29.70
CA TYR C 30 -21.68 16.35 30.60
C TYR C 30 -20.53 15.92 31.50
N THR C 31 -20.86 15.53 32.73
CA THR C 31 -19.88 15.14 33.73
C THR C 31 -20.14 13.67 34.09
N PRO C 32 -19.36 12.74 33.50
CA PRO C 32 -19.71 11.33 33.67
C PRO C 32 -19.59 10.82 35.11
N ARG C 33 -18.86 11.52 35.97
CA ARG C 33 -18.87 11.16 37.39
C ARG C 33 -20.24 11.36 38.04
N SER C 34 -21.16 12.10 37.39
CA SER C 34 -22.55 12.21 37.84
C SER C 34 -23.37 10.93 37.68
N LEU C 35 -22.98 10.05 36.76
CA LEU C 35 -23.65 8.77 36.61
C LEU C 35 -23.30 7.86 37.79
N PRO C 36 -24.32 7.26 38.46
CA PRO C 36 -24.05 6.32 39.55
C PRO C 36 -23.15 5.17 39.11
N GLU C 37 -22.31 4.69 40.03
CA GLU C 37 -21.28 3.69 39.70
C GLU C 37 -21.88 2.33 39.29
N ASP C 38 -23.07 2.02 39.79
CA ASP C 38 -23.78 0.77 39.45
C ASP C 38 -24.33 0.73 38.02
N ASP C 39 -24.40 1.90 37.36
CA ASP C 39 -24.84 1.98 35.96
C ASP C 39 -23.71 2.24 34.96
N THR C 40 -22.46 2.24 35.41
CA THR C 40 -21.34 2.60 34.53
C THR C 40 -21.05 1.49 33.51
N SER C 41 -21.13 0.23 33.94
CA SER C 41 -20.90 -0.89 33.03
C SER C 41 -21.89 -0.90 31.86
N MET C 42 -23.15 -0.55 32.12
CA MET C 42 -24.16 -0.44 31.07
C MET C 42 -23.82 0.70 30.11
N ALA C 43 -23.33 1.82 30.66
CA ALA C 43 -22.91 2.95 29.84
C ALA C 43 -21.71 2.61 28.94
N ILE C 44 -20.83 1.71 29.39
CA ILE C 44 -19.74 1.26 28.54
C ILE C 44 -20.34 0.55 27.31
N LEU C 45 -21.21 -0.42 27.54
CA LEU C 45 -21.89 -1.15 26.44
C LEU C 45 -22.67 -0.20 25.55
N SER C 46 -23.41 0.73 26.16
CA SER C 46 -24.19 1.71 25.40
C SER C 46 -23.31 2.54 24.47
N MET C 47 -22.12 2.95 24.93
CA MET C 47 -21.16 3.71 24.10
C MET C 47 -20.58 2.86 22.96
N LEU C 48 -20.14 1.66 23.29
CA LEU C 48 -19.59 0.76 22.27
C LEU C 48 -20.62 0.48 21.15
N GLN C 49 -21.86 0.22 21.54
CA GLN C 49 -22.96 0.07 20.58
C GLN C 49 -23.13 1.33 19.75
N ASP C 50 -23.24 2.48 20.42
CA ASP C 50 -23.44 3.75 19.73
C ASP C 50 -22.35 4.02 18.70
N MET C 51 -21.11 3.65 19.03
CA MET C 51 -20.00 3.76 18.10
C MET C 51 -20.01 2.62 17.07
N ASN C 52 -20.93 1.66 17.26
CA ASN C 52 -21.12 0.50 16.39
C ASN C 52 -19.93 -0.46 16.25
N PHE C 53 -19.14 -0.60 17.32
CA PHE C 53 -18.03 -1.56 17.29
C PHE C 53 -18.52 -3.00 17.47
N ILE C 54 -19.57 -3.20 18.26
CA ILE C 54 -20.08 -4.53 18.54
C ILE C 54 -20.51 -5.24 17.24
N ASN C 55 -21.20 -4.48 16.39
CA ASN C 55 -21.63 -4.96 15.07
C ASN C 55 -20.48 -5.08 14.09
N ASN C 56 -19.74 -3.99 13.89
CA ASN C 56 -18.65 -3.98 12.93
C ASN C 56 -17.69 -5.16 13.14
N TYR C 57 -17.26 -5.39 14.37
CA TYR C 57 -16.29 -6.43 14.67
C TYR C 57 -16.94 -7.71 15.22
N LYS C 58 -18.28 -7.74 15.23
CA LYS C 58 -19.05 -8.92 15.64
C LYS C 58 -18.68 -9.42 17.02
N ILE C 59 -18.76 -8.51 18.00
CA ILE C 59 -18.35 -8.82 19.35
C ILE C 59 -19.46 -9.59 20.04
N ASP C 60 -19.11 -10.73 20.61
CA ASP C 60 -20.04 -11.50 21.42
C ASP C 60 -20.41 -10.66 22.65
N CYS C 61 -21.71 -10.39 22.81
CA CYS C 61 -22.16 -9.50 23.87
C CYS C 61 -22.00 -10.07 25.29
N PRO C 62 -22.29 -11.37 25.49
CA PRO C 62 -21.98 -11.95 26.80
C PRO C 62 -20.49 -11.90 27.17
N THR C 63 -19.62 -12.17 26.18
CA THR C 63 -18.17 -12.03 26.38
C THR C 63 -17.81 -10.57 26.75
N LEU C 64 -18.33 -9.62 25.98
CA LEU C 64 -18.11 -8.19 26.25
C LEU C 64 -18.59 -7.79 27.65
N ALA C 65 -19.76 -8.29 28.04
CA ALA C 65 -20.31 -8.00 29.36
C ALA C 65 -19.39 -8.51 30.47
N ARG C 66 -18.91 -9.75 30.37
CA ARG C 66 -18.00 -10.33 31.36
C ARG C 66 -16.64 -9.59 31.36
N PHE C 67 -16.18 -9.16 30.19
CA PHE C 67 -14.95 -8.37 30.08
C PHE C 67 -15.10 -7.05 30.85
N CYS C 68 -16.17 -6.33 30.54
CA CYS C 68 -16.43 -5.03 31.16
C CYS C 68 -16.47 -5.14 32.68
N LEU C 69 -17.18 -6.14 33.20
CA LEU C 69 -17.26 -6.35 34.64
C LEU C 69 -15.91 -6.69 35.27
N MET C 70 -15.15 -7.58 34.63
CA MET C 70 -13.80 -7.91 35.09
C MET C 70 -12.89 -6.70 35.13
N VAL C 71 -12.94 -5.89 34.08
CA VAL C 71 -12.15 -4.66 34.06
C VAL C 71 -12.48 -3.76 35.25
N LYS C 72 -13.78 -3.48 35.44
CA LYS C 72 -14.26 -2.74 36.62
C LYS C 72 -13.76 -3.31 37.94
N LYS C 73 -13.89 -4.62 38.13
CA LYS C 73 -13.47 -5.27 39.37
C LYS C 73 -11.95 -5.23 39.54
N GLY C 74 -11.22 -5.02 38.44
CA GLY C 74 -9.77 -4.95 38.47
C GLY C 74 -9.20 -3.65 38.98
N TYR C 75 -10.04 -2.65 39.28
CA TYR C 75 -9.58 -1.40 39.87
C TYR C 75 -9.69 -1.49 41.39
N ARG C 76 -8.68 -0.97 42.08
CA ARG C 76 -8.69 -0.84 43.53
C ARG C 76 -9.39 0.47 43.88
N ASP C 77 -9.30 0.88 45.14
CA ASP C 77 -10.10 2.04 45.60
C ASP C 77 -9.27 3.13 46.26
N PRO C 78 -8.13 3.51 45.64
CA PRO C 78 -7.50 4.73 46.13
C PRO C 78 -8.38 5.94 45.77
N PRO C 79 -8.08 7.13 46.33
CA PRO C 79 -8.97 8.26 46.08
C PRO C 79 -9.19 8.65 44.60
N TYR C 80 -8.13 8.64 43.79
CA TYR C 80 -8.26 9.09 42.39
C TYR C 80 -8.23 7.96 41.37
N HIS C 81 -7.20 7.12 41.40
CA HIS C 81 -6.99 6.12 40.34
C HIS C 81 -7.78 4.87 40.57
N ASN C 82 -9.09 5.01 40.39
CA ASN C 82 -10.08 3.97 40.63
C ASN C 82 -10.94 3.77 39.36
N TRP C 83 -11.97 2.93 39.47
CA TRP C 83 -12.83 2.65 38.31
C TRP C 83 -13.58 3.83 37.76
N MET C 84 -14.09 4.72 38.61
CA MET C 84 -14.74 5.95 38.11
C MET C 84 -13.83 6.85 37.27
N HIS C 85 -12.53 6.85 37.57
CA HIS C 85 -11.55 7.51 36.69
C HIS C 85 -11.48 6.82 35.34
N ALA C 86 -11.31 5.50 35.34
CA ALA C 86 -11.30 4.72 34.10
C ALA C 86 -12.56 4.95 33.28
N PHE C 87 -13.72 4.85 33.93
CA PHE C 87 -14.99 5.14 33.28
C PHE C 87 -15.04 6.53 32.66
N SER C 88 -14.61 7.55 33.38
CA SER C 88 -14.73 8.93 32.87
C SER C 88 -13.72 9.17 31.75
N VAL C 89 -12.58 8.49 31.82
CA VAL C 89 -11.57 8.56 30.76
C VAL C 89 -12.15 7.98 29.48
N SER C 90 -12.82 6.85 29.63
CA SER C 90 -13.44 6.12 28.52
C SER C 90 -14.59 6.95 27.93
N HIS C 91 -15.42 7.54 28.80
CA HIS C 91 -16.47 8.42 28.34
C HIS C 91 -15.91 9.57 27.53
N PHE C 92 -14.80 10.15 27.96
CA PHE C 92 -14.22 11.25 27.14
C PHE C 92 -13.86 10.75 25.74
N CYS C 93 -13.28 9.55 25.66
CA CYS C 93 -12.95 8.95 24.36
C CYS C 93 -14.19 8.95 23.43
N TYR C 94 -15.31 8.49 23.96
CA TYR C 94 -16.61 8.51 23.28
C TYR C 94 -16.97 9.94 22.89
N LEU C 95 -16.78 10.91 23.79
CA LEU C 95 -17.04 12.30 23.47
C LEU C 95 -16.20 12.78 22.27
N LEU C 96 -14.92 12.42 22.24
CA LEU C 96 -14.05 12.82 21.13
C LEU C 96 -14.60 12.26 19.81
N TYR C 97 -14.89 10.97 19.78
CA TYR C 97 -15.51 10.32 18.62
C TYR C 97 -16.81 11.00 18.18
N LYS C 98 -17.63 11.40 19.14
CA LYS C 98 -18.96 11.97 18.84
C LYS C 98 -18.89 13.42 18.35
N ASN C 99 -18.01 14.20 18.95
CA ASN C 99 -17.92 15.63 18.68
C ASN C 99 -16.85 16.03 17.66
N LEU C 100 -15.79 15.25 17.58
CA LEU C 100 -14.70 15.55 16.65
C LEU C 100 -14.78 14.68 15.41
N GLU C 101 -15.68 13.70 15.41
CA GLU C 101 -15.82 12.76 14.31
C GLU C 101 -14.44 12.19 13.95
N LEU C 102 -13.90 11.38 14.85
CA LEU C 102 -12.57 10.78 14.69
C LEU C 102 -12.48 9.79 13.53
N THR C 103 -13.62 9.26 13.08
CA THR C 103 -13.67 8.34 11.95
C THR C 103 -13.05 8.92 10.67
N ASN C 104 -12.97 10.25 10.58
CA ASN C 104 -12.35 10.92 9.42
C ASN C 104 -10.82 10.98 9.52
N TYR C 105 -10.28 10.77 10.71
CA TYR C 105 -8.84 10.95 10.98
C TYR C 105 -8.11 9.66 11.34
N LEU C 106 -8.82 8.73 11.96
CA LEU C 106 -8.24 7.46 12.40
C LEU C 106 -9.01 6.31 11.81
N GLU C 107 -8.34 5.17 11.69
CA GLU C 107 -9.00 3.93 11.31
C GLU C 107 -9.96 3.50 12.43
N ASP C 108 -10.95 2.70 12.07
CA ASP C 108 -11.96 2.26 13.03
C ASP C 108 -11.31 1.46 14.18
N ILE C 109 -10.37 0.57 13.83
CA ILE C 109 -9.70 -0.31 14.81
C ILE C 109 -8.80 0.46 15.78
N GLU C 110 -8.30 1.61 15.34
CA GLU C 110 -7.50 2.48 16.15
C GLU C 110 -8.37 3.15 17.21
N ILE C 111 -9.56 3.61 16.81
CA ILE C 111 -10.51 4.25 17.73
C ILE C 111 -11.03 3.25 18.76
N PHE C 112 -11.27 2.03 18.31
CA PHE C 112 -11.77 0.96 19.17
C PHE C 112 -10.71 0.57 20.21
N ALA C 113 -9.47 0.40 19.74
CA ALA C 113 -8.36 0.11 20.63
C ALA C 113 -8.17 1.22 21.65
N LEU C 114 -8.42 2.46 21.23
CA LEU C 114 -8.25 3.60 22.13
C LEU C 114 -9.29 3.51 23.26
N PHE C 115 -10.53 3.22 22.92
CA PHE C 115 -11.59 3.08 23.91
C PHE C 115 -11.32 1.94 24.90
N ILE C 116 -10.96 0.76 24.39
CA ILE C 116 -10.65 -0.35 25.29
C ILE C 116 -9.42 -0.04 26.15
N SER C 117 -8.43 0.66 25.60
CA SER C 117 -7.26 1.09 26.36
C SER C 117 -7.68 2.00 27.50
N CYS C 118 -8.64 2.92 27.22
CA CYS C 118 -9.14 3.84 28.24
C CYS C 118 -9.73 3.08 29.42
N MET C 119 -10.49 2.03 29.14
CA MET C 119 -11.09 1.23 30.20
C MET C 119 -10.03 0.57 31.08
N CYS C 120 -8.89 0.20 30.47
CA CYS C 120 -7.89 -0.66 31.10
C CYS C 120 -6.64 0.06 31.61
N HIS C 121 -6.52 1.34 31.32
CA HIS C 121 -5.22 2.01 31.36
C HIS C 121 -4.62 2.19 32.72
N ASP C 122 -5.42 2.10 33.79
CA ASP C 122 -4.94 2.21 35.18
C ASP C 122 -5.23 0.97 36.03
N LEU C 123 -5.45 -0.18 35.40
CA LEU C 123 -5.86 -1.39 36.13
C LEU C 123 -4.91 -1.71 37.28
N ASP C 124 -5.50 -2.07 38.42
CA ASP C 124 -4.75 -2.45 39.61
C ASP C 124 -3.79 -1.34 40.14
N HIS C 125 -4.08 -0.07 39.88
CA HIS C 125 -3.28 1.07 40.43
C HIS C 125 -3.38 1.04 41.93
N ARG C 126 -2.28 1.31 42.62
CA ARG C 126 -2.24 1.22 44.09
C ARG C 126 -2.18 2.57 44.78
N GLY C 127 -2.41 3.63 44.01
CA GLY C 127 -2.39 4.99 44.55
C GLY C 127 -1.00 5.54 44.76
N THR C 128 0.01 4.94 44.14
CA THR C 128 1.38 5.44 44.18
C THR C 128 1.91 5.60 42.76
N ASN C 129 2.87 6.50 42.57
CA ASN C 129 3.49 6.70 41.26
C ASN C 129 4.56 5.63 40.96
N ASN C 130 5.23 5.76 39.81
CA ASN C 130 6.26 4.82 39.39
C ASN C 130 7.49 4.85 40.29
N SER C 131 7.93 6.05 40.64
CA SER C 131 9.11 6.24 41.47
C SER C 131 8.99 5.54 42.83
N PHE C 132 7.80 5.63 43.43
CA PHE C 132 7.55 4.93 44.69
C PHE C 132 7.70 3.41 44.55
N GLN C 133 7.16 2.85 43.46
CA GLN C 133 7.32 1.42 43.22
C GLN C 133 8.80 1.05 43.26
N VAL C 134 9.64 1.84 42.60
CA VAL C 134 11.07 1.56 42.52
C VAL C 134 11.77 1.79 43.88
N ALA C 135 11.49 2.93 44.50
CA ALA C 135 12.04 3.26 45.82
C ALA C 135 11.78 2.17 46.86
N SER C 136 10.54 1.66 46.85
CA SER C 136 10.09 0.68 47.82
C SER C 136 10.43 -0.76 47.43
N LYS C 137 11.10 -0.94 46.29
CA LYS C 137 11.46 -2.26 45.76
C LYS C 137 10.28 -3.23 45.75
N SER C 138 9.17 -2.75 45.21
CA SER C 138 7.99 -3.58 45.02
C SER C 138 8.28 -4.62 43.93
N VAL C 139 7.54 -5.71 43.98
CA VAL C 139 7.57 -6.76 42.97
C VAL C 139 7.35 -6.18 41.56
N LEU C 140 6.46 -5.20 41.45
CA LEU C 140 6.25 -4.54 40.15
C LEU C 140 7.52 -3.84 39.65
N ALA C 141 8.29 -3.21 40.54
CA ALA C 141 9.58 -2.63 40.16
C ALA C 141 10.60 -3.70 39.76
N ALA C 142 10.65 -4.82 40.46
CA ALA C 142 11.58 -5.89 40.07
C ALA C 142 11.28 -6.39 38.66
N LEU C 143 9.98 -6.51 38.37
CA LEU C 143 9.55 -6.95 37.04
C LEU C 143 9.75 -5.94 35.92
N TYR C 144 9.54 -4.65 36.19
CA TYR C 144 9.41 -3.67 35.11
C TYR C 144 10.33 -2.45 35.12
N SER C 145 11.02 -2.19 36.23
CA SER C 145 11.77 -0.95 36.39
C SER C 145 12.86 -0.79 35.32
N SER C 146 13.45 -1.90 34.89
CA SER C 146 14.48 -1.88 33.85
C SER C 146 13.98 -1.42 32.46
N GLU C 147 12.67 -1.53 32.19
CA GLU C 147 12.11 -1.06 30.92
C GLU C 147 11.36 0.26 31.03
N GLY C 148 11.23 0.79 32.25
CA GLY C 148 10.55 2.06 32.48
C GLY C 148 9.04 1.92 32.55
N SER C 149 8.36 3.02 32.91
CA SER C 149 6.90 3.07 33.01
C SER C 149 6.36 1.86 33.77
N VAL C 150 6.84 1.69 35.00
CA VAL C 150 6.52 0.51 35.79
C VAL C 150 5.03 0.22 35.89
N MET C 151 4.23 1.18 36.34
CA MET C 151 2.80 0.92 36.55
C MET C 151 2.08 0.68 35.22
N GLU C 152 2.41 1.45 34.20
CA GLU C 152 1.78 1.29 32.88
C GLU C 152 2.04 -0.10 32.28
N ARG C 153 3.24 -0.65 32.45
CA ARG C 153 3.48 -2.05 32.06
C ARG C 153 2.60 -3.03 32.84
N HIS C 154 2.37 -2.73 34.11
CA HIS C 154 1.49 -3.54 34.93
C HIS C 154 0.06 -3.46 34.46
N HIS C 155 -0.43 -2.26 34.17
CA HIS C 155 -1.80 -2.09 33.68
C HIS C 155 -2.04 -2.94 32.45
N PHE C 156 -1.12 -2.88 31.49
CA PHE C 156 -1.22 -3.67 30.29
C PHE C 156 -1.21 -5.16 30.58
N ALA C 157 -0.29 -5.61 31.44
CA ALA C 157 -0.24 -7.00 31.81
C ALA C 157 -1.54 -7.47 32.48
N GLN C 158 -2.16 -6.60 33.28
CA GLN C 158 -3.46 -6.93 33.88
C GLN C 158 -4.55 -7.08 32.81
N ALA C 159 -4.55 -6.20 31.82
CA ALA C 159 -5.50 -6.27 30.70
C ALA C 159 -5.37 -7.57 29.94
N ILE C 160 -4.13 -7.96 29.61
CA ILE C 160 -3.82 -9.23 28.99
C ILE C 160 -4.41 -10.41 29.79
N ALA C 161 -4.22 -10.39 31.11
CA ALA C 161 -4.70 -11.45 32.01
C ALA C 161 -6.21 -11.51 32.01
N ILE C 162 -6.84 -10.33 31.96
CA ILE C 162 -8.28 -10.24 31.79
C ILE C 162 -8.72 -10.89 30.47
N LEU C 163 -8.11 -10.48 29.35
CA LEU C 163 -8.49 -11.02 28.03
C LEU C 163 -8.35 -12.54 28.01
N ASN C 164 -7.35 -13.07 28.71
CA ASN C 164 -7.13 -14.51 28.73
C ASN C 164 -7.84 -15.27 29.86
N THR C 165 -8.71 -14.59 30.58
CA THR C 165 -9.60 -15.27 31.53
C THR C 165 -10.78 -15.86 30.76
N HIS C 166 -11.15 -17.10 31.08
CA HIS C 166 -12.26 -17.79 30.38
C HIS C 166 -13.50 -16.94 30.32
N GLY C 167 -14.03 -16.76 29.12
CA GLY C 167 -15.27 -16.03 28.91
C GLY C 167 -15.10 -14.54 28.67
N CYS C 168 -13.84 -14.06 28.67
CA CYS C 168 -13.57 -12.62 28.65
C CYS C 168 -12.77 -12.14 27.44
N ASN C 169 -12.41 -13.02 26.50
CA ASN C 169 -11.58 -12.58 25.37
C ASN C 169 -12.43 -12.04 24.24
N ILE C 170 -12.78 -10.77 24.34
CA ILE C 170 -13.59 -10.08 23.32
C ILE C 170 -13.01 -10.06 21.89
N PHE C 171 -11.73 -10.43 21.72
CA PHE C 171 -11.07 -10.53 20.43
C PHE C 171 -10.86 -12.00 20.00
N ASP C 172 -11.53 -12.92 20.69
CA ASP C 172 -11.55 -14.36 20.39
C ASP C 172 -11.57 -14.72 18.90
N HIS C 173 -12.41 -13.98 18.18
CA HIS C 173 -12.84 -14.35 16.84
C HIS C 173 -12.20 -13.49 15.77
N PHE C 174 -11.33 -12.56 16.18
CA PHE C 174 -10.68 -11.63 15.25
C PHE C 174 -9.74 -12.35 14.29
N SER C 175 -9.44 -11.74 13.14
CA SER C 175 -8.38 -12.25 12.30
C SER C 175 -7.06 -12.14 13.07
N ARG C 176 -6.04 -12.88 12.64
CA ARG C 176 -4.72 -12.76 13.27
C ARG C 176 -4.16 -11.34 13.08
N LYS C 177 -4.43 -10.72 11.95
CA LYS C 177 -3.97 -9.36 11.71
C LYS C 177 -4.62 -8.38 12.70
N ASP C 178 -5.93 -8.51 12.87
CA ASP C 178 -6.69 -7.57 13.71
C ASP C 178 -6.44 -7.80 15.19
N TYR C 179 -6.42 -9.08 15.60
CA TYR C 179 -6.12 -9.43 16.98
C TYR C 179 -4.76 -8.83 17.37
N GLN C 180 -3.77 -8.98 16.50
CA GLN C 180 -2.41 -8.51 16.76
C GLN C 180 -2.32 -6.99 16.77
N ARG C 181 -3.03 -6.36 15.84
CA ARG C 181 -3.10 -4.91 15.79
C ARG C 181 -3.75 -4.36 17.05
N MET C 182 -4.74 -5.07 17.58
CA MET C 182 -5.40 -4.68 18.82
C MET C 182 -4.45 -4.76 20.01
N LEU C 183 -3.70 -5.87 20.10
CA LEU C 183 -2.71 -6.02 21.18
C LEU C 183 -1.60 -4.96 21.06
N ASP C 184 -1.06 -4.76 19.86
CA ASP C 184 -0.06 -3.71 19.66
C ASP C 184 -0.58 -2.31 19.97
N LEU C 185 -1.81 -1.99 19.57
CA LEU C 185 -2.38 -0.67 19.86
C LEU C 185 -2.58 -0.45 21.36
N MET C 186 -3.12 -1.44 22.05
CA MET C 186 -3.38 -1.32 23.49
C MET C 186 -2.10 -1.13 24.26
N ARG C 187 -1.05 -1.87 23.89
CA ARG C 187 0.25 -1.75 24.56
C ARG C 187 0.79 -0.34 24.37
N ASP C 188 0.81 0.15 23.14
CA ASP C 188 1.39 1.48 22.87
C ASP C 188 0.56 2.62 23.49
N ILE C 189 -0.76 2.48 23.44
CA ILE C 189 -1.64 3.49 24.02
C ILE C 189 -1.55 3.50 25.55
N ILE C 190 -1.59 2.33 26.17
CA ILE C 190 -1.47 2.26 27.64
C ILE C 190 -0.10 2.77 28.10
N LEU C 191 0.96 2.41 27.39
CA LEU C 191 2.28 2.99 27.65
C LEU C 191 2.31 4.49 27.51
N ALA C 192 1.52 5.00 26.56
CA ALA C 192 1.44 6.44 26.32
C ALA C 192 0.81 7.21 27.48
N THR C 193 0.15 6.52 28.43
CA THR C 193 -0.46 7.20 29.57
C THR C 193 0.55 7.66 30.63
N ASP C 194 1.79 7.17 30.56
CA ASP C 194 2.86 7.72 31.38
C ASP C 194 3.16 9.15 30.90
N LEU C 195 3.01 10.14 31.79
CA LEU C 195 3.27 11.52 31.38
C LEU C 195 4.73 11.69 30.95
N ALA C 196 5.63 10.84 31.45
CA ALA C 196 7.03 10.86 31.00
C ALA C 196 7.10 10.66 29.47
N HIS C 197 6.30 9.72 28.95
CA HIS C 197 6.20 9.44 27.51
C HIS C 197 5.68 10.62 26.75
N HIS C 198 4.57 11.19 27.20
CA HIS C 198 4.03 12.40 26.62
C HIS C 198 5.03 13.54 26.56
N LEU C 199 5.76 13.79 27.64
CA LEU C 199 6.73 14.89 27.66
C LEU C 199 7.92 14.63 26.72
N ARG C 200 8.21 13.37 26.45
CA ARG C 200 9.25 12.95 25.51
C ARG C 200 8.82 13.12 24.05
N ILE C 201 7.54 12.89 23.76
CA ILE C 201 7.04 13.03 22.39
C ILE C 201 6.43 14.42 22.11
N PHE C 202 6.48 15.32 23.09
CA PHE C 202 5.80 16.61 22.97
C PHE C 202 6.24 17.43 21.73
N LYS C 203 7.53 17.41 21.39
CA LYS C 203 8.02 18.11 20.18
C LYS C 203 7.49 17.46 18.90
N ASP C 204 7.51 16.13 18.85
CA ASP C 204 6.96 15.38 17.72
C ASP C 204 5.48 15.69 17.50
N LEU C 205 4.74 15.82 18.60
CA LEU C 205 3.33 16.20 18.54
C LEU C 205 3.14 17.60 17.97
N GLN C 206 4.04 18.52 18.34
CA GLN C 206 3.97 19.91 17.83
C GLN C 206 4.26 19.97 16.33
N LYS C 207 5.32 19.28 15.89
CA LYS C 207 5.68 19.23 14.47
C LYS C 207 4.56 18.62 13.60
N MET C 208 3.86 17.61 14.12
CA MET C 208 2.74 17.02 13.39
C MET C 208 1.62 18.05 13.19
N ALA C 209 1.42 18.91 14.18
CA ALA C 209 0.39 19.93 14.11
C ALA C 209 0.78 21.08 13.18
N GLU C 210 2.08 21.31 12.98
CA GLU C 210 2.54 22.33 12.04
C GLU C 210 2.39 21.83 10.61
N VAL C 211 3.06 20.74 10.28
CA VAL C 211 3.00 20.15 8.93
C VAL C 211 1.55 19.83 8.54
N GLY C 212 0.77 19.39 9.52
CA GLY C 212 -0.66 19.14 9.34
C GLY C 212 -0.92 17.66 9.30
N TYR C 213 -1.94 17.24 10.04
CA TYR C 213 -2.24 15.82 10.20
C TYR C 213 -2.44 15.15 8.84
N ASP C 214 -1.59 14.17 8.56
CA ASP C 214 -1.57 13.45 7.31
C ASP C 214 -2.23 12.10 7.56
N ARG C 215 -3.50 11.97 7.19
CA ARG C 215 -4.25 10.73 7.41
C ARG C 215 -3.65 9.51 6.68
N ASN C 216 -2.78 9.75 5.70
CA ASN C 216 -2.04 8.66 5.03
C ASN C 216 -0.72 8.30 5.71
N ASN C 217 -0.40 9.00 6.81
CA ASN C 217 0.86 8.81 7.53
C ASN C 217 0.68 7.94 8.78
N LYS C 218 1.14 6.70 8.71
CA LYS C 218 1.02 5.72 9.81
C LYS C 218 1.67 6.18 11.12
N GLN C 219 2.75 6.95 11.00
CA GLN C 219 3.41 7.56 12.16
C GLN C 219 2.52 8.61 12.81
N HIS C 220 1.81 9.39 12.00
CA HIS C 220 0.90 10.43 12.51
C HIS C 220 -0.28 9.84 13.24
N HIS C 221 -0.76 8.70 12.75
CA HIS C 221 -1.74 7.90 13.48
C HIS C 221 -1.23 7.53 14.85
N ARG C 222 0.00 7.02 14.92
CA ARG C 222 0.59 6.63 16.22
C ARG C 222 0.63 7.81 17.19
N LEU C 223 1.06 8.98 16.72
CA LEU C 223 1.20 10.17 17.57
C LEU C 223 -0.16 10.72 18.02
N LEU C 224 -1.12 10.79 17.09
CA LEU C 224 -2.47 11.27 17.41
C LEU C 224 -3.10 10.41 18.51
N LEU C 225 -2.91 9.09 18.41
CA LEU C 225 -3.46 8.17 19.40
C LEU C 225 -2.90 8.46 20.80
N CYS C 226 -1.61 8.78 20.87
CA CYS C 226 -0.97 9.18 22.14
C CYS C 226 -1.55 10.47 22.70
N LEU C 227 -1.72 11.49 21.86
CA LEU C 227 -2.30 12.77 22.29
C LEU C 227 -3.75 12.59 22.79
N LEU C 228 -4.51 11.80 22.05
CA LEU C 228 -5.90 11.57 22.37
C LEU C 228 -6.05 10.83 23.70
N MET C 229 -5.20 9.82 23.91
CA MET C 229 -5.17 9.11 25.19
C MET C 229 -4.83 10.05 26.34
N THR C 230 -3.82 10.90 26.16
CA THR C 230 -3.47 11.85 27.22
C THR C 230 -4.65 12.77 27.47
N SER C 231 -5.29 13.22 26.37
CA SER C 231 -6.45 14.11 26.47
C SER C 231 -7.59 13.48 27.27
N CYS C 232 -7.78 12.17 27.12
CA CYS C 232 -8.80 11.44 27.89
C CYS C 232 -8.41 11.31 29.37
N ASP C 233 -7.12 11.08 29.63
CA ASP C 233 -6.61 10.87 30.98
C ASP C 233 -6.74 12.13 31.83
N LEU C 234 -6.64 13.30 31.19
CA LEU C 234 -6.69 14.59 31.88
C LEU C 234 -8.03 15.34 31.73
N SER C 235 -9.04 14.68 31.16
CA SER C 235 -10.31 15.32 30.78
C SER C 235 -11.16 15.85 31.93
N ASP C 236 -10.91 15.37 33.15
CA ASP C 236 -11.52 15.99 34.32
C ASP C 236 -11.30 17.51 34.33
N GLN C 237 -10.14 17.96 33.85
CA GLN C 237 -9.82 19.38 33.84
C GLN C 237 -10.62 20.18 32.78
N THR C 238 -11.34 19.50 31.90
CA THR C 238 -12.17 20.13 30.86
C THR C 238 -13.64 20.32 31.26
N LYS C 239 -13.99 20.03 32.51
CA LYS C 239 -15.35 20.29 32.99
C LYS C 239 -15.37 21.63 33.76
N GLY C 240 -16.38 21.82 34.62
CA GLY C 240 -16.52 23.06 35.38
C GLY C 240 -15.64 23.12 36.63
N TRP C 241 -15.74 24.22 37.35
CA TRP C 241 -14.98 24.41 38.58
C TRP C 241 -15.23 23.30 39.55
N LYS C 242 -16.50 22.97 39.78
CA LYS C 242 -16.88 21.99 40.80
C LYS C 242 -16.13 20.67 40.65
N THR C 243 -15.94 20.24 39.40
CA THR C 243 -15.22 18.99 39.11
C THR C 243 -13.74 19.12 39.43
N THR C 244 -13.13 20.19 38.94
CA THR C 244 -11.70 20.45 39.12
CA THR C 244 -11.69 20.38 39.12
C THR C 244 -11.34 20.54 40.60
N ARG C 245 -12.25 21.12 41.38
CA ARG C 245 -12.07 21.27 42.81
C ARG C 245 -12.11 19.90 43.50
N LYS C 246 -13.08 19.07 43.11
CA LYS C 246 -13.22 17.73 43.67
C LYS C 246 -12.03 16.87 43.29
N ILE C 247 -11.62 16.97 42.03
CA ILE C 247 -10.51 16.16 41.53
C ILE C 247 -9.21 16.46 42.29
N ALA C 248 -8.94 17.75 42.53
CA ALA C 248 -7.76 18.18 43.27
C ALA C 248 -7.78 17.59 44.68
N GLU C 249 -8.96 17.58 45.27
CA GLU C 249 -9.19 16.95 46.55
C GLU C 249 -8.71 15.50 46.54
N LEU C 250 -9.16 14.75 45.53
CA LEU C 250 -8.84 13.33 45.39
C LEU C 250 -7.35 13.09 45.08
N ILE C 251 -6.83 13.80 44.09
CA ILE C 251 -5.42 13.69 43.71
C ILE C 251 -4.49 13.92 44.90
N TYR C 252 -4.75 14.99 45.65
CA TYR C 252 -3.82 15.36 46.73
C TYR C 252 -3.91 14.47 47.97
N LYS C 253 -5.09 13.93 48.26
CA LYS C 253 -5.20 12.90 49.30
C LYS C 253 -4.39 11.66 48.90
N GLU C 254 -4.47 11.27 47.63
CA GLU C 254 -3.69 10.15 47.13
C GLU C 254 -2.20 10.46 47.22
N PHE C 255 -1.80 11.64 46.74
CA PHE C 255 -0.40 12.06 46.73
C PHE C 255 0.19 12.12 48.16
N PHE C 256 -0.56 12.73 49.07
CA PHE C 256 -0.05 12.93 50.42
C PHE C 256 0.10 11.62 51.17
N SER C 257 -0.82 10.69 50.91
CA SER C 257 -0.72 9.35 51.42
C SER C 257 0.61 8.68 50.99
N GLN C 258 0.99 8.78 49.72
CA GLN C 258 2.32 8.28 49.28
C GLN C 258 3.47 9.05 49.97
N GLY C 259 3.30 10.35 50.15
CA GLY C 259 4.35 11.15 50.77
C GLY C 259 4.59 10.70 52.20
N ASP C 260 3.50 10.35 52.88
CA ASP C 260 3.56 9.83 54.25
C ASP C 260 4.32 8.52 54.29
N LEU C 261 4.03 7.63 53.33
CA LEU C 261 4.75 6.36 53.23
C LEU C 261 6.25 6.55 52.95
N GLU C 262 6.59 7.53 52.10
CA GLU C 262 7.99 7.82 51.77
C GLU C 262 8.76 8.38 52.98
N LYS C 263 8.04 9.11 53.84
CA LYS C 263 8.63 9.67 55.06
C LYS C 263 8.93 8.56 56.07
N ALA C 264 8.01 7.61 56.21
CA ALA C 264 8.24 6.42 57.04
C ALA C 264 9.43 5.59 56.53
N MET C 265 9.75 5.71 55.25
CA MET C 265 10.91 5.04 54.65
C MET C 265 12.22 5.82 54.79
N GLY C 266 12.18 6.94 55.50
CA GLY C 266 13.35 7.80 55.63
C GLY C 266 13.72 8.55 54.36
N ASN C 267 12.75 8.73 53.46
CA ASN C 267 12.96 9.49 52.23
C ASN C 267 12.19 10.82 52.23
N ARG C 268 12.72 11.79 51.48
CA ARG C 268 12.07 13.08 51.31
C ARG C 268 11.14 13.05 50.07
N PRO C 269 9.81 13.17 50.28
CA PRO C 269 8.93 13.12 49.11
C PRO C 269 9.12 14.33 48.24
N MET C 270 8.77 14.24 46.96
CA MET C 270 8.74 15.44 46.14
C MET C 270 7.66 16.37 46.74
N GLU C 271 7.85 17.68 46.57
CA GLU C 271 7.04 18.65 47.31
C GLU C 271 5.52 18.39 47.19
N MET C 272 5.07 18.01 45.99
CA MET C 272 3.64 17.83 45.74
C MET C 272 2.99 16.67 46.52
N MET C 273 3.82 15.81 47.12
CA MET C 273 3.32 14.68 47.89
C MET C 273 3.51 14.85 49.39
N ASP C 274 4.07 16.00 49.77
CA ASP C 274 4.40 16.33 51.16
C ASP C 274 3.33 17.28 51.72
N ARG C 275 2.42 16.76 52.53
CA ARG C 275 1.29 17.54 53.05
C ARG C 275 1.70 18.73 53.92
N GLU C 276 2.93 18.71 54.43
CA GLU C 276 3.45 19.76 55.29
C GLU C 276 4.05 20.89 54.47
N LYS C 277 4.36 20.62 53.20
CA LYS C 277 5.03 21.59 52.33
C LYS C 277 4.24 22.00 51.08
N ALA C 278 3.36 21.10 50.62
CA ALA C 278 2.55 21.34 49.44
C ALA C 278 1.68 22.58 49.58
N TYR C 279 1.77 23.47 48.60
CA TYR C 279 0.85 24.59 48.46
C TYR C 279 0.00 24.32 47.22
N ILE C 280 -1.23 23.86 47.44
CA ILE C 280 -2.08 23.32 46.38
C ILE C 280 -2.35 24.26 45.20
N PRO C 281 -2.60 25.56 45.46
CA PRO C 281 -2.84 26.47 44.32
C PRO C 281 -1.64 26.62 43.38
N GLU C 282 -0.43 26.71 43.93
CA GLU C 282 0.78 26.81 43.10
C GLU C 282 0.94 25.54 42.27
N LEU C 283 0.92 24.40 42.95
CA LEU C 283 1.01 23.07 42.31
C LEU C 283 -0.03 22.87 41.20
N GLN C 284 -1.29 23.24 41.47
CA GLN C 284 -2.36 23.07 40.50
C GLN C 284 -2.20 24.01 39.33
N ILE C 285 -1.89 25.28 39.62
CA ILE C 285 -1.72 26.27 38.56
C ILE C 285 -0.58 25.84 37.64
N SER C 286 0.53 25.37 38.22
CA SER C 286 1.67 24.93 37.42
C SER C 286 1.29 23.73 36.57
N PHE C 287 0.63 22.74 37.17
CA PHE C 287 0.16 21.58 36.41
C PHE C 287 -0.72 21.99 35.22
N MET C 288 -1.64 22.91 35.48
CA MET C 288 -2.64 23.34 34.52
C MET C 288 -1.99 24.11 33.40
N GLU C 289 -1.07 24.99 33.76
CA GLU C 289 -0.42 25.89 32.81
C GLU C 289 0.63 25.17 31.97
N HIS C 290 1.39 24.28 32.60
CA HIS C 290 2.56 23.69 31.95
C HIS C 290 2.34 22.30 31.38
N ILE C 291 1.31 21.59 31.85
CA ILE C 291 1.01 20.25 31.34
C ILE C 291 -0.36 20.16 30.65
N ALA C 292 -1.44 20.50 31.36
CA ALA C 292 -2.79 20.31 30.82
C ALA C 292 -3.09 21.24 29.65
N MET C 293 -2.90 22.54 29.83
CA MET C 293 -3.15 23.52 28.76
C MET C 293 -2.47 23.22 27.42
N PRO C 294 -1.15 22.93 27.42
CA PRO C 294 -0.49 22.64 26.13
C PRO C 294 -1.09 21.43 25.43
N ILE C 295 -1.53 20.44 26.20
CA ILE C 295 -2.18 19.26 25.62
C ILE C 295 -3.45 19.63 24.86
N TYR C 296 -4.32 20.42 25.48
CA TYR C 296 -5.57 20.78 24.84
C TYR C 296 -5.36 21.91 23.80
N LYS C 297 -4.26 22.66 23.92
CA LYS C 297 -3.89 23.59 22.85
C LYS C 297 -3.53 22.86 21.57
N LEU C 298 -2.76 21.78 21.72
CA LEU C 298 -2.44 20.91 20.58
C LEU C 298 -3.69 20.28 19.99
N LEU C 299 -4.63 19.89 20.86
CA LEU C 299 -5.89 19.28 20.42
C LEU C 299 -6.73 20.30 19.62
N GLN C 300 -6.80 21.51 20.14
CA GLN C 300 -7.49 22.62 19.46
C GLN C 300 -6.89 22.95 18.07
N ASP C 301 -5.57 22.87 17.95
CA ASP C 301 -4.91 23.13 16.65
C ASP C 301 -5.25 22.06 15.64
N LEU C 302 -5.37 20.82 16.12
CA LEU C 302 -5.65 19.69 15.25
C LEU C 302 -7.14 19.63 14.91
N PHE C 303 -7.99 19.86 15.90
CA PHE C 303 -9.44 19.82 15.72
C PHE C 303 -10.03 21.14 16.21
N PRO C 304 -10.45 22.02 15.28
CA PRO C 304 -11.08 23.29 15.65
C PRO C 304 -12.26 23.13 16.62
N LYS C 305 -13.03 22.05 16.48
CA LYS C 305 -14.15 21.79 17.39
C LYS C 305 -13.73 21.50 18.84
N ALA C 306 -12.44 21.31 19.10
CA ALA C 306 -11.94 21.09 20.48
C ALA C 306 -11.57 22.40 21.18
N ALA C 307 -11.84 23.53 20.54
CA ALA C 307 -11.58 24.86 21.13
C ALA C 307 -12.16 25.02 22.53
N GLU C 308 -13.41 24.59 22.74
CA GLU C 308 -14.08 24.77 24.02
C GLU C 308 -13.41 24.01 25.16
N LEU C 309 -12.74 22.90 24.83
CA LEU C 309 -12.01 22.12 25.85
C LEU C 309 -10.82 22.91 26.38
N TYR C 310 -10.01 23.45 25.47
CA TYR C 310 -8.91 24.30 25.84
C TYR C 310 -9.39 25.51 26.66
N GLU C 311 -10.53 26.08 26.27
CA GLU C 311 -11.05 27.26 26.96
C GLU C 311 -11.49 26.95 28.37
N ARG C 312 -12.10 25.78 28.58
CA ARG C 312 -12.44 25.35 29.93
C ARG C 312 -11.21 25.14 30.80
N VAL C 313 -10.15 24.55 30.24
CA VAL C 313 -8.95 24.25 31.03
C VAL C 313 -8.30 25.55 31.48
N ALA C 314 -8.21 26.51 30.57
CA ALA C 314 -7.68 27.84 30.87
C ALA C 314 -8.52 28.60 31.92
N SER C 315 -9.85 28.47 31.85
CA SER C 315 -10.74 29.11 32.83
C SER C 315 -10.61 28.45 34.20
N ASN C 316 -10.58 27.12 34.22
CA ASN C 316 -10.32 26.40 35.45
C ASN C 316 -8.98 26.79 36.09
N ARG C 317 -7.98 27.04 35.25
CA ARG C 317 -6.67 27.51 35.72
C ARG C 317 -6.77 28.92 36.30
N GLU C 318 -7.53 29.79 35.63
CA GLU C 318 -7.75 31.15 36.10
C GLU C 318 -8.57 31.15 37.38
N HIS C 319 -9.43 30.14 37.55
CA HIS C 319 -10.21 30.05 38.77
C HIS C 319 -9.29 29.79 39.94
N TRP C 320 -8.29 28.93 39.76
CA TRP C 320 -7.33 28.63 40.83
C TRP C 320 -6.59 29.84 41.33
N THR C 321 -6.26 30.77 40.45
CA THR C 321 -5.61 32.01 40.86
C THR C 321 -6.57 32.83 41.70
N LYS C 322 -7.79 33.02 41.18
CA LYS C 322 -8.88 33.72 41.89
C LYS C 322 -9.22 33.17 43.27
N VAL C 323 -8.99 31.87 43.49
CA VAL C 323 -9.31 31.23 44.77
C VAL C 323 -8.08 31.02 45.68
N SER C 324 -6.89 31.33 45.17
CA SER C 324 -5.63 31.12 45.87
C SER C 324 -5.55 31.86 47.23
N HIS C 325 -6.02 33.10 47.26
CA HIS C 325 -6.03 33.91 48.50
C HIS C 325 -6.74 33.26 49.65
N LYS C 326 -7.72 32.40 49.36
CA LYS C 326 -8.45 31.69 50.40
C LYS C 326 -7.56 30.71 51.18
N PHE C 327 -6.39 30.37 50.62
CA PHE C 327 -5.44 29.48 51.33
C PHE C 327 -4.58 30.22 52.37
N THR C 328 -4.79 31.53 52.52
CA THR C 328 -4.24 32.28 53.65
C THR C 328 -5.38 32.70 54.57
N ILE C 329 -5.23 32.46 55.86
CA ILE C 329 -6.24 32.80 56.83
C ILE C 329 -6.24 34.32 57.02
N ARG C 330 -7.35 34.95 56.63
CA ARG C 330 -7.60 36.36 56.93
C ARG C 330 -8.68 36.46 57.99
N GLY C 331 -8.64 37.54 58.78
CA GLY C 331 -9.48 37.65 59.96
C GLY C 331 -9.13 36.56 60.96
N LEU C 332 -10.14 36.11 61.70
CA LEU C 332 -9.97 34.97 62.59
C LEU C 332 -10.59 33.72 61.97
N PRO C 333 -10.17 32.53 62.42
CA PRO C 333 -10.90 31.31 62.07
C PRO C 333 -12.38 31.38 62.50
N SER C 334 -13.22 30.54 61.90
CA SER C 334 -14.64 30.50 62.24
C SER C 334 -14.91 30.43 63.75
N ASN C 335 -14.04 29.73 64.50
CA ASN C 335 -14.22 29.58 65.95
C ASN C 335 -13.69 30.74 66.81
N ASN C 336 -13.24 31.83 66.18
CA ASN C 336 -12.74 33.02 66.88
C ASN C 336 -11.52 32.78 67.79
N SER C 337 -10.74 31.76 67.45
CA SER C 337 -9.57 31.39 68.22
C SER C 337 -8.36 31.27 67.32
N LEU C 338 -7.18 31.53 67.88
CA LEU C 338 -5.92 31.27 67.18
C LEU C 338 -5.26 30.01 67.77
N ASP C 339 -6.08 29.17 68.44
CA ASP C 339 -5.60 27.92 69.04
C ASP C 339 -4.98 26.93 68.05
N PHE C 340 -5.25 27.11 66.76
CA PHE C 340 -4.56 26.34 65.72
C PHE C 340 -3.06 26.63 65.71
N LEU C 341 -2.66 27.76 66.31
CA LEU C 341 -1.25 28.05 66.57
C LEU C 341 -0.87 27.49 67.94
N GLU D 6 -27.35 -36.31 8.36
CA GLU D 6 -26.01 -36.17 7.68
C GLU D 6 -25.03 -35.33 8.49
N TYR D 7 -25.53 -34.33 9.21
CA TYR D 7 -24.68 -33.53 10.08
C TYR D 7 -24.08 -34.38 11.20
N THR D 8 -24.92 -35.20 11.85
CA THR D 8 -24.44 -36.06 12.93
C THR D 8 -23.35 -37.00 12.42
N LYS D 9 -23.59 -37.58 11.25
CA LYS D 9 -22.63 -38.47 10.59
C LYS D 9 -21.30 -37.76 10.39
N LEU D 10 -21.34 -36.53 9.91
CA LEU D 10 -20.12 -35.74 9.72
C LEU D 10 -19.51 -35.34 11.06
N LEU D 11 -20.35 -35.04 12.03
CA LEU D 11 -19.89 -34.74 13.39
C LEU D 11 -19.12 -35.94 13.95
N HIS D 12 -19.72 -37.13 13.85
CA HIS D 12 -19.10 -38.34 14.38
C HIS D 12 -17.82 -38.72 13.68
N ASP D 13 -17.78 -38.53 12.36
CA ASP D 13 -16.62 -38.90 11.54
C ASP D 13 -15.40 -38.03 11.84
N GLY D 14 -15.64 -36.76 12.16
CA GLY D 14 -14.59 -35.86 12.63
C GLY D 14 -13.76 -35.24 11.53
N ILE D 15 -12.70 -34.52 11.94
CA ILE D 15 -11.72 -33.98 11.02
C ILE D 15 -10.45 -34.81 11.12
N GLN D 16 -10.05 -35.43 10.02
CA GLN D 16 -8.95 -36.38 10.01
C GLN D 16 -7.70 -35.77 9.40
N PRO D 17 -6.51 -36.17 9.89
CA PRO D 17 -5.32 -35.81 9.13
C PRO D 17 -5.46 -36.35 7.70
N VAL D 18 -4.99 -35.58 6.73
CA VAL D 18 -5.14 -35.98 5.33
C VAL D 18 -4.44 -37.32 5.01
N ALA D 19 -3.36 -37.64 5.72
CA ALA D 19 -2.66 -38.92 5.53
C ALA D 19 -3.56 -40.09 5.91
N ALA D 20 -4.42 -39.88 6.92
CA ALA D 20 -5.38 -40.89 7.35
C ALA D 20 -6.43 -41.17 6.28
N ILE D 21 -6.70 -40.19 5.43
CA ILE D 21 -7.69 -40.33 4.35
C ILE D 21 -7.12 -41.25 3.27
N ASP D 22 -5.93 -40.91 2.81
CA ASP D 22 -5.16 -41.72 1.87
C ASP D 22 -3.73 -41.18 1.89
N SER D 23 -2.75 -42.06 1.77
CA SER D 23 -1.34 -41.70 1.97
C SER D 23 -0.81 -40.73 0.93
N ASN D 24 -1.38 -40.75 -0.28
CA ASN D 24 -0.93 -39.87 -1.35
C ASN D 24 -1.92 -38.73 -1.58
N PHE D 25 -2.73 -38.40 -0.57
CA PHE D 25 -3.80 -37.43 -0.73
C PHE D 25 -3.35 -36.03 -1.17
N ALA D 26 -2.19 -35.59 -0.66
CA ALA D 26 -1.67 -34.26 -0.97
C ALA D 26 -0.76 -34.24 -2.21
N SER D 27 -0.81 -35.28 -3.03
CA SER D 27 0.01 -35.39 -4.24
C SER D 27 -0.78 -35.14 -5.53
N PHE D 28 -0.16 -34.49 -6.52
CA PHE D 28 -0.74 -34.35 -7.85
C PHE D 28 -1.14 -35.69 -8.49
N THR D 29 -0.49 -36.79 -8.07
CA THR D 29 -0.79 -38.11 -8.64
C THR D 29 -2.10 -38.69 -8.09
N TYR D 30 -2.63 -38.11 -7.01
CA TYR D 30 -3.89 -38.54 -6.42
C TYR D 30 -5.12 -38.20 -7.29
N THR D 31 -6.04 -39.14 -7.40
CA THR D 31 -7.27 -38.93 -8.16
C THR D 31 -8.39 -38.80 -7.16
N PRO D 32 -8.85 -37.56 -6.90
CA PRO D 32 -9.87 -37.42 -5.86
C PRO D 32 -11.19 -38.13 -6.15
N ARG D 33 -11.47 -38.39 -7.42
CA ARG D 33 -12.72 -39.10 -7.79
C ARG D 33 -12.70 -40.56 -7.31
N SER D 34 -11.52 -41.04 -6.91
CA SER D 34 -11.39 -42.34 -6.23
C SER D 34 -12.09 -42.36 -4.88
N LEU D 35 -12.18 -41.19 -4.22
CA LEU D 35 -12.75 -41.13 -2.89
C LEU D 35 -14.23 -41.39 -2.92
N PRO D 36 -14.73 -42.29 -2.05
CA PRO D 36 -16.17 -42.50 -1.94
C PRO D 36 -16.91 -41.20 -1.67
N GLU D 37 -18.03 -40.97 -2.37
CA GLU D 37 -18.78 -39.72 -2.28
C GLU D 37 -19.32 -39.41 -0.88
N ASP D 38 -19.66 -40.44 -0.10
CA ASP D 38 -20.05 -40.27 1.30
C ASP D 38 -18.90 -39.85 2.22
N ASP D 39 -17.65 -39.92 1.74
CA ASP D 39 -16.48 -39.41 2.47
C ASP D 39 -16.04 -37.98 2.04
N THR D 40 -16.70 -37.39 1.05
CA THR D 40 -16.25 -36.12 0.47
C THR D 40 -16.35 -34.95 1.45
N SER D 41 -17.45 -34.86 2.20
CA SER D 41 -17.62 -33.76 3.16
C SER D 41 -16.54 -33.78 4.24
N MET D 42 -16.30 -34.96 4.81
CA MET D 42 -15.22 -35.12 5.77
C MET D 42 -13.88 -34.68 5.16
N ALA D 43 -13.64 -34.98 3.90
CA ALA D 43 -12.37 -34.59 3.23
C ALA D 43 -12.22 -33.08 3.03
N ILE D 44 -13.33 -32.40 2.73
CA ILE D 44 -13.33 -30.94 2.63
C ILE D 44 -12.93 -30.29 3.96
N LEU D 45 -13.55 -30.73 5.05
CA LEU D 45 -13.15 -30.26 6.38
C LEU D 45 -11.67 -30.53 6.65
N SER D 46 -11.22 -31.74 6.32
CA SER D 46 -9.83 -32.14 6.55
C SER D 46 -8.84 -31.30 5.75
N MET D 47 -9.21 -30.93 4.52
CA MET D 47 -8.36 -30.03 3.71
C MET D 47 -8.34 -28.61 4.28
N LEU D 48 -9.49 -28.12 4.71
CA LEU D 48 -9.56 -26.80 5.32
C LEU D 48 -8.71 -26.75 6.61
N GLN D 49 -8.73 -27.85 7.37
CA GLN D 49 -7.96 -27.99 8.59
C GLN D 49 -6.47 -28.05 8.27
N ASP D 50 -6.11 -28.84 7.27
CA ASP D 50 -4.71 -29.01 6.88
C ASP D 50 -4.09 -27.71 6.36
N MET D 51 -4.91 -26.85 5.75
CA MET D 51 -4.49 -25.52 5.35
C MET D 51 -4.53 -24.53 6.52
N ASN D 52 -5.08 -25.00 7.65
CA ASN D 52 -5.27 -24.22 8.88
C ASN D 52 -6.20 -23.04 8.72
N PHE D 53 -7.10 -23.11 7.74
CA PHE D 53 -8.05 -22.01 7.53
C PHE D 53 -9.12 -21.98 8.61
N ILE D 54 -9.42 -23.13 9.22
CA ILE D 54 -10.44 -23.19 10.29
C ILE D 54 -9.96 -22.38 11.52
N ASN D 55 -8.75 -22.66 11.97
CA ASN D 55 -8.18 -21.90 13.09
C ASN D 55 -7.83 -20.46 12.74
N ASN D 56 -7.22 -20.25 11.60
CA ASN D 56 -6.75 -18.92 11.24
C ASN D 56 -7.90 -17.93 11.02
N TYR D 57 -9.08 -18.41 10.64
CA TYR D 57 -10.24 -17.52 10.46
C TYR D 57 -11.32 -17.70 11.53
N LYS D 58 -11.04 -18.57 12.50
CA LYS D 58 -11.92 -18.78 13.65
C LYS D 58 -13.32 -19.20 13.20
N ILE D 59 -13.33 -20.11 12.22
CA ILE D 59 -14.55 -20.60 11.61
C ILE D 59 -15.27 -21.54 12.59
N ASP D 60 -16.55 -21.29 12.86
CA ASP D 60 -17.35 -22.17 13.71
C ASP D 60 -17.49 -23.52 13.01
N CYS D 61 -16.95 -24.58 13.62
CA CYS D 61 -16.97 -25.90 12.97
C CYS D 61 -18.38 -26.42 12.62
N PRO D 62 -19.34 -26.31 13.55
CA PRO D 62 -20.70 -26.72 13.20
C PRO D 62 -21.27 -25.96 11.99
N THR D 63 -21.03 -24.65 11.94
CA THR D 63 -21.49 -23.84 10.81
C THR D 63 -20.82 -24.32 9.51
N LEU D 64 -19.52 -24.56 9.58
CA LEU D 64 -18.75 -25.06 8.43
C LEU D 64 -19.29 -26.41 7.94
N ALA D 65 -19.53 -27.34 8.85
CA ALA D 65 -20.14 -28.61 8.50
C ALA D 65 -21.49 -28.43 7.78
N ARG D 66 -22.36 -27.60 8.34
CA ARG D 66 -23.68 -27.36 7.75
C ARG D 66 -23.58 -26.68 6.38
N PHE D 67 -22.66 -25.73 6.25
CA PHE D 67 -22.33 -25.12 4.97
C PHE D 67 -21.89 -26.12 3.91
N CYS D 68 -20.90 -26.94 4.24
CA CYS D 68 -20.39 -27.94 3.33
C CYS D 68 -21.47 -28.94 2.90
N LEU D 69 -22.29 -29.38 3.86
CA LEU D 69 -23.38 -30.29 3.52
C LEU D 69 -24.37 -29.65 2.57
N MET D 70 -24.73 -28.39 2.81
CA MET D 70 -25.69 -27.72 1.95
C MET D 70 -25.11 -27.43 0.56
N VAL D 71 -23.81 -27.15 0.49
CA VAL D 71 -23.15 -26.95 -0.82
C VAL D 71 -23.18 -28.27 -1.62
N LYS D 72 -22.85 -29.37 -0.98
CA LYS D 72 -22.94 -30.68 -1.63
C LYS D 72 -24.35 -30.96 -2.17
N LYS D 73 -25.37 -30.69 -1.35
CA LYS D 73 -26.76 -30.91 -1.74
C LYS D 73 -27.24 -29.95 -2.84
N GLY D 74 -26.51 -28.85 -3.06
CA GLY D 74 -26.92 -27.86 -4.04
C GLY D 74 -26.53 -28.21 -5.46
N TYR D 75 -25.88 -29.36 -5.61
CA TYR D 75 -25.57 -29.90 -6.93
C TYR D 75 -26.61 -30.90 -7.36
N ARG D 76 -26.98 -30.85 -8.64
CA ARG D 76 -27.81 -31.88 -9.27
C ARG D 76 -26.92 -33.04 -9.76
N ASP D 77 -27.48 -33.93 -10.59
CA ASP D 77 -26.72 -35.10 -11.07
C ASP D 77 -26.61 -35.27 -12.60
N PRO D 78 -26.28 -34.18 -13.33
CA PRO D 78 -25.91 -34.47 -14.73
C PRO D 78 -24.62 -35.32 -14.75
N PRO D 79 -24.25 -35.88 -15.92
CA PRO D 79 -23.06 -36.72 -15.98
C PRO D 79 -21.74 -36.06 -15.52
N TYR D 80 -21.48 -34.83 -15.93
CA TYR D 80 -20.21 -34.15 -15.53
C TYR D 80 -20.39 -33.13 -14.40
N HIS D 81 -21.28 -32.16 -14.58
CA HIS D 81 -21.39 -31.00 -13.67
C HIS D 81 -22.16 -31.28 -12.40
N ASN D 82 -21.59 -32.14 -11.56
CA ASN D 82 -22.23 -32.59 -10.31
C ASN D 82 -21.28 -32.34 -9.14
N TRP D 83 -21.67 -32.78 -7.95
CA TRP D 83 -20.83 -32.55 -6.77
C TRP D 83 -19.43 -33.10 -6.88
N MET D 84 -19.28 -34.32 -7.42
CA MET D 84 -17.94 -34.91 -7.57
C MET D 84 -16.99 -34.04 -8.40
N HIS D 85 -17.52 -33.29 -9.37
CA HIS D 85 -16.74 -32.26 -10.10
C HIS D 85 -16.32 -31.15 -9.16
N ALA D 86 -17.26 -30.62 -8.42
CA ALA D 86 -16.98 -29.54 -7.44
C ALA D 86 -15.96 -29.98 -6.38
N PHE D 87 -16.13 -31.19 -5.86
CA PHE D 87 -15.16 -31.76 -4.93
C PHE D 87 -13.75 -31.93 -5.50
N SER D 88 -13.62 -32.48 -6.71
CA SER D 88 -12.28 -32.70 -7.28
C SER D 88 -11.59 -31.39 -7.67
N VAL D 89 -12.38 -30.40 -8.09
CA VAL D 89 -11.89 -29.04 -8.36
C VAL D 89 -11.34 -28.43 -7.06
N SER D 90 -12.09 -28.62 -5.99
CA SER D 90 -11.70 -28.12 -4.67
C SER D 90 -10.42 -28.82 -4.20
N HIS D 91 -10.36 -30.13 -4.36
CA HIS D 91 -9.14 -30.90 -4.09
C HIS D 91 -7.94 -30.36 -4.81
N PHE D 92 -8.09 -30.06 -6.09
CA PHE D 92 -6.99 -29.52 -6.85
C PHE D 92 -6.53 -28.18 -6.30
N CYS D 93 -7.47 -27.33 -5.85
CA CYS D 93 -7.09 -26.09 -5.21
C CYS D 93 -6.18 -26.37 -4.00
N TYR D 94 -6.59 -27.33 -3.18
CA TYR D 94 -5.78 -27.80 -2.06
C TYR D 94 -4.39 -28.31 -2.49
N LEU D 95 -4.33 -29.06 -3.57
CA LEU D 95 -3.04 -29.52 -4.12
C LEU D 95 -2.14 -28.38 -4.59
N LEU D 96 -2.74 -27.32 -5.12
CA LEU D 96 -1.95 -26.17 -5.54
C LEU D 96 -1.36 -25.50 -4.29
N TYR D 97 -2.17 -25.36 -3.26
CA TYR D 97 -1.70 -24.85 -1.96
C TYR D 97 -0.53 -25.67 -1.41
N LYS D 98 -0.67 -26.99 -1.43
CA LYS D 98 0.34 -27.87 -0.82
C LYS D 98 1.63 -28.00 -1.61
N ASN D 99 1.53 -27.99 -2.94
CA ASN D 99 2.66 -28.32 -3.81
C ASN D 99 3.35 -27.13 -4.47
N LEU D 100 2.65 -26.01 -4.60
CA LEU D 100 3.19 -24.82 -5.25
C LEU D 100 3.38 -23.74 -4.23
N GLU D 101 4.10 -22.70 -4.63
CA GLU D 101 4.44 -21.63 -3.72
C GLU D 101 3.37 -20.55 -3.77
N LEU D 102 2.14 -20.93 -3.40
CA LEU D 102 0.97 -20.05 -3.53
C LEU D 102 1.01 -18.91 -2.51
N THR D 103 1.42 -19.25 -1.28
CA THR D 103 1.51 -18.28 -0.18
C THR D 103 2.56 -17.20 -0.40
N ASN D 104 3.55 -17.44 -1.27
CA ASN D 104 4.49 -16.40 -1.66
C ASN D 104 3.88 -15.35 -2.60
N TYR D 105 2.83 -15.74 -3.33
CA TYR D 105 2.22 -14.89 -4.36
C TYR D 105 0.84 -14.37 -4.01
N LEU D 106 0.14 -15.07 -3.11
CA LEU D 106 -1.22 -14.71 -2.74
C LEU D 106 -1.41 -14.59 -1.24
N GLU D 107 -2.36 -13.76 -0.85
CA GLU D 107 -2.73 -13.66 0.55
C GLU D 107 -3.53 -14.88 0.94
N ASP D 108 -3.46 -15.23 2.23
CA ASP D 108 -4.14 -16.41 2.73
C ASP D 108 -5.66 -16.33 2.48
N ILE D 109 -6.26 -15.14 2.62
CA ILE D 109 -7.71 -14.99 2.45
C ILE D 109 -8.14 -15.17 0.98
N GLU D 110 -7.26 -14.79 0.07
CA GLU D 110 -7.47 -15.00 -1.37
C GLU D 110 -7.49 -16.51 -1.68
N ILE D 111 -6.58 -17.27 -1.06
CA ILE D 111 -6.52 -18.72 -1.26
C ILE D 111 -7.75 -19.41 -0.65
N PHE D 112 -8.13 -18.98 0.55
CA PHE D 112 -9.36 -19.45 1.20
C PHE D 112 -10.58 -19.18 0.31
N ALA D 113 -10.66 -17.95 -0.24
CA ALA D 113 -11.74 -17.56 -1.16
C ALA D 113 -11.74 -18.46 -2.40
N LEU D 114 -10.54 -18.77 -2.89
CA LEU D 114 -10.43 -19.64 -4.08
C LEU D 114 -11.00 -21.02 -3.77
N PHE D 115 -10.72 -21.53 -2.58
CA PHE D 115 -11.12 -22.88 -2.22
C PHE D 115 -12.64 -22.98 -2.03
N ILE D 116 -13.21 -22.05 -1.29
CA ILE D 116 -14.65 -21.93 -1.11
C ILE D 116 -15.36 -21.70 -2.48
N SER D 117 -14.77 -20.89 -3.35
CA SER D 117 -15.34 -20.68 -4.68
C SER D 117 -15.35 -21.97 -5.48
N CYS D 118 -14.27 -22.75 -5.40
CA CYS D 118 -14.24 -24.08 -6.06
C CYS D 118 -15.43 -24.97 -5.65
N MET D 119 -15.69 -25.04 -4.34
CA MET D 119 -16.83 -25.82 -3.82
C MET D 119 -18.14 -25.36 -4.43
N CYS D 120 -18.29 -24.05 -4.64
CA CYS D 120 -19.58 -23.46 -5.02
C CYS D 120 -19.75 -23.18 -6.53
N HIS D 121 -18.69 -23.38 -7.31
CA HIS D 121 -18.57 -22.68 -8.61
C HIS D 121 -19.50 -23.20 -9.68
N ASP D 122 -20.05 -24.40 -9.50
CA ASP D 122 -21.03 -24.98 -10.44
C ASP D 122 -22.38 -25.30 -9.83
N LEU D 123 -22.69 -24.68 -8.69
CA LEU D 123 -23.91 -24.99 -7.97
C LEU D 123 -25.17 -24.94 -8.83
N ASP D 124 -25.99 -25.99 -8.72
CA ASP D 124 -27.26 -26.11 -9.47
C ASP D 124 -27.13 -26.15 -11.00
N HIS D 125 -25.98 -26.57 -11.49
CA HIS D 125 -25.79 -26.79 -12.92
C HIS D 125 -26.78 -27.81 -13.41
N ARG D 126 -27.36 -27.54 -14.56
CA ARG D 126 -28.40 -28.39 -15.14
C ARG D 126 -27.89 -29.27 -16.28
N GLY D 127 -26.59 -29.19 -16.59
CA GLY D 127 -26.01 -29.94 -17.70
C GLY D 127 -26.13 -29.26 -19.05
N THR D 128 -26.53 -27.99 -19.05
CA THR D 128 -26.62 -27.22 -20.27
C THR D 128 -25.77 -25.95 -20.14
N ASN D 129 -25.25 -25.44 -21.26
CA ASN D 129 -24.32 -24.31 -21.26
C ASN D 129 -25.05 -22.97 -21.34
N ASN D 130 -24.28 -21.88 -21.42
CA ASN D 130 -24.89 -20.55 -21.40
C ASN D 130 -25.78 -20.25 -22.61
N SER D 131 -25.26 -20.60 -23.79
CA SER D 131 -25.98 -20.37 -25.05
C SER D 131 -27.37 -21.04 -25.02
N PHE D 132 -27.42 -22.24 -24.49
CA PHE D 132 -28.69 -22.95 -24.34
C PHE D 132 -29.72 -22.24 -23.46
N GLN D 133 -29.28 -21.67 -22.35
CA GLN D 133 -30.17 -20.91 -21.50
C GLN D 133 -30.88 -19.83 -22.31
N VAL D 134 -30.08 -19.14 -23.13
CA VAL D 134 -30.55 -18.03 -23.91
C VAL D 134 -31.42 -18.55 -25.03
N ALA D 135 -30.97 -19.60 -25.70
CA ALA D 135 -31.71 -20.19 -26.79
C ALA D 135 -33.06 -20.77 -26.32
N SER D 136 -33.08 -21.40 -25.14
CA SER D 136 -34.29 -22.02 -24.59
C SER D 136 -35.15 -21.02 -23.82
N LYS D 137 -34.65 -19.80 -23.68
CA LYS D 137 -35.32 -18.72 -22.96
C LYS D 137 -35.67 -19.14 -21.54
N SER D 138 -34.71 -19.74 -20.84
CA SER D 138 -34.92 -20.18 -19.47
C SER D 138 -35.07 -18.94 -18.58
N VAL D 139 -35.53 -19.12 -17.36
CA VAL D 139 -35.60 -17.99 -16.42
C VAL D 139 -34.21 -17.46 -16.10
N LEU D 140 -33.20 -18.33 -16.12
CA LEU D 140 -31.83 -17.89 -15.82
C LEU D 140 -31.32 -16.92 -16.88
N ALA D 141 -31.70 -17.16 -18.14
CA ALA D 141 -31.39 -16.22 -19.21
C ALA D 141 -32.15 -14.90 -19.04
N ALA D 142 -33.42 -14.94 -18.67
CA ALA D 142 -34.19 -13.70 -18.42
C ALA D 142 -33.52 -12.83 -17.34
N LEU D 143 -32.99 -13.48 -16.31
CA LEU D 143 -32.34 -12.78 -15.21
C LEU D 143 -30.93 -12.28 -15.54
N TYR D 144 -30.17 -13.02 -16.33
CA TYR D 144 -28.72 -12.79 -16.43
C TYR D 144 -28.12 -12.58 -17.83
N SER D 145 -28.87 -12.88 -18.88
CA SER D 145 -28.28 -12.91 -20.23
C SER D 145 -27.69 -11.55 -20.67
N SER D 146 -28.32 -10.45 -20.30
CA SER D 146 -27.82 -9.12 -20.69
C SER D 146 -26.44 -8.80 -20.07
N GLU D 147 -26.13 -9.39 -18.92
CA GLU D 147 -24.86 -9.15 -18.23
C GLU D 147 -23.81 -10.19 -18.60
N GLY D 148 -24.24 -11.30 -19.18
CA GLY D 148 -23.34 -12.37 -19.62
C GLY D 148 -23.04 -13.36 -18.50
N SER D 149 -22.47 -14.49 -18.92
CA SER D 149 -22.10 -15.60 -18.03
C SER D 149 -23.30 -16.06 -17.21
N VAL D 150 -24.35 -16.44 -17.91
CA VAL D 150 -25.65 -16.79 -17.28
C VAL D 150 -25.53 -17.80 -16.16
N MET D 151 -24.88 -18.94 -16.42
CA MET D 151 -24.82 -20.00 -15.41
C MET D 151 -23.95 -19.61 -14.23
N GLU D 152 -22.85 -18.94 -14.52
CA GLU D 152 -21.93 -18.51 -13.48
C GLU D 152 -22.57 -17.48 -12.53
N ARG D 153 -23.40 -16.58 -13.07
CA ARG D 153 -24.12 -15.65 -12.23
C ARG D 153 -25.11 -16.42 -11.32
N HIS D 154 -25.67 -17.50 -11.83
CA HIS D 154 -26.56 -18.35 -11.06
C HIS D 154 -25.82 -19.11 -9.99
N HIS D 155 -24.62 -19.62 -10.30
CA HIS D 155 -23.83 -20.34 -9.31
C HIS D 155 -23.49 -19.44 -8.14
N PHE D 156 -23.07 -18.20 -8.44
CA PHE D 156 -22.73 -17.25 -7.41
C PHE D 156 -23.98 -16.95 -6.59
N ALA D 157 -25.10 -16.71 -7.26
CA ALA D 157 -26.34 -16.39 -6.55
C ALA D 157 -26.80 -17.53 -5.63
N GLN D 158 -26.55 -18.76 -6.04
CA GLN D 158 -26.83 -19.92 -5.20
C GLN D 158 -25.90 -19.98 -3.98
N ALA D 159 -24.64 -19.58 -4.16
CA ALA D 159 -23.70 -19.59 -3.03
C ALA D 159 -24.12 -18.54 -2.00
N ILE D 160 -24.56 -17.38 -2.48
CA ILE D 160 -25.08 -16.33 -1.60
C ILE D 160 -26.28 -16.84 -0.79
N ALA D 161 -27.17 -17.59 -1.44
CA ALA D 161 -28.37 -18.10 -0.77
C ALA D 161 -27.99 -19.09 0.33
N ILE D 162 -27.00 -19.93 0.06
CA ILE D 162 -26.53 -20.86 1.07
C ILE D 162 -25.95 -20.11 2.25
N LEU D 163 -25.06 -19.15 2.00
CA LEU D 163 -24.45 -18.35 3.06
C LEU D 163 -25.49 -17.64 3.91
N ASN D 164 -26.57 -17.19 3.30
CA ASN D 164 -27.61 -16.49 4.03
C ASN D 164 -28.70 -17.45 4.57
N THR D 165 -28.44 -18.75 4.49
CA THR D 165 -29.33 -19.76 5.09
C THR D 165 -28.95 -19.86 6.56
N HIS D 166 -29.95 -19.90 7.43
CA HIS D 166 -29.68 -19.94 8.88
C HIS D 166 -28.77 -21.06 9.23
N GLY D 167 -27.73 -20.77 10.01
CA GLY D 167 -26.78 -21.78 10.48
C GLY D 167 -25.66 -22.13 9.51
N CYS D 168 -25.61 -21.45 8.36
CA CYS D 168 -24.66 -21.80 7.32
C CYS D 168 -23.66 -20.70 6.96
N ASN D 169 -23.79 -19.52 7.59
CA ASN D 169 -22.90 -18.41 7.28
C ASN D 169 -21.55 -18.55 7.97
N ILE D 170 -20.64 -19.24 7.30
CA ILE D 170 -19.28 -19.42 7.81
C ILE D 170 -18.49 -18.11 7.98
N PHE D 171 -18.96 -16.99 7.40
CA PHE D 171 -18.24 -15.71 7.45
C PHE D 171 -18.87 -14.66 8.36
N ASP D 172 -19.90 -15.02 9.12
CA ASP D 172 -20.75 -14.04 9.82
C ASP D 172 -20.10 -13.42 11.07
N HIS D 173 -18.97 -13.97 11.49
CA HIS D 173 -18.13 -13.36 12.53
C HIS D 173 -17.00 -12.53 11.97
N PHE D 174 -16.75 -12.62 10.65
CA PHE D 174 -15.72 -11.79 10.00
C PHE D 174 -16.00 -10.29 10.19
N SER D 175 -14.96 -9.47 10.17
CA SER D 175 -15.16 -8.01 10.11
C SER D 175 -15.89 -7.65 8.81
N ARG D 176 -16.54 -6.48 8.81
CA ARG D 176 -17.19 -5.92 7.62
C ARG D 176 -16.28 -5.92 6.41
N LYS D 177 -15.04 -5.45 6.60
CA LYS D 177 -14.07 -5.39 5.52
C LYS D 177 -13.76 -6.79 5.01
N ASP D 178 -13.52 -7.73 5.91
CA ASP D 178 -13.15 -9.11 5.50
C ASP D 178 -14.33 -9.89 4.91
N TYR D 179 -15.52 -9.64 5.42
CA TYR D 179 -16.73 -10.24 4.87
C TYR D 179 -16.90 -9.77 3.41
N GLN D 180 -16.78 -8.45 3.23
CA GLN D 180 -16.91 -7.86 1.90
C GLN D 180 -15.83 -8.39 0.95
N ARG D 181 -14.61 -8.50 1.45
CA ARG D 181 -13.52 -9.00 0.61
C ARG D 181 -13.85 -10.42 0.12
N MET D 182 -14.36 -11.26 1.01
CA MET D 182 -14.74 -12.63 0.65
C MET D 182 -15.79 -12.68 -0.45
N LEU D 183 -16.80 -11.83 -0.32
CA LEU D 183 -17.89 -11.78 -1.30
C LEU D 183 -17.38 -11.34 -2.67
N ASP D 184 -16.55 -10.29 -2.68
CA ASP D 184 -16.01 -9.80 -3.94
C ASP D 184 -15.06 -10.84 -4.57
N LEU D 185 -14.27 -11.53 -3.75
CA LEU D 185 -13.41 -12.60 -4.26
C LEU D 185 -14.25 -13.73 -4.89
N MET D 186 -15.24 -14.22 -4.15
CA MET D 186 -16.08 -15.31 -4.66
C MET D 186 -16.81 -14.95 -5.97
N ARG D 187 -17.38 -13.74 -6.04
CA ARG D 187 -18.07 -13.26 -7.23
C ARG D 187 -17.11 -13.30 -8.42
N ASP D 188 -15.95 -12.69 -8.25
CA ASP D 188 -14.99 -12.60 -9.33
C ASP D 188 -14.46 -13.96 -9.76
N ILE D 189 -14.14 -14.82 -8.80
CA ILE D 189 -13.55 -16.13 -9.07
C ILE D 189 -14.57 -17.06 -9.73
N ILE D 190 -15.80 -17.05 -9.23
CA ILE D 190 -16.86 -17.85 -9.85
C ILE D 190 -17.17 -17.36 -11.27
N LEU D 191 -17.23 -16.04 -11.44
CA LEU D 191 -17.47 -15.48 -12.77
C LEU D 191 -16.34 -15.85 -13.74
N ALA D 192 -15.12 -16.03 -13.20
CA ALA D 192 -13.96 -16.41 -14.02
C ALA D 192 -14.02 -17.86 -14.56
N THR D 193 -14.93 -18.68 -14.04
CA THR D 193 -15.06 -20.06 -14.55
C THR D 193 -15.71 -20.14 -15.92
N ASP D 194 -16.34 -19.05 -16.36
CA ASP D 194 -16.86 -18.99 -17.72
C ASP D 194 -15.65 -18.99 -18.66
N LEU D 195 -15.53 -20.01 -19.50
CA LEU D 195 -14.38 -20.09 -20.37
C LEU D 195 -14.33 -18.91 -21.34
N ALA D 196 -15.50 -18.31 -21.64
CA ALA D 196 -15.55 -17.08 -22.45
C ALA D 196 -14.78 -15.94 -21.80
N HIS D 197 -14.94 -15.79 -20.49
CA HIS D 197 -14.13 -14.86 -19.71
C HIS D 197 -12.66 -15.16 -19.79
N HIS D 198 -12.29 -16.42 -19.51
CA HIS D 198 -10.88 -16.82 -19.67
C HIS D 198 -10.30 -16.41 -21.01
N LEU D 199 -11.03 -16.70 -22.07
CA LEU D 199 -10.54 -16.39 -23.42
C LEU D 199 -10.39 -14.89 -23.62
N ARG D 200 -11.30 -14.11 -23.03
CA ARG D 200 -11.18 -12.64 -23.02
C ARG D 200 -9.95 -12.11 -22.28
N ILE D 201 -9.61 -12.68 -21.13
CA ILE D 201 -8.46 -12.18 -20.35
C ILE D 201 -7.12 -12.85 -20.68
N PHE D 202 -7.11 -13.76 -21.64
CA PHE D 202 -5.94 -14.59 -21.92
C PHE D 202 -4.71 -13.75 -22.26
N LYS D 203 -4.90 -12.73 -23.10
CA LYS D 203 -3.76 -11.84 -23.43
C LYS D 203 -3.24 -11.15 -22.17
N ASP D 204 -4.11 -10.72 -21.27
CA ASP D 204 -3.64 -10.13 -20.00
C ASP D 204 -2.90 -11.13 -19.11
N LEU D 205 -3.31 -12.40 -19.11
CA LEU D 205 -2.53 -13.44 -18.41
C LEU D 205 -1.15 -13.61 -19.06
N GLN D 206 -1.08 -13.59 -20.38
CA GLN D 206 0.21 -13.73 -21.08
C GLN D 206 1.12 -12.56 -20.72
N LYS D 207 0.57 -11.35 -20.77
CA LYS D 207 1.34 -10.14 -20.41
C LYS D 207 1.91 -10.29 -19.00
N MET D 208 1.07 -10.73 -18.06
CA MET D 208 1.51 -10.92 -16.68
C MET D 208 2.68 -11.90 -16.57
N ALA D 209 2.60 -13.03 -17.28
CA ALA D 209 3.71 -13.99 -17.30
C ALA D 209 4.97 -13.40 -17.96
N GLU D 210 4.78 -12.56 -18.97
CA GLU D 210 5.91 -11.96 -19.69
C GLU D 210 6.68 -10.98 -18.85
N VAL D 211 5.98 -10.09 -18.13
CA VAL D 211 6.68 -9.13 -17.27
C VAL D 211 7.10 -9.76 -15.95
N GLY D 212 6.53 -10.92 -15.64
CA GLY D 212 6.76 -11.52 -14.35
C GLY D 212 5.73 -11.02 -13.35
N TYR D 213 5.30 -11.94 -12.50
CA TYR D 213 4.31 -11.67 -11.47
C TYR D 213 4.82 -10.64 -10.48
N ASP D 214 4.01 -9.61 -10.24
CA ASP D 214 4.35 -8.53 -9.31
C ASP D 214 3.46 -8.67 -8.08
N ARG D 215 4.02 -9.26 -7.02
CA ARG D 215 3.33 -9.42 -5.72
C ARG D 215 2.68 -8.14 -5.22
N ASN D 216 3.19 -6.97 -5.62
CA ASN D 216 2.64 -5.70 -5.18
C ASN D 216 1.51 -5.16 -6.06
N ASN D 217 1.21 -5.86 -7.16
CA ASN D 217 0.23 -5.40 -8.15
C ASN D 217 -1.09 -6.12 -7.90
N LYS D 218 -2.14 -5.37 -7.55
CA LYS D 218 -3.43 -5.96 -7.19
C LYS D 218 -4.17 -6.56 -8.40
N GLN D 219 -3.89 -6.09 -9.61
CA GLN D 219 -4.44 -6.72 -10.82
C GLN D 219 -3.78 -8.07 -11.08
N HIS D 220 -2.49 -8.17 -10.80
CA HIS D 220 -1.80 -9.47 -10.90
C HIS D 220 -2.43 -10.48 -9.97
N HIS D 221 -2.78 -10.09 -8.74
CA HIS D 221 -3.50 -10.99 -7.83
C HIS D 221 -4.80 -11.46 -8.43
N ARG D 222 -5.59 -10.52 -8.93
CA ARG D 222 -6.89 -10.83 -9.54
C ARG D 222 -6.72 -11.80 -10.72
N LEU D 223 -5.79 -11.50 -11.63
CA LEU D 223 -5.55 -12.35 -12.80
C LEU D 223 -5.06 -13.74 -12.39
N LEU D 224 -4.13 -13.79 -11.44
CA LEU D 224 -3.60 -15.09 -10.99
C LEU D 224 -4.73 -15.93 -10.39
N LEU D 225 -5.65 -15.31 -9.65
CA LEU D 225 -6.79 -16.04 -9.10
C LEU D 225 -7.69 -16.65 -10.18
N CYS D 226 -7.92 -15.88 -11.25
CA CYS D 226 -8.67 -16.35 -12.40
C CYS D 226 -8.00 -17.56 -13.02
N LEU D 227 -6.72 -17.43 -13.37
CA LEU D 227 -5.94 -18.54 -13.89
C LEU D 227 -5.96 -19.77 -12.98
N LEU D 228 -5.81 -19.60 -11.67
CA LEU D 228 -5.79 -20.74 -10.78
C LEU D 228 -7.15 -21.42 -10.76
N MET D 229 -8.21 -20.63 -10.81
CA MET D 229 -9.58 -21.16 -10.83
C MET D 229 -9.80 -22.01 -12.07
N THR D 230 -9.39 -21.50 -13.23
CA THR D 230 -9.49 -22.28 -14.48
C THR D 230 -8.65 -23.54 -14.40
N SER D 231 -7.45 -23.43 -13.82
CA SER D 231 -6.58 -24.57 -13.62
C SER D 231 -7.26 -25.63 -12.75
N CYS D 232 -8.02 -25.22 -11.75
CA CYS D 232 -8.73 -26.18 -10.92
C CYS D 232 -9.88 -26.81 -11.72
N ASP D 233 -10.58 -25.99 -12.49
CA ASP D 233 -11.78 -26.41 -13.25
C ASP D 233 -11.45 -27.52 -14.26
N LEU D 234 -10.25 -27.44 -14.84
CA LEU D 234 -9.80 -28.39 -15.85
C LEU D 234 -8.84 -29.48 -15.35
N SER D 235 -8.67 -29.56 -14.03
CA SER D 235 -7.67 -30.40 -13.41
C SER D 235 -7.83 -31.90 -13.67
N ASP D 236 -9.04 -32.36 -13.98
CA ASP D 236 -9.25 -33.74 -14.49
C ASP D 236 -8.26 -34.09 -15.62
N GLN D 237 -7.86 -33.13 -16.44
CA GLN D 237 -6.93 -33.39 -17.52
C GLN D 237 -5.47 -33.56 -17.09
N THR D 238 -5.16 -33.31 -15.82
CA THR D 238 -3.78 -33.43 -15.31
C THR D 238 -3.50 -34.79 -14.68
N LYS D 239 -4.49 -35.68 -14.70
CA LYS D 239 -4.33 -37.00 -14.11
C LYS D 239 -3.82 -37.99 -15.20
N GLY D 240 -4.02 -39.28 -15.01
CA GLY D 240 -3.65 -40.28 -16.03
C GLY D 240 -4.72 -40.53 -17.09
N TRP D 241 -4.39 -41.38 -18.07
CA TRP D 241 -5.28 -41.66 -19.21
C TRP D 241 -6.64 -42.16 -18.83
N LYS D 242 -6.71 -43.04 -17.82
CA LYS D 242 -7.99 -43.60 -17.38
C LYS D 242 -8.94 -42.51 -16.92
N THR D 243 -8.40 -41.54 -16.18
CA THR D 243 -9.22 -40.42 -15.73
C THR D 243 -9.77 -39.66 -16.93
N THR D 244 -8.89 -39.23 -17.85
CA THR D 244 -9.31 -38.43 -19.01
C THR D 244 -10.34 -39.15 -19.89
N ARG D 245 -10.17 -40.46 -20.06
CA ARG D 245 -11.09 -41.25 -20.86
C ARG D 245 -12.47 -41.27 -20.22
N LYS D 246 -12.51 -41.48 -18.91
CA LYS D 246 -13.77 -41.46 -18.18
C LYS D 246 -14.41 -40.07 -18.25
N ILE D 247 -13.60 -39.02 -18.14
CA ILE D 247 -14.15 -37.66 -18.10
C ILE D 247 -14.74 -37.26 -19.44
N ALA D 248 -14.08 -37.65 -20.53
CA ALA D 248 -14.62 -37.44 -21.87
C ALA D 248 -15.96 -38.16 -22.04
N GLU D 249 -16.05 -39.35 -21.46
CA GLU D 249 -17.30 -40.11 -21.36
C GLU D 249 -18.43 -39.26 -20.81
N LEU D 250 -18.18 -38.65 -19.65
CA LEU D 250 -19.20 -37.88 -18.96
C LEU D 250 -19.54 -36.59 -19.69
N ILE D 251 -18.52 -35.89 -20.13
CA ILE D 251 -18.69 -34.61 -20.81
C ILE D 251 -19.51 -34.74 -22.09
N TYR D 252 -19.16 -35.72 -22.92
CA TYR D 252 -19.86 -35.90 -24.17
C TYR D 252 -21.30 -36.36 -24.03
N LYS D 253 -21.57 -37.22 -23.04
CA LYS D 253 -22.95 -37.63 -22.74
C LYS D 253 -23.78 -36.38 -22.41
N GLU D 254 -23.23 -35.54 -21.53
CA GLU D 254 -23.88 -34.29 -21.16
C GLU D 254 -24.09 -33.38 -22.37
N PHE D 255 -23.02 -33.13 -23.14
CA PHE D 255 -23.12 -32.35 -24.37
C PHE D 255 -24.14 -32.91 -25.37
N PHE D 256 -24.10 -34.23 -25.58
CA PHE D 256 -24.97 -34.81 -26.60
C PHE D 256 -26.44 -34.69 -26.21
N SER D 257 -26.74 -34.79 -24.92
CA SER D 257 -28.11 -34.53 -24.46
C SER D 257 -28.54 -33.08 -24.76
N GLN D 258 -27.65 -32.12 -24.60
CA GLN D 258 -28.01 -30.74 -24.95
C GLN D 258 -28.29 -30.60 -26.44
N GLY D 259 -27.40 -31.15 -27.25
CA GLY D 259 -27.58 -31.16 -28.71
C GLY D 259 -28.90 -31.79 -29.13
N ASP D 260 -29.30 -32.85 -28.43
CA ASP D 260 -30.59 -33.49 -28.72
C ASP D 260 -31.75 -32.54 -28.46
N LEU D 261 -31.69 -31.80 -27.35
CA LEU D 261 -32.71 -30.79 -27.07
C LEU D 261 -32.74 -29.69 -28.11
N GLU D 262 -31.56 -29.22 -28.49
CA GLU D 262 -31.46 -28.15 -29.50
C GLU D 262 -32.09 -28.54 -30.83
N LYS D 263 -31.82 -29.75 -31.32
CA LYS D 263 -32.42 -30.24 -32.57
C LYS D 263 -33.95 -30.31 -32.42
N ALA D 264 -34.43 -30.69 -31.23
CA ALA D 264 -35.85 -30.73 -30.97
C ALA D 264 -36.47 -29.32 -30.97
N MET D 265 -35.70 -28.29 -30.62
CA MET D 265 -36.12 -26.89 -30.76
C MET D 265 -36.05 -26.36 -32.21
N GLY D 266 -35.49 -27.15 -33.12
CA GLY D 266 -35.32 -26.74 -34.50
C GLY D 266 -34.05 -25.92 -34.74
N ASN D 267 -33.07 -26.08 -33.86
CA ASN D 267 -31.82 -25.34 -33.92
C ASN D 267 -30.65 -26.26 -34.26
N ARG D 268 -29.56 -25.67 -34.77
CA ARG D 268 -28.38 -26.41 -35.15
C ARG D 268 -27.35 -26.38 -34.00
N PRO D 269 -27.18 -27.51 -33.29
CA PRO D 269 -26.19 -27.51 -32.21
C PRO D 269 -24.76 -27.43 -32.76
N MET D 270 -23.84 -26.89 -31.98
CA MET D 270 -22.44 -26.90 -32.38
C MET D 270 -21.97 -28.33 -32.57
N GLU D 271 -20.90 -28.52 -33.33
CA GLU D 271 -20.43 -29.86 -33.67
C GLU D 271 -20.26 -30.74 -32.43
N MET D 272 -19.62 -30.18 -31.40
CA MET D 272 -19.29 -30.96 -30.19
C MET D 272 -20.49 -31.42 -29.36
N MET D 273 -21.68 -30.92 -29.66
CA MET D 273 -22.90 -31.36 -28.97
C MET D 273 -23.83 -32.16 -29.88
N ASP D 274 -23.36 -32.44 -31.09
CA ASP D 274 -24.10 -33.17 -32.10
C ASP D 274 -23.53 -34.59 -32.19
N ARG D 275 -24.21 -35.53 -31.55
CA ARG D 275 -23.75 -36.93 -31.50
C ARG D 275 -23.62 -37.60 -32.88
N GLU D 276 -24.28 -37.03 -33.91
CA GLU D 276 -24.10 -37.48 -35.29
C GLU D 276 -22.90 -36.88 -36.00
N LYS D 277 -22.37 -35.76 -35.50
CA LYS D 277 -21.24 -35.09 -36.15
C LYS D 277 -19.95 -35.09 -35.32
N ALA D 278 -20.10 -35.15 -34.01
CA ALA D 278 -18.97 -35.05 -33.08
C ALA D 278 -17.99 -36.19 -33.29
N TYR D 279 -16.74 -35.84 -33.64
CA TYR D 279 -15.68 -36.82 -33.72
C TYR D 279 -14.80 -36.60 -32.48
N ILE D 280 -15.01 -37.43 -31.47
CA ILE D 280 -14.46 -37.18 -30.14
C ILE D 280 -12.94 -36.96 -30.10
N PRO D 281 -12.16 -37.75 -30.86
CA PRO D 281 -10.69 -37.58 -30.80
C PRO D 281 -10.18 -36.22 -31.29
N GLU D 282 -10.79 -35.70 -32.35
CA GLU D 282 -10.43 -34.38 -32.92
C GLU D 282 -10.83 -33.26 -31.95
N LEU D 283 -12.03 -33.37 -31.38
CA LEU D 283 -12.54 -32.37 -30.45
C LEU D 283 -11.68 -32.31 -29.18
N GLN D 284 -11.36 -33.47 -28.64
CA GLN D 284 -10.51 -33.56 -27.45
C GLN D 284 -9.11 -33.07 -27.70
N ILE D 285 -8.53 -33.46 -28.81
CA ILE D 285 -7.19 -32.98 -29.21
C ILE D 285 -7.18 -31.47 -29.26
N SER D 286 -8.18 -30.88 -29.93
CA SER D 286 -8.26 -29.44 -30.06
C SER D 286 -8.41 -28.74 -28.70
N PHE D 287 -9.29 -29.25 -27.85
CA PHE D 287 -9.49 -28.67 -26.51
C PHE D 287 -8.21 -28.76 -25.69
N MET D 288 -7.57 -29.92 -25.75
CA MET D 288 -6.34 -30.16 -25.00
C MET D 288 -5.21 -29.26 -25.49
N GLU D 289 -5.04 -29.17 -26.80
CA GLU D 289 -3.93 -28.41 -27.38
C GLU D 289 -4.15 -26.88 -27.25
N HIS D 290 -5.39 -26.44 -27.44
CA HIS D 290 -5.65 -25.02 -27.67
C HIS D 290 -6.31 -24.29 -26.53
N ILE D 291 -6.96 -25.01 -25.61
CA ILE D 291 -7.52 -24.42 -24.38
C ILE D 291 -6.74 -24.86 -23.14
N ALA D 292 -6.65 -26.16 -22.89
CA ALA D 292 -6.05 -26.66 -21.63
C ALA D 292 -4.53 -26.49 -21.54
N MET D 293 -3.81 -26.87 -22.59
CA MET D 293 -2.34 -26.80 -22.54
C MET D 293 -1.82 -25.38 -22.29
N PRO D 294 -2.38 -24.37 -22.99
CA PRO D 294 -1.96 -22.98 -22.77
C PRO D 294 -2.21 -22.48 -21.36
N ILE D 295 -3.26 -22.98 -20.70
CA ILE D 295 -3.53 -22.68 -19.29
C ILE D 295 -2.44 -23.25 -18.37
N TYR D 296 -2.08 -24.52 -18.56
CA TYR D 296 -1.05 -25.13 -17.73
C TYR D 296 0.38 -24.67 -18.10
N LYS D 297 0.57 -24.20 -19.33
CA LYS D 297 1.84 -23.57 -19.71
C LYS D 297 2.02 -22.25 -18.95
N LEU D 298 0.96 -21.43 -18.91
CA LEU D 298 0.94 -20.22 -18.09
C LEU D 298 1.26 -20.57 -16.63
N LEU D 299 0.65 -21.62 -16.09
CA LEU D 299 0.86 -22.02 -14.70
C LEU D 299 2.32 -22.42 -14.44
N GLN D 300 2.88 -23.15 -15.39
CA GLN D 300 4.28 -23.53 -15.38
C GLN D 300 5.18 -22.28 -15.43
N ASP D 301 4.85 -21.32 -16.29
CA ASP D 301 5.64 -20.09 -16.39
C ASP D 301 5.70 -19.40 -15.01
N LEU D 302 4.56 -19.36 -14.31
CA LEU D 302 4.47 -18.70 -13.01
C LEU D 302 5.01 -19.52 -11.83
N PHE D 303 4.91 -20.85 -11.93
CA PHE D 303 5.30 -21.77 -10.87
C PHE D 303 6.09 -22.92 -11.51
N PRO D 304 7.42 -22.88 -11.44
CA PRO D 304 8.24 -23.97 -11.99
C PRO D 304 7.80 -25.37 -11.53
N LYS D 305 7.38 -25.50 -10.28
CA LYS D 305 6.94 -26.80 -9.78
C LYS D 305 5.63 -27.30 -10.41
N ALA D 306 4.96 -26.48 -11.22
CA ALA D 306 3.75 -26.91 -11.95
C ALA D 306 4.05 -27.56 -13.30
N ALA D 307 5.34 -27.72 -13.63
CA ALA D 307 5.79 -28.32 -14.89
C ALA D 307 5.20 -29.71 -15.15
N GLU D 308 5.13 -30.56 -14.13
CA GLU D 308 4.57 -31.90 -14.33
C GLU D 308 3.08 -31.88 -14.73
N LEU D 309 2.36 -30.83 -14.36
CA LEU D 309 0.94 -30.73 -14.70
C LEU D 309 0.81 -30.48 -16.19
N TYR D 310 1.59 -29.54 -16.70
CA TYR D 310 1.63 -29.29 -18.13
C TYR D 310 2.07 -30.54 -18.91
N GLU D 311 3.06 -31.26 -18.39
CA GLU D 311 3.55 -32.45 -19.08
C GLU D 311 2.48 -33.55 -19.10
N ARG D 312 1.71 -33.67 -18.01
CA ARG D 312 0.58 -34.62 -17.95
C ARG D 312 -0.49 -34.31 -18.98
N VAL D 313 -0.91 -33.05 -19.06
CA VAL D 313 -1.90 -32.64 -20.05
C VAL D 313 -1.38 -32.90 -21.46
N ALA D 314 -0.12 -32.54 -21.73
CA ALA D 314 0.51 -32.83 -23.04
C ALA D 314 0.52 -34.34 -23.35
N SER D 315 0.87 -35.15 -22.35
CA SER D 315 0.90 -36.60 -22.52
C SER D 315 -0.51 -37.11 -22.86
N ASN D 316 -1.51 -36.62 -22.13
CA ASN D 316 -2.90 -36.98 -22.39
C ASN D 316 -3.39 -36.51 -23.77
N ARG D 317 -2.84 -35.41 -24.27
CA ARG D 317 -3.16 -34.97 -25.63
C ARG D 317 -2.60 -35.96 -26.66
N GLU D 318 -1.39 -36.45 -26.40
CA GLU D 318 -0.78 -37.47 -27.29
C GLU D 318 -1.50 -38.81 -27.23
N HIS D 319 -2.03 -39.17 -26.06
CA HIS D 319 -2.85 -40.38 -25.94
C HIS D 319 -4.04 -40.36 -26.88
N TRP D 320 -4.72 -39.21 -26.98
CA TRP D 320 -5.84 -39.08 -27.92
C TRP D 320 -5.42 -39.29 -29.34
N THR D 321 -4.23 -38.83 -29.71
CA THR D 321 -3.72 -39.07 -31.05
C THR D 321 -3.46 -40.56 -31.27
N LYS D 322 -2.92 -41.24 -30.26
CA LYS D 322 -2.55 -42.65 -30.36
C LYS D 322 -3.76 -43.58 -30.54
N VAL D 323 -4.88 -43.25 -29.90
CA VAL D 323 -6.08 -44.07 -29.92
C VAL D 323 -7.08 -43.66 -31.01
N SER D 324 -6.74 -42.61 -31.75
CA SER D 324 -7.63 -42.05 -32.76
C SER D 324 -8.02 -43.05 -33.85
N HIS D 325 -7.09 -43.94 -34.21
CA HIS D 325 -7.32 -44.92 -35.29
C HIS D 325 -8.38 -45.91 -34.95
N LYS D 326 -8.55 -46.22 -33.65
CA LYS D 326 -9.62 -47.13 -33.21
C LYS D 326 -11.04 -46.62 -33.48
N PHE D 327 -11.19 -45.33 -33.77
CA PHE D 327 -12.51 -44.78 -34.08
C PHE D 327 -12.94 -45.03 -35.52
N THR D 328 -12.07 -45.64 -36.33
CA THR D 328 -12.43 -46.11 -37.67
C THR D 328 -12.63 -47.62 -37.57
N ILE D 329 -13.83 -48.09 -37.92
CA ILE D 329 -14.13 -49.51 -37.82
C ILE D 329 -13.42 -50.24 -38.97
N ARG D 330 -12.35 -50.96 -38.63
CA ARG D 330 -11.65 -51.82 -39.57
C ARG D 330 -12.09 -53.28 -39.37
N GLY D 331 -12.21 -54.03 -40.46
CA GLY D 331 -12.80 -55.35 -40.42
C GLY D 331 -14.28 -55.30 -40.07
N LEU D 332 -14.75 -56.30 -39.33
CA LEU D 332 -16.12 -56.32 -38.84
C LEU D 332 -16.14 -55.90 -37.38
N PRO D 333 -17.29 -55.39 -36.89
CA PRO D 333 -17.45 -55.30 -35.44
C PRO D 333 -17.33 -56.65 -34.74
N SER D 334 -17.04 -56.64 -33.44
CA SER D 334 -16.80 -57.86 -32.66
C SER D 334 -17.90 -58.91 -32.79
N ASN D 335 -19.14 -58.48 -32.95
CA ASN D 335 -20.28 -59.41 -33.11
C ASN D 335 -20.45 -59.99 -34.52
N ASN D 336 -19.57 -59.59 -35.44
CA ASN D 336 -19.58 -60.02 -36.86
C ASN D 336 -20.80 -59.54 -37.65
N SER D 337 -21.54 -58.58 -37.11
CA SER D 337 -22.73 -58.07 -37.74
C SER D 337 -22.47 -56.66 -38.28
N LEU D 338 -23.04 -56.37 -39.44
CA LEU D 338 -23.07 -55.00 -39.97
C LEU D 338 -24.45 -54.37 -39.76
N ASP D 339 -25.24 -54.92 -38.84
CA ASP D 339 -26.60 -54.41 -38.62
C ASP D 339 -26.61 -52.98 -38.08
N PHE D 340 -25.49 -52.49 -37.56
CA PHE D 340 -25.38 -51.08 -37.15
C PHE D 340 -25.55 -50.11 -38.34
N LEU D 341 -25.32 -50.58 -39.57
CA LEU D 341 -25.49 -49.75 -40.76
C LEU D 341 -26.97 -49.50 -41.05
ZN ZN E . 22.40 -6.15 -11.70
MG MG F . 20.56 -3.51 -13.60
F24 QOQ G . 28.47 -10.68 -14.95
C23 QOQ G . 27.18 -11.09 -15.12
F25 QOQ G . 27.16 -12.40 -14.77
C18 QOQ G . 26.76 -10.94 -16.53
C19 QOQ G . 25.90 -9.92 -16.94
N17 QOQ G . 27.24 -11.85 -17.42
C16 QOQ G . 26.84 -11.69 -18.70
N15 QOQ G . 26.04 -10.73 -19.12
N20 QOQ G . 25.79 -10.79 -20.47
C21 QOQ G . 26.51 -11.87 -20.85
N22 QOQ G . 27.15 -12.43 -19.78
C14 QOQ G . 25.53 -9.81 -18.29
C2 QOQ G . 24.62 -8.78 -18.86
C1 QOQ G . 25.41 -7.68 -19.58
C3 QOQ G . 23.66 -8.11 -17.88
C4 QOQ G . 22.77 -7.11 -18.62
C5 QOQ G . 23.57 -6.16 -19.53
N6 QOQ G . 24.45 -6.94 -20.44
C7 QOQ G . 25.10 -6.09 -21.47
C8 QOQ G . 25.87 -6.85 -22.54
C13 QOQ G . 25.60 -8.20 -22.82
C12 QOQ G . 26.34 -8.84 -23.82
CL1 QOQ G . 26.05 -10.56 -24.20
C9 QOQ G . 26.87 -6.21 -23.28
C10 QOQ G . 27.57 -6.90 -24.28
N11 QOQ G . 27.28 -8.20 -24.52
C26 QOQ G . 28.68 -6.26 -25.10
ZN ZN H . -1.40 24.35 -8.27
MG MG I . 2.14 23.27 -8.73
F24 QOQ J . -3.54 32.27 -7.48
C23 QOQ J . -3.08 31.45 -6.50
F25 QOQ J . -3.97 31.47 -5.45
C18 QOQ J . -1.84 31.98 -5.95
C19 QOQ J . -0.67 31.23 -6.00
N17 QOQ J . -1.86 33.21 -5.39
C16 QOQ J . -0.69 33.66 -4.89
N15 QOQ J . 0.44 32.96 -4.93
N20 QOQ J . 1.49 33.66 -4.34
C21 QOQ J . 0.90 34.82 -3.94
N22 QOQ J . -0.41 34.83 -4.27
C14 QOQ J . 0.52 31.74 -5.48
C2 QOQ J . 1.81 31.01 -5.49
C1 QOQ J . 2.76 31.62 -6.53
C3 QOQ J . 1.75 29.52 -5.79
C4 QOQ J . 3.16 28.93 -5.65
C5 QOQ J . 4.18 29.70 -6.48
N6 QOQ J . 4.11 31.16 -6.20
C7 QOQ J . 5.14 31.88 -6.99
C8 QOQ J . 5.34 33.34 -6.60
C13 QOQ J . 4.82 33.87 -5.42
C12 QOQ J . 5.03 35.20 -5.11
CL1 QOQ J . 4.35 35.84 -3.58
C9 QOQ J . 6.07 34.19 -7.44
C10 QOQ J . 6.25 35.53 -7.08
N11 QOQ J . 5.72 36.00 -5.92
C26 QOQ J . 7.03 36.49 -7.96
MG MG K . -0.96 29.83 -39.76
ZN ZN L . -5.24 7.50 34.29
MG MG M . -1.89 5.91 34.82
F24 QOQ N . -6.87 15.65 34.84
C23 QOQ N . -6.83 14.75 35.84
F25 QOQ N . -8.00 14.88 36.56
C18 QOQ N . -5.70 15.11 36.71
C19 QOQ N . -4.66 14.20 36.96
N17 QOQ N . -5.71 16.34 37.25
C16 QOQ N . -4.66 16.66 38.04
N15 QOQ N . -3.66 15.82 38.30
N20 QOQ N . -2.72 16.40 39.13
C21 QOQ N . -3.22 17.63 39.36
N22 QOQ N . -4.41 17.79 38.70
C14 QOQ N . -3.61 14.58 37.79
C2 QOQ N . -2.44 13.71 38.14
C1 QOQ N . -1.19 14.16 37.39
C3 QOQ N . -2.63 12.23 37.85
C4 QOQ N . -1.41 11.46 38.36
C5 QOQ N . -0.11 12.02 37.77
N6 QOQ N . -0.04 13.47 38.05
C7 QOQ N . 1.28 14.01 37.67
C8 QOQ N . 1.54 15.44 38.15
C13 QOQ N . 0.77 16.06 39.15
C12 QOQ N . 1.07 17.36 39.51
CL1 QOQ N . 0.07 18.16 40.77
C9 QOQ N . 2.58 16.18 37.58
C10 QOQ N . 2.85 17.49 38.00
N11 QOQ N . 2.08 18.05 38.96
C26 QOQ N . 3.98 18.29 37.40
ZN ZN O . -16.69 -26.47 -13.27
MG MG P . -18.98 -23.96 -14.70
F24 QOQ Q . -10.86 -30.66 -17.50
C23 QOQ Q . -12.20 -30.89 -17.46
F25 QOQ Q . -12.39 -32.16 -17.01
C18 QOQ Q . -12.82 -30.78 -18.78
C19 QOQ Q . -13.87 -29.88 -18.99
N17 QOQ Q . -12.38 -31.56 -19.78
C16 QOQ Q . -13.00 -31.44 -20.97
N15 QOQ Q . -13.98 -30.59 -21.19
N20 QOQ Q . -14.43 -30.64 -22.49
C21 QOQ Q . -13.63 -31.58 -23.06
N22 QOQ Q . -12.76 -32.06 -22.14
C14 QOQ Q . -14.45 -29.78 -20.25
C2 QOQ Q . -15.57 -28.88 -20.60
C1 QOQ Q . -15.12 -27.71 -21.47
C3 QOQ Q . -16.36 -28.33 -19.42
C4 QOQ Q . -17.56 -27.56 -19.97
C5 QOQ Q . -17.16 -26.54 -21.05
N6 QOQ Q . -16.34 -27.16 -22.12
C7 QOQ Q . -16.05 -26.17 -23.20
C8 QOQ Q . -15.39 -26.76 -24.45
C13 QOQ Q . -15.35 -28.13 -24.74
C12 QOQ Q . -14.73 -28.58 -25.90
CL1 QOQ Q . -14.65 -30.33 -26.32
C9 QOQ Q . -14.81 -25.88 -25.37
C10 QOQ Q . -14.20 -26.38 -26.54
N11 QOQ Q . -14.18 -27.70 -26.76
C26 QOQ Q . -13.54 -25.48 -27.57
#